data_3EIP
# 
_entry.id   3EIP 
# 
_audit_conform.dict_name       mmcif_pdbx.dic 
_audit_conform.dict_version    5.383 
_audit_conform.dict_location   http://mmcif.pdb.org/dictionaries/ascii/mmcif_pdbx.dic 
# 
loop_
_database_2.database_id 
_database_2.database_code 
_database_2.pdbx_database_accession 
_database_2.pdbx_DOI 
PDB   3EIP         pdb_00003eip 10.2210/pdb3eip/pdb 
RCSB  RCSB000751   ?            ?                   
WWPDB D_1000000751 ?            ?                   
# 
loop_
_pdbx_audit_revision_history.ordinal 
_pdbx_audit_revision_history.data_content_type 
_pdbx_audit_revision_history.major_revision 
_pdbx_audit_revision_history.minor_revision 
_pdbx_audit_revision_history.revision_date 
1 'Structure model' 1 0 1999-11-10 
2 'Structure model' 1 1 2008-04-26 
3 'Structure model' 1 2 2011-07-13 
4 'Structure model' 1 3 2023-12-27 
# 
_pdbx_audit_revision_details.ordinal             1 
_pdbx_audit_revision_details.revision_ordinal    1 
_pdbx_audit_revision_details.data_content_type   'Structure model' 
_pdbx_audit_revision_details.provider            repository 
_pdbx_audit_revision_details.type                'Initial release' 
_pdbx_audit_revision_details.description         ? 
_pdbx_audit_revision_details.details             ? 
# 
loop_
_pdbx_audit_revision_group.ordinal 
_pdbx_audit_revision_group.revision_ordinal 
_pdbx_audit_revision_group.data_content_type 
_pdbx_audit_revision_group.group 
1 2 'Structure model' 'Version format compliance' 
2 3 'Structure model' 'Source and taxonomy'       
3 3 'Structure model' 'Version format compliance' 
4 4 'Structure model' 'Data collection'           
5 4 'Structure model' 'Database references'       
6 4 'Structure model' 'Derived calculations'      
# 
loop_
_pdbx_audit_revision_category.ordinal 
_pdbx_audit_revision_category.revision_ordinal 
_pdbx_audit_revision_category.data_content_type 
_pdbx_audit_revision_category.category 
1 4 'Structure model' chem_comp_atom         
2 4 'Structure model' chem_comp_bond         
3 4 'Structure model' database_2             
4 4 'Structure model' pdbx_struct_conn_angle 
5 4 'Structure model' struct_conn            
6 4 'Structure model' struct_site            
# 
loop_
_pdbx_audit_revision_item.ordinal 
_pdbx_audit_revision_item.revision_ordinal 
_pdbx_audit_revision_item.data_content_type 
_pdbx_audit_revision_item.item 
1  4 'Structure model' '_database_2.pdbx_DOI'                        
2  4 'Structure model' '_database_2.pdbx_database_accession'         
3  4 'Structure model' '_pdbx_struct_conn_angle.ptnr1_auth_asym_id'  
4  4 'Structure model' '_pdbx_struct_conn_angle.ptnr1_label_asym_id' 
5  4 'Structure model' '_pdbx_struct_conn_angle.ptnr3_auth_asym_id'  
6  4 'Structure model' '_pdbx_struct_conn_angle.ptnr3_label_asym_id' 
7  4 'Structure model' '_struct_conn.pdbx_dist_value'                
8  4 'Structure model' '_struct_conn.ptnr1_auth_comp_id'             
9  4 'Structure model' '_struct_conn.ptnr1_auth_seq_id'              
10 4 'Structure model' '_struct_conn.ptnr1_label_asym_id'            
11 4 'Structure model' '_struct_conn.ptnr1_label_atom_id'            
12 4 'Structure model' '_struct_conn.ptnr1_label_comp_id'            
13 4 'Structure model' '_struct_conn.ptnr1_label_seq_id'             
14 4 'Structure model' '_struct_conn.ptnr2_auth_asym_id'             
15 4 'Structure model' '_struct_conn.ptnr2_auth_comp_id'             
16 4 'Structure model' '_struct_conn.ptnr2_auth_seq_id'              
17 4 'Structure model' '_struct_conn.ptnr2_label_asym_id'            
18 4 'Structure model' '_struct_conn.ptnr2_label_atom_id'            
19 4 'Structure model' '_struct_conn.ptnr2_label_comp_id'            
20 4 'Structure model' '_struct_conn.ptnr2_label_seq_id'             
21 4 'Structure model' '_struct_site.pdbx_auth_asym_id'              
22 4 'Structure model' '_struct_site.pdbx_auth_comp_id'              
23 4 'Structure model' '_struct_site.pdbx_auth_seq_id'               
# 
_pdbx_database_status.status_code                     REL 
_pdbx_database_status.entry_id                        3EIP 
_pdbx_database_status.recvd_initial_deposition_date   1999-03-29 
_pdbx_database_status.deposit_site                    BNL 
_pdbx_database_status.process_site                    RCSB 
_pdbx_database_status.status_code_sf                  REL 
_pdbx_database_status.SG_entry                        . 
_pdbx_database_status.pdb_format_compatible           Y 
_pdbx_database_status.status_code_mr                  ? 
_pdbx_database_status.status_code_cs                  ? 
_pdbx_database_status.status_code_nmr_data            ? 
_pdbx_database_status.methods_development_category    ? 
# 
loop_
_audit_author.name 
_audit_author.pdbx_ordinal 
'Li, C.'     1 
'Zhao, D.'   2 
'Djebli, A.' 3 
'Shoham, M.' 4 
# 
_citation.id                        primary 
_citation.title                     
'Crystal structure of colicin E3 immunity protein: an inhibitor of a ribosome-inactivating RNase.' 
_citation.journal_abbrev            'Structure Fold.Des.' 
_citation.journal_volume            7 
_citation.page_first                1365 
_citation.page_last                 1372 
_citation.year                      1999 
_citation.journal_id_ASTM           FODEFH 
_citation.country                   UK 
_citation.journal_id_ISSN           0969-2126 
_citation.journal_id_CSD            1263 
_citation.book_publisher            ? 
_citation.pdbx_database_id_PubMed   10574790 
_citation.pdbx_database_id_DOI      '10.1016/S0969-2126(00)80026-X' 
# 
loop_
_citation_author.citation_id 
_citation_author.name 
_citation_author.ordinal 
_citation_author.identifier_ORCID 
primary 'Li, C.'     1 ? 
primary 'Zhao, D.'   2 ? 
primary 'Djebli, A.' 3 ? 
primary 'Shoham, M.' 4 ? 
# 
loop_
_entity.id 
_entity.type 
_entity.src_method 
_entity.pdbx_description 
_entity.formula_weight 
_entity.pdbx_number_of_molecules 
_entity.pdbx_ec 
_entity.pdbx_mutation 
_entity.pdbx_fragment 
_entity.details 
1 polymer     man 'PROTEIN (COLICIN E3 IMMUNITY PROTEIN)' 9779.565 2   ? ? ? 'ZINC BOUND BETWEEN CYS 47 OF A AND B CHAINS' 
2 non-polymer syn 'ZINC ION'                              65.409   1   ? ? ? ?                                             
3 water       nat water                                   18.015   118 ? ? ? ?                                             
# 
_entity_poly.entity_id                      1 
_entity_poly.type                           'polypeptide(L)' 
_entity_poly.nstd_linkage                   no 
_entity_poly.nstd_monomer                   no 
_entity_poly.pdbx_seq_one_letter_code       
;GLKLDLTWFDKSTEDFKGEEYSKDFGDDGSVMESLGVPFKDNVNNGCFDVIAEWVPLLQPYFNHQIDISDNEYFVSFDYR
DGDW
;
_entity_poly.pdbx_seq_one_letter_code_can   
;GLKLDLTWFDKSTEDFKGEEYSKDFGDDGSVMESLGVPFKDNVNNGCFDVIAEWVPLLQPYFNHQIDISDNEYFVSFDYR
DGDW
;
_entity_poly.pdbx_strand_id                 A,B 
_entity_poly.pdbx_target_identifier         ? 
# 
loop_
_pdbx_entity_nonpoly.entity_id 
_pdbx_entity_nonpoly.name 
_pdbx_entity_nonpoly.comp_id 
2 'ZINC ION' ZN  
3 water      HOH 
# 
loop_
_entity_poly_seq.entity_id 
_entity_poly_seq.num 
_entity_poly_seq.mon_id 
_entity_poly_seq.hetero 
1 1  GLY n 
1 2  LEU n 
1 3  LYS n 
1 4  LEU n 
1 5  ASP n 
1 6  LEU n 
1 7  THR n 
1 8  TRP n 
1 9  PHE n 
1 10 ASP n 
1 11 LYS n 
1 12 SER n 
1 13 THR n 
1 14 GLU n 
1 15 ASP n 
1 16 PHE n 
1 17 LYS n 
1 18 GLY n 
1 19 GLU n 
1 20 GLU n 
1 21 TYR n 
1 22 SER n 
1 23 LYS n 
1 24 ASP n 
1 25 PHE n 
1 26 GLY n 
1 27 ASP n 
1 28 ASP n 
1 29 GLY n 
1 30 SER n 
1 31 VAL n 
1 32 MET n 
1 33 GLU n 
1 34 SER n 
1 35 LEU n 
1 36 GLY n 
1 37 VAL n 
1 38 PRO n 
1 39 PHE n 
1 40 LYS n 
1 41 ASP n 
1 42 ASN n 
1 43 VAL n 
1 44 ASN n 
1 45 ASN n 
1 46 GLY n 
1 47 CYS n 
1 48 PHE n 
1 49 ASP n 
1 50 VAL n 
1 51 ILE n 
1 52 ALA n 
1 53 GLU n 
1 54 TRP n 
1 55 VAL n 
1 56 PRO n 
1 57 LEU n 
1 58 LEU n 
1 59 GLN n 
1 60 PRO n 
1 61 TYR n 
1 62 PHE n 
1 63 ASN n 
1 64 HIS n 
1 65 GLN n 
1 66 ILE n 
1 67 ASP n 
1 68 ILE n 
1 69 SER n 
1 70 ASP n 
1 71 ASN n 
1 72 GLU n 
1 73 TYR n 
1 74 PHE n 
1 75 VAL n 
1 76 SER n 
1 77 PHE n 
1 78 ASP n 
1 79 TYR n 
1 80 ARG n 
1 81 ASP n 
1 82 GLY n 
1 83 ASP n 
1 84 TRP n 
# 
_entity_src_gen.entity_id                          1 
_entity_src_gen.pdbx_src_id                        1 
_entity_src_gen.pdbx_alt_source_flag               sample 
_entity_src_gen.pdbx_seq_type                      ? 
_entity_src_gen.pdbx_beg_seq_num                   ? 
_entity_src_gen.pdbx_end_seq_num                   ? 
_entity_src_gen.gene_src_common_name               ? 
_entity_src_gen.gene_src_genus                     Escherichia 
_entity_src_gen.pdbx_gene_src_gene                 ? 
_entity_src_gen.gene_src_species                   'Escherichia coli' 
_entity_src_gen.gene_src_strain                    W3110 
_entity_src_gen.gene_src_tissue                    ? 
_entity_src_gen.gene_src_tissue_fraction           ? 
_entity_src_gen.gene_src_details                   ? 
_entity_src_gen.pdbx_gene_src_fragment             ? 
_entity_src_gen.pdbx_gene_src_scientific_name      'Escherichia coli str. K12 substr.' 
_entity_src_gen.pdbx_gene_src_ncbi_taxonomy_id     316407 
_entity_src_gen.pdbx_gene_src_variant              ? 
_entity_src_gen.pdbx_gene_src_cell_line            ? 
_entity_src_gen.pdbx_gene_src_atcc                 ? 
_entity_src_gen.pdbx_gene_src_organ                ? 
_entity_src_gen.pdbx_gene_src_organelle            ? 
_entity_src_gen.pdbx_gene_src_cell                 ? 
_entity_src_gen.pdbx_gene_src_cellular_location    ? 
_entity_src_gen.host_org_common_name               ? 
_entity_src_gen.pdbx_host_org_scientific_name      'Escherichia coli str. K12 substr. W3110' 
_entity_src_gen.pdbx_host_org_ncbi_taxonomy_id     316407 
_entity_src_gen.host_org_genus                     Escherichia 
_entity_src_gen.pdbx_host_org_gene                 ? 
_entity_src_gen.pdbx_host_org_organ                ? 
_entity_src_gen.host_org_species                   'Escherichia coli' 
_entity_src_gen.pdbx_host_org_tissue               ? 
_entity_src_gen.pdbx_host_org_tissue_fraction      ? 
_entity_src_gen.pdbx_host_org_strain               W3110 
_entity_src_gen.pdbx_host_org_variant              ? 
_entity_src_gen.pdbx_host_org_cell_line            ? 
_entity_src_gen.pdbx_host_org_atcc                 ? 
_entity_src_gen.pdbx_host_org_culture_collection   ? 
_entity_src_gen.pdbx_host_org_cell                 ? 
_entity_src_gen.pdbx_host_org_organelle            ? 
_entity_src_gen.pdbx_host_org_cellular_location    ? 
_entity_src_gen.pdbx_host_org_vector_type          ? 
_entity_src_gen.pdbx_host_org_vector               ? 
_entity_src_gen.host_org_details                   ? 
_entity_src_gen.expression_system_id               ? 
_entity_src_gen.plasmid_name                       COLE3 
_entity_src_gen.plasmid_details                    ? 
_entity_src_gen.pdbx_description                   'OVEREXPRESSION BY ADDTION OF MITOMYCIN C DURING LOG PHASE OF GROWTH' 
# 
loop_
_chem_comp.id 
_chem_comp.type 
_chem_comp.mon_nstd_flag 
_chem_comp.name 
_chem_comp.pdbx_synonyms 
_chem_comp.formula 
_chem_comp.formula_weight 
ALA 'L-peptide linking' y ALANINE         ? 'C3 H7 N O2'     89.093  
ARG 'L-peptide linking' y ARGININE        ? 'C6 H15 N4 O2 1' 175.209 
ASN 'L-peptide linking' y ASPARAGINE      ? 'C4 H8 N2 O3'    132.118 
ASP 'L-peptide linking' y 'ASPARTIC ACID' ? 'C4 H7 N O4'     133.103 
CYS 'L-peptide linking' y CYSTEINE        ? 'C3 H7 N O2 S'   121.158 
GLN 'L-peptide linking' y GLUTAMINE       ? 'C5 H10 N2 O3'   146.144 
GLU 'L-peptide linking' y 'GLUTAMIC ACID' ? 'C5 H9 N O4'     147.129 
GLY 'peptide linking'   y GLYCINE         ? 'C2 H5 N O2'     75.067  
HIS 'L-peptide linking' y HISTIDINE       ? 'C6 H10 N3 O2 1' 156.162 
HOH non-polymer         . WATER           ? 'H2 O'           18.015  
ILE 'L-peptide linking' y ISOLEUCINE      ? 'C6 H13 N O2'    131.173 
LEU 'L-peptide linking' y LEUCINE         ? 'C6 H13 N O2'    131.173 
LYS 'L-peptide linking' y LYSINE          ? 'C6 H15 N2 O2 1' 147.195 
MET 'L-peptide linking' y METHIONINE      ? 'C5 H11 N O2 S'  149.211 
PHE 'L-peptide linking' y PHENYLALANINE   ? 'C9 H11 N O2'    165.189 
PRO 'L-peptide linking' y PROLINE         ? 'C5 H9 N O2'     115.130 
SER 'L-peptide linking' y SERINE          ? 'C3 H7 N O3'     105.093 
THR 'L-peptide linking' y THREONINE       ? 'C4 H9 N O3'     119.119 
TRP 'L-peptide linking' y TRYPTOPHAN      ? 'C11 H12 N2 O2'  204.225 
TYR 'L-peptide linking' y TYROSINE        ? 'C9 H11 N O3'    181.189 
VAL 'L-peptide linking' y VALINE          ? 'C5 H11 N O2'    117.146 
ZN  non-polymer         . 'ZINC ION'      ? 'Zn 2'           65.409  
# 
loop_
_pdbx_poly_seq_scheme.asym_id 
_pdbx_poly_seq_scheme.entity_id 
_pdbx_poly_seq_scheme.seq_id 
_pdbx_poly_seq_scheme.mon_id 
_pdbx_poly_seq_scheme.ndb_seq_num 
_pdbx_poly_seq_scheme.pdb_seq_num 
_pdbx_poly_seq_scheme.auth_seq_num 
_pdbx_poly_seq_scheme.pdb_mon_id 
_pdbx_poly_seq_scheme.auth_mon_id 
_pdbx_poly_seq_scheme.pdb_strand_id 
_pdbx_poly_seq_scheme.pdb_ins_code 
_pdbx_poly_seq_scheme.hetero 
A 1 1  GLY 1  1  1  GLY GLY A . n 
A 1 2  LEU 2  2  2  LEU LEU A . n 
A 1 3  LYS 3  3  3  LYS LYS A . n 
A 1 4  LEU 4  4  4  LEU LEU A . n 
A 1 5  ASP 5  5  5  ASP ASP A . n 
A 1 6  LEU 6  6  6  LEU LEU A . n 
A 1 7  THR 7  7  7  THR THR A . n 
A 1 8  TRP 8  8  8  TRP TRP A . n 
A 1 9  PHE 9  9  9  PHE PHE A . n 
A 1 10 ASP 10 10 10 ASP ASP A . n 
A 1 11 LYS 11 11 11 LYS LYS A . n 
A 1 12 SER 12 12 12 SER SER A . n 
A 1 13 THR 13 13 13 THR THR A . n 
A 1 14 GLU 14 14 14 GLU GLU A . n 
A 1 15 ASP 15 15 15 ASP ASP A . n 
A 1 16 PHE 16 16 16 PHE PHE A . n 
A 1 17 LYS 17 17 17 LYS LYS A . n 
A 1 18 GLY 18 18 18 GLY GLY A . n 
A 1 19 GLU 19 19 19 GLU GLU A . n 
A 1 20 GLU 20 20 20 GLU GLU A . n 
A 1 21 TYR 21 21 21 TYR TYR A . n 
A 1 22 SER 22 22 22 SER SER A . n 
A 1 23 LYS 23 23 23 LYS LYS A . n 
A 1 24 ASP 24 24 24 ASP ASP A . n 
A 1 25 PHE 25 25 25 PHE PHE A . n 
A 1 26 GLY 26 26 26 GLY GLY A . n 
A 1 27 ASP 27 27 27 ASP ASP A . n 
A 1 28 ASP 28 28 28 ASP ASP A . n 
A 1 29 GLY 29 29 29 GLY GLY A . n 
A 1 30 SER 30 30 30 SER SER A . n 
A 1 31 VAL 31 31 31 VAL VAL A . n 
A 1 32 MET 32 32 32 MET MET A . n 
A 1 33 GLU 33 33 33 GLU GLU A . n 
A 1 34 SER 34 34 34 SER SER A . n 
A 1 35 LEU 35 35 35 LEU LEU A . n 
A 1 36 GLY 36 36 36 GLY GLY A . n 
A 1 37 VAL 37 37 37 VAL VAL A . n 
A 1 38 PRO 38 38 38 PRO PRO A . n 
A 1 39 PHE 39 39 39 PHE PHE A . n 
A 1 40 LYS 40 40 40 LYS LYS A . n 
A 1 41 ASP 41 41 41 ASP ASP A . n 
A 1 42 ASN 42 42 42 ASN ASN A . n 
A 1 43 VAL 43 43 43 VAL VAL A . n 
A 1 44 ASN 44 44 44 ASN ASN A . n 
A 1 45 ASN 45 45 45 ASN ASN A . n 
A 1 46 GLY 46 46 46 GLY GLY A . n 
A 1 47 CYS 47 47 47 CYS CYS A . n 
A 1 48 PHE 48 48 48 PHE PHE A . n 
A 1 49 ASP 49 49 49 ASP ASP A . n 
A 1 50 VAL 50 50 50 VAL VAL A . n 
A 1 51 ILE 51 51 51 ILE ILE A . n 
A 1 52 ALA 52 52 52 ALA ALA A . n 
A 1 53 GLU 53 53 53 GLU GLU A . n 
A 1 54 TRP 54 54 54 TRP TRP A . n 
A 1 55 VAL 55 55 55 VAL VAL A . n 
A 1 56 PRO 56 56 56 PRO PRO A . n 
A 1 57 LEU 57 57 57 LEU LEU A . n 
A 1 58 LEU 58 58 58 LEU LEU A . n 
A 1 59 GLN 59 59 59 GLN GLN A . n 
A 1 60 PRO 60 60 60 PRO PRO A . n 
A 1 61 TYR 61 61 61 TYR TYR A . n 
A 1 62 PHE 62 62 62 PHE PHE A . n 
A 1 63 ASN 63 63 63 ASN ASN A . n 
A 1 64 HIS 64 64 64 HIS HIS A . n 
A 1 65 GLN 65 65 65 GLN GLN A . n 
A 1 66 ILE 66 66 66 ILE ILE A . n 
A 1 67 ASP 67 67 67 ASP ASP A . n 
A 1 68 ILE 68 68 68 ILE ILE A . n 
A 1 69 SER 69 69 69 SER SER A . n 
A 1 70 ASP 70 70 70 ASP ASP A . n 
A 1 71 ASN 71 71 71 ASN ASN A . n 
A 1 72 GLU 72 72 72 GLU GLU A . n 
A 1 73 TYR 73 73 73 TYR TYR A . n 
A 1 74 PHE 74 74 74 PHE PHE A . n 
A 1 75 VAL 75 75 75 VAL VAL A . n 
A 1 76 SER 76 76 76 SER SER A . n 
A 1 77 PHE 77 77 77 PHE PHE A . n 
A 1 78 ASP 78 78 78 ASP ASP A . n 
A 1 79 TYR 79 79 79 TYR TYR A . n 
A 1 80 ARG 80 80 80 ARG ARG A . n 
A 1 81 ASP 81 81 81 ASP ASP A . n 
A 1 82 GLY 82 82 82 GLY GLY A . n 
A 1 83 ASP 83 83 83 ASP ASP A . n 
A 1 84 TRP 84 84 84 TRP TRP A . n 
B 1 1  GLY 1  1  1  GLY GLY B . n 
B 1 2  LEU 2  2  2  LEU LEU B . n 
B 1 3  LYS 3  3  3  LYS LYS B . n 
B 1 4  LEU 4  4  4  LEU LEU B . n 
B 1 5  ASP 5  5  5  ASP ASP B . n 
B 1 6  LEU 6  6  6  LEU LEU B . n 
B 1 7  THR 7  7  7  THR THR B . n 
B 1 8  TRP 8  8  8  TRP TRP B . n 
B 1 9  PHE 9  9  9  PHE PHE B . n 
B 1 10 ASP 10 10 10 ASP ASP B . n 
B 1 11 LYS 11 11 11 LYS LYS B . n 
B 1 12 SER 12 12 12 SER SER B . n 
B 1 13 THR 13 13 13 THR THR B . n 
B 1 14 GLU 14 14 14 GLU GLU B . n 
B 1 15 ASP 15 15 15 ASP ASP B . n 
B 1 16 PHE 16 16 16 PHE PHE B . n 
B 1 17 LYS 17 17 17 LYS LYS B . n 
B 1 18 GLY 18 18 18 GLY GLY B . n 
B 1 19 GLU 19 19 19 GLU GLU B . n 
B 1 20 GLU 20 20 20 GLU GLU B . n 
B 1 21 TYR 21 21 21 TYR TYR B . n 
B 1 22 SER 22 22 22 SER SER B . n 
B 1 23 LYS 23 23 23 LYS LYS B . n 
B 1 24 ASP 24 24 24 ASP ASP B . n 
B 1 25 PHE 25 25 25 PHE PHE B . n 
B 1 26 GLY 26 26 26 GLY GLY B . n 
B 1 27 ASP 27 27 27 ASP ASP B . n 
B 1 28 ASP 28 28 28 ASP ASP B . n 
B 1 29 GLY 29 29 29 GLY GLY B . n 
B 1 30 SER 30 30 30 SER SER B . n 
B 1 31 VAL 31 31 31 VAL VAL B . n 
B 1 32 MET 32 32 32 MET MET B . n 
B 1 33 GLU 33 33 33 GLU GLU B . n 
B 1 34 SER 34 34 34 SER SER B . n 
B 1 35 LEU 35 35 35 LEU LEU B . n 
B 1 36 GLY 36 36 36 GLY GLY B . n 
B 1 37 VAL 37 37 37 VAL VAL B . n 
B 1 38 PRO 38 38 38 PRO PRO B . n 
B 1 39 PHE 39 39 39 PHE PHE B . n 
B 1 40 LYS 40 40 40 LYS LYS B . n 
B 1 41 ASP 41 41 41 ASP ASP B . n 
B 1 42 ASN 42 42 42 ASN ASN B . n 
B 1 43 VAL 43 43 43 VAL VAL B . n 
B 1 44 ASN 44 44 44 ASN ASN B . n 
B 1 45 ASN 45 45 45 ASN ASN B . n 
B 1 46 GLY 46 46 46 GLY GLY B . n 
B 1 47 CYS 47 47 47 CYS CYS B . n 
B 1 48 PHE 48 48 48 PHE PHE B . n 
B 1 49 ASP 49 49 49 ASP ASP B . n 
B 1 50 VAL 50 50 50 VAL VAL B . n 
B 1 51 ILE 51 51 51 ILE ILE B . n 
B 1 52 ALA 52 52 52 ALA ALA B . n 
B 1 53 GLU 53 53 53 GLU GLU B . n 
B 1 54 TRP 54 54 54 TRP TRP B . n 
B 1 55 VAL 55 55 55 VAL VAL B . n 
B 1 56 PRO 56 56 56 PRO PRO B . n 
B 1 57 LEU 57 57 57 LEU LEU B . n 
B 1 58 LEU 58 58 58 LEU LEU B . n 
B 1 59 GLN 59 59 59 GLN GLN B . n 
B 1 60 PRO 60 60 60 PRO PRO B . n 
B 1 61 TYR 61 61 61 TYR TYR B . n 
B 1 62 PHE 62 62 62 PHE PHE B . n 
B 1 63 ASN 63 63 63 ASN ASN B . n 
B 1 64 HIS 64 64 64 HIS HIS B . n 
B 1 65 GLN 65 65 65 GLN GLN B . n 
B 1 66 ILE 66 66 66 ILE ILE B . n 
B 1 67 ASP 67 67 67 ASP ASP B . n 
B 1 68 ILE 68 68 68 ILE ILE B . n 
B 1 69 SER 69 69 69 SER SER B . n 
B 1 70 ASP 70 70 70 ASP ASP B . n 
B 1 71 ASN 71 71 71 ASN ASN B . n 
B 1 72 GLU 72 72 72 GLU GLU B . n 
B 1 73 TYR 73 73 73 TYR TYR B . n 
B 1 74 PHE 74 74 74 PHE PHE B . n 
B 1 75 VAL 75 75 75 VAL VAL B . n 
B 1 76 SER 76 76 76 SER SER B . n 
B 1 77 PHE 77 77 77 PHE PHE B . n 
B 1 78 ASP 78 78 78 ASP ASP B . n 
B 1 79 TYR 79 79 79 TYR TYR B . n 
B 1 80 ARG 80 80 80 ARG ARG B . n 
B 1 81 ASP 81 81 81 ASP ASP B . n 
B 1 82 GLY 82 82 82 GLY GLY B . n 
B 1 83 ASP 83 83 83 ASP ASP B . n 
B 1 84 TRP 84 84 84 TRP TRP B . n 
# 
loop_
_pdbx_nonpoly_scheme.asym_id 
_pdbx_nonpoly_scheme.entity_id 
_pdbx_nonpoly_scheme.mon_id 
_pdbx_nonpoly_scheme.ndb_seq_num 
_pdbx_nonpoly_scheme.pdb_seq_num 
_pdbx_nonpoly_scheme.auth_seq_num 
_pdbx_nonpoly_scheme.pdb_mon_id 
_pdbx_nonpoly_scheme.auth_mon_id 
_pdbx_nonpoly_scheme.pdb_strand_id 
_pdbx_nonpoly_scheme.pdb_ins_code 
C 2 ZN  1  285 285 ZN  ZN  A . 
D 3 HOH 1  286 1   HOH HOH A . 
D 3 HOH 2  287 3   HOH HOH A . 
D 3 HOH 3  288 4   HOH HOH A . 
D 3 HOH 4  289 7   HOH HOH A . 
D 3 HOH 5  290 10  HOH HOH A . 
D 3 HOH 6  291 11  HOH HOH A . 
D 3 HOH 7  292 13  HOH HOH A . 
D 3 HOH 8  293 14  HOH HOH A . 
D 3 HOH 9  294 15  HOH HOH A . 
D 3 HOH 10 295 17  HOH HOH A . 
D 3 HOH 11 296 22  HOH HOH A . 
D 3 HOH 12 297 24  HOH HOH A . 
D 3 HOH 13 298 25  HOH HOH A . 
D 3 HOH 14 299 29  HOH HOH A . 
D 3 HOH 15 300 30  HOH HOH A . 
D 3 HOH 16 301 31  HOH HOH A . 
D 3 HOH 17 302 36  HOH HOH A . 
D 3 HOH 18 303 41  HOH HOH A . 
D 3 HOH 19 304 42  HOH HOH A . 
D 3 HOH 20 305 43  HOH HOH A . 
D 3 HOH 21 306 44  HOH HOH A . 
D 3 HOH 22 307 45  HOH HOH A . 
D 3 HOH 23 308 51  HOH HOH A . 
D 3 HOH 24 309 52  HOH HOH A . 
D 3 HOH 25 310 55  HOH HOH A . 
D 3 HOH 26 311 57  HOH HOH A . 
D 3 HOH 27 312 58  HOH HOH A . 
D 3 HOH 28 313 62  HOH HOH A . 
D 3 HOH 29 314 63  HOH HOH A . 
D 3 HOH 30 315 64  HOH HOH A . 
D 3 HOH 31 316 65  HOH HOH A . 
D 3 HOH 32 317 68  HOH HOH A . 
D 3 HOH 33 318 69  HOH HOH A . 
D 3 HOH 34 319 72  HOH HOH A . 
D 3 HOH 35 320 73  HOH HOH A . 
D 3 HOH 36 321 74  HOH HOH A . 
D 3 HOH 37 322 76  HOH HOH A . 
D 3 HOH 38 323 79  HOH HOH A . 
D 3 HOH 39 324 80  HOH HOH A . 
D 3 HOH 40 325 87  HOH HOH A . 
D 3 HOH 41 326 88  HOH HOH A . 
D 3 HOH 42 327 89  HOH HOH A . 
D 3 HOH 43 328 92  HOH HOH A . 
D 3 HOH 44 329 96  HOH HOH A . 
D 3 HOH 45 330 99  HOH HOH A . 
D 3 HOH 46 331 100 HOH HOH A . 
D 3 HOH 47 332 103 HOH HOH A . 
D 3 HOH 48 333 106 HOH HOH A . 
D 3 HOH 49 334 107 HOH HOH A . 
D 3 HOH 50 335 111 HOH HOH A . 
D 3 HOH 51 336 112 HOH HOH A . 
D 3 HOH 52 337 116 HOH HOH A . 
D 3 HOH 53 338 117 HOH HOH A . 
D 3 HOH 54 339 118 HOH HOH A . 
D 3 HOH 55 340 120 HOH HOH A . 
E 3 HOH 1  85  2   HOH HOH B . 
E 3 HOH 2  86  5   HOH HOH B . 
E 3 HOH 3  87  6   HOH HOH B . 
E 3 HOH 4  88  8   HOH HOH B . 
E 3 HOH 5  89  9   HOH HOH B . 
E 3 HOH 6  90  12  HOH HOH B . 
E 3 HOH 7  91  16  HOH HOH B . 
E 3 HOH 8  92  18  HOH HOH B . 
E 3 HOH 9  93  19  HOH HOH B . 
E 3 HOH 10 94  20  HOH HOH B . 
E 3 HOH 11 95  21  HOH HOH B . 
E 3 HOH 12 96  23  HOH HOH B . 
E 3 HOH 13 97  26  HOH HOH B . 
E 3 HOH 14 98  27  HOH HOH B . 
E 3 HOH 15 99  28  HOH HOH B . 
E 3 HOH 16 100 32  HOH HOH B . 
E 3 HOH 17 101 33  HOH HOH B . 
E 3 HOH 18 102 34  HOH HOH B . 
E 3 HOH 19 103 35  HOH HOH B . 
E 3 HOH 20 104 37  HOH HOH B . 
E 3 HOH 21 105 38  HOH HOH B . 
E 3 HOH 22 106 39  HOH HOH B . 
E 3 HOH 23 107 40  HOH HOH B . 
E 3 HOH 24 108 46  HOH HOH B . 
E 3 HOH 25 109 47  HOH HOH B . 
E 3 HOH 26 110 48  HOH HOH B . 
E 3 HOH 27 111 49  HOH HOH B . 
E 3 HOH 28 112 50  HOH HOH B . 
E 3 HOH 29 113 53  HOH HOH B . 
E 3 HOH 30 114 54  HOH HOH B . 
E 3 HOH 31 115 59  HOH HOH B . 
E 3 HOH 32 116 60  HOH HOH B . 
E 3 HOH 33 117 61  HOH HOH B . 
E 3 HOH 34 118 66  HOH HOH B . 
E 3 HOH 35 119 67  HOH HOH B . 
E 3 HOH 36 120 70  HOH HOH B . 
E 3 HOH 37 121 71  HOH HOH B . 
E 3 HOH 38 122 75  HOH HOH B . 
E 3 HOH 39 123 77  HOH HOH B . 
E 3 HOH 40 124 78  HOH HOH B . 
E 3 HOH 41 125 81  HOH HOH B . 
E 3 HOH 42 126 82  HOH HOH B . 
E 3 HOH 43 127 83  HOH HOH B . 
E 3 HOH 44 128 84  HOH HOH B . 
E 3 HOH 45 129 85  HOH HOH B . 
E 3 HOH 46 130 86  HOH HOH B . 
E 3 HOH 47 131 90  HOH HOH B . 
E 3 HOH 48 132 91  HOH HOH B . 
E 3 HOH 49 133 93  HOH HOH B . 
E 3 HOH 50 134 94  HOH HOH B . 
E 3 HOH 51 135 95  HOH HOH B . 
E 3 HOH 52 136 97  HOH HOH B . 
E 3 HOH 53 137 101 HOH HOH B . 
E 3 HOH 54 138 102 HOH HOH B . 
E 3 HOH 55 139 104 HOH HOH B . 
E 3 HOH 56 140 105 HOH HOH B . 
E 3 HOH 57 141 108 HOH HOH B . 
E 3 HOH 58 142 109 HOH HOH B . 
E 3 HOH 59 143 110 HOH HOH B . 
E 3 HOH 60 144 113 HOH HOH B . 
E 3 HOH 61 145 114 HOH HOH B . 
E 3 HOH 62 146 115 HOH HOH B . 
E 3 HOH 63 147 119 HOH HOH B . 
# 
loop_
_software.name 
_software.classification 
_software.version 
_software.citation_id 
_software.pdbx_ordinal 
MLPHARE phasing          .    ? 1 
CNS     refinement       0.4A ? 2 
SDMS    'data reduction' .    ? 3 
# 
_cell.entry_id           3EIP 
_cell.length_a           80.070 
_cell.length_b           53.720 
_cell.length_c           36.250 
_cell.angle_alpha        90.00 
_cell.angle_beta         93.18 
_cell.angle_gamma        90.00 
_cell.Z_PDB              8 
_cell.pdbx_unique_axis   ? 
# 
_symmetry.entry_id                         3EIP 
_symmetry.space_group_name_H-M             'C 1 2 1' 
_symmetry.pdbx_full_space_group_name_H-M   ? 
_symmetry.cell_setting                     ? 
_symmetry.Int_Tables_number                5 
# 
_exptl.entry_id          3EIP 
_exptl.method            'X-RAY DIFFRACTION' 
_exptl.crystals_number   1 
# 
_exptl_crystal.id                    1 
_exptl_crystal.density_meas          ? 
_exptl_crystal.density_Matthews      1.99 
_exptl_crystal.density_percent_sol   37.0000 
_exptl_crystal.description           ? 
# 
_exptl_crystal_grow.crystal_id      1 
_exptl_crystal_grow.method          ? 
_exptl_crystal_grow.temp            ? 
_exptl_crystal_grow.temp_details    ? 
_exptl_crystal_grow.pH              6.00 
_exptl_crystal_grow.pdbx_details    '2.0 M AMMONIUM SULFATE, 0.1 M MES BUFFER, PH 6.0, pH 6.00' 
_exptl_crystal_grow.pdbx_pH_range   . 
# 
_diffrn.id                     1 
_diffrn.ambient_temp           295.00 
_diffrn.ambient_temp_details   ? 
_diffrn.crystal_id             1 
# 
_diffrn_detector.diffrn_id              1 
_diffrn_detector.detector               'AREA DETECTOR' 
_diffrn_detector.type                   SDMS 
_diffrn_detector.pdbx_collection_date   1993-08 
_diffrn_detector.details                ? 
# 
_diffrn_radiation.diffrn_id                        1 
_diffrn_radiation.wavelength_id                    1 
_diffrn_radiation.pdbx_monochromatic_or_laue_m_l   M 
_diffrn_radiation.monochromator                    GRAPHITE 
_diffrn_radiation.pdbx_diffrn_protocol             'SINGLE WAVELENGTH' 
_diffrn_radiation.pdbx_scattering_type             x-ray 
# 
_diffrn_radiation_wavelength.id           1 
_diffrn_radiation_wavelength.wavelength   1.5418 
_diffrn_radiation_wavelength.wt           1.0 
# 
_diffrn_source.diffrn_id                   1 
_diffrn_source.source                      'ROTATING ANODE' 
_diffrn_source.type                        'RIGAKU RU200' 
_diffrn_source.pdbx_synchrotron_site       ? 
_diffrn_source.pdbx_synchrotron_beamline   ? 
_diffrn_source.pdbx_wavelength             1.5418 
_diffrn_source.pdbx_wavelength_list        ? 
# 
_reflns.entry_id                     3EIP 
_reflns.observed_criterion_sigma_I   ? 
_reflns.observed_criterion_sigma_F   ? 
_reflns.d_resolution_low             44.600 
_reflns.d_resolution_high            1.800 
_reflns.number_obs                   11806 
_reflns.number_all                   ? 
_reflns.percent_possible_obs         80.000 
_reflns.pdbx_Rmerge_I_obs            0.0440000 
_reflns.pdbx_Rsym_value              ? 
_reflns.pdbx_netI_over_sigmaI        41.1000 
_reflns.B_iso_Wilson_estimate        ? 
_reflns.pdbx_redundancy              2.030 
_reflns.R_free_details               ? 
_reflns.limit_h_max                  ? 
_reflns.limit_h_min                  ? 
_reflns.limit_k_max                  ? 
_reflns.limit_k_min                  ? 
_reflns.limit_l_max                  ? 
_reflns.limit_l_min                  ? 
_reflns.observed_criterion_F_max     ? 
_reflns.observed_criterion_F_min     ? 
_reflns.pdbx_ordinal                 1 
_reflns.pdbx_diffrn_id               1 
# 
_reflns_shell.d_res_high             1.800 
_reflns_shell.d_res_low              1.860 
_reflns_shell.percent_possible_all   0.780 
_reflns_shell.Rmerge_I_obs           0.1700000 
_reflns_shell.pdbx_Rsym_value        ? 
_reflns_shell.meanI_over_sigI_obs    2.500 
_reflns_shell.pdbx_redundancy        1.560 
_reflns_shell.percent_possible_obs   ? 
_reflns_shell.number_unique_all      ? 
_reflns_shell.pdbx_ordinal           1 
_reflns_shell.pdbx_diffrn_id         1 
# 
_refine.entry_id                                 3EIP 
_refine.ls_number_reflns_obs                     11860 
_refine.ls_number_reflns_all                     ? 
_refine.pdbx_ls_sigma_I                          ? 
_refine.pdbx_ls_sigma_F                          0.000 
_refine.pdbx_data_cutoff_high_absF               ? 
_refine.pdbx_data_cutoff_low_absF                ? 
_refine.pdbx_data_cutoff_high_rms_absF           10000.000 
_refine.ls_d_res_low                             44.600 
_refine.ls_d_res_high                            1.800 
_refine.ls_percent_reflns_obs                    80.000 
_refine.ls_R_factor_obs                          ? 
_refine.ls_R_factor_all                          ? 
_refine.ls_R_factor_R_work                       0.2178000 
_refine.ls_R_factor_R_free                       0.2651000 
_refine.ls_R_factor_R_free_error                 ? 
_refine.ls_R_factor_R_free_error_details         ? 
_refine.ls_percent_reflns_R_free                 10.000 
_refine.ls_number_reflns_R_free                  1175 
_refine.ls_number_parameters                     ? 
_refine.ls_number_restraints                     ? 
_refine.occupancy_min                            ? 
_refine.occupancy_max                            ? 
_refine.B_iso_mean                               23.29 
_refine.aniso_B[1][1]                            -0.890 
_refine.aniso_B[2][2]                            2.5250 
_refine.aniso_B[3][3]                            -1.640 
_refine.aniso_B[1][2]                            0.0000 
_refine.aniso_B[1][3]                            -2.500 
_refine.aniso_B[2][3]                            0.0000 
_refine.solvent_model_details                    'DENSITY MODIFICATION' 
_refine.solvent_model_param_ksol                 0.330 
_refine.solvent_model_param_bsol                 36.53 
_refine.pdbx_ls_cross_valid_method               THROUGHOUT 
_refine.details                                  ? 
_refine.pdbx_starting_model                      ? 
_refine.pdbx_method_to_determine_struct          MIR 
_refine.pdbx_isotropic_thermal_model             ? 
_refine.pdbx_stereochemistry_target_values       ? 
_refine.pdbx_stereochem_target_val_spec_case     ? 
_refine.pdbx_R_Free_selection_details            RANDOM 
_refine.pdbx_overall_ESU_R                       ? 
_refine.pdbx_overall_ESU_R_Free                  ? 
_refine.overall_SU_ML                            ? 
_refine.overall_SU_B                             ? 
_refine.ls_redundancy_reflns_obs                 ? 
_refine.B_iso_min                                ? 
_refine.B_iso_max                                ? 
_refine.pdbx_refine_id                           'X-RAY DIFFRACTION' 
_refine.pdbx_diffrn_id                           1 
_refine.pdbx_TLS_residual_ADP_flag               ? 
_refine.correlation_coeff_Fo_to_Fc               ? 
_refine.correlation_coeff_Fo_to_Fc_free          ? 
_refine.pdbx_solvent_vdw_probe_radii             ? 
_refine.pdbx_solvent_ion_probe_radii             ? 
_refine.pdbx_solvent_shrinkage_radii             ? 
_refine.pdbx_overall_phase_error                 ? 
_refine.overall_SU_R_Cruickshank_DPI             ? 
_refine.pdbx_overall_SU_R_free_Cruickshank_DPI   ? 
_refine.pdbx_overall_SU_R_Blow_DPI               ? 
_refine.pdbx_overall_SU_R_free_Blow_DPI          ? 
# 
_refine_analyze.entry_id                        3EIP 
_refine_analyze.Luzzati_coordinate_error_obs    0.23 
_refine_analyze.Luzzati_sigma_a_obs             0.17 
_refine_analyze.Luzzati_d_res_low_obs           ? 
_refine_analyze.Luzzati_coordinate_error_free   0.29 
_refine_analyze.Luzzati_sigma_a_free            0.22 
_refine_analyze.Luzzati_d_res_low_free          ? 
_refine_analyze.number_disordered_residues      ? 
_refine_analyze.occupancy_sum_hydrogen          ? 
_refine_analyze.occupancy_sum_non_hydrogen      ? 
_refine_analyze.pdbx_Luzzati_d_res_high_obs     ? 
_refine_analyze.pdbx_refine_id                  'X-RAY DIFFRACTION' 
# 
_refine_hist.pdbx_refine_id                   'X-RAY DIFFRACTION' 
_refine_hist.cycle_id                         LAST 
_refine_hist.pdbx_number_atoms_protein        1386 
_refine_hist.pdbx_number_atoms_nucleic_acid   0 
_refine_hist.pdbx_number_atoms_ligand         1 
_refine_hist.number_atoms_solvent             118 
_refine_hist.number_atoms_total               1505 
_refine_hist.d_res_high                       1.800 
_refine_hist.d_res_low                        44.600 
# 
loop_
_refine_ls_restr.type 
_refine_ls_restr.dev_ideal 
_refine_ls_restr.dev_ideal_target 
_refine_ls_restr.weight 
_refine_ls_restr.number 
_refine_ls_restr.pdbx_refine_id 
_refine_ls_restr.pdbx_restraint_function 
x_bond_d                0.006 ? ? ? 'X-RAY DIFFRACTION' ? 
x_bond_d_na             ?     ? ? ? 'X-RAY DIFFRACTION' ? 
x_bond_d_prot           ?     ? ? ? 'X-RAY DIFFRACTION' ? 
x_angle_d               ?     ? ? ? 'X-RAY DIFFRACTION' ? 
x_angle_d_na            ?     ? ? ? 'X-RAY DIFFRACTION' ? 
x_angle_d_prot          ?     ? ? ? 'X-RAY DIFFRACTION' ? 
x_angle_deg             1.30  ? ? ? 'X-RAY DIFFRACTION' ? 
x_angle_deg_na          ?     ? ? ? 'X-RAY DIFFRACTION' ? 
x_angle_deg_prot        ?     ? ? ? 'X-RAY DIFFRACTION' ? 
x_dihedral_angle_d      24.4  ? ? ? 'X-RAY DIFFRACTION' ? 
x_dihedral_angle_d_na   ?     ? ? ? 'X-RAY DIFFRACTION' ? 
x_dihedral_angle_d_prot ?     ? ? ? 'X-RAY DIFFRACTION' ? 
x_improper_angle_d      0.58  ? ? ? 'X-RAY DIFFRACTION' ? 
x_improper_angle_d_na   ?     ? ? ? 'X-RAY DIFFRACTION' ? 
x_improper_angle_d_prot ?     ? ? ? 'X-RAY DIFFRACTION' ? 
x_mcbond_it             ?     ? ? ? 'X-RAY DIFFRACTION' ? 
x_mcangle_it            ?     ? ? ? 'X-RAY DIFFRACTION' ? 
x_scbond_it             ?     ? ? ? 'X-RAY DIFFRACTION' ? 
x_scangle_it            ?     ? ? ? 'X-RAY DIFFRACTION' ? 
# 
_refine_ls_shell.pdbx_total_number_of_bins_used   10 
_refine_ls_shell.d_res_high                       1.80 
_refine_ls_shell.d_res_low                        1.86 
_refine_ls_shell.number_reflns_R_work             959 
_refine_ls_shell.R_factor_R_work                  0.2798000 
_refine_ls_shell.percent_reflns_obs               0.78 
_refine_ls_shell.R_factor_R_free                  0.3750000 
_refine_ls_shell.R_factor_R_free_error            ? 
_refine_ls_shell.percent_reflns_R_free            10.00 
_refine_ls_shell.number_reflns_R_free             125 
_refine_ls_shell.redundancy_reflns_obs            ? 
_refine_ls_shell.number_reflns_all                ? 
_refine_ls_shell.number_reflns_obs                ? 
_refine_ls_shell.pdbx_refine_id                   'X-RAY DIFFRACTION' 
_refine_ls_shell.R_factor_all                     ? 
# 
loop_
_pdbx_xplor_file.serial_no 
_pdbx_xplor_file.param_file 
_pdbx_xplor_file.topol_file 
_pdbx_xplor_file.pdbx_refine_id 
1 PROTEIN_REP.PARAM PROTEIN.TOP 'X-RAY DIFFRACTION' 
2 WATER_REP.PARAM   WATER.TOP   'X-RAY DIFFRACTION' 
3 ION.PARAM         ION.TOP     'X-RAY DIFFRACTION' 
# 
_struct_ncs_oper.id             1 
_struct_ncs_oper.code           given 
_struct_ncs_oper.details        ? 
_struct_ncs_oper.matrix[1][1]   -0.84236818 
_struct_ncs_oper.matrix[1][2]   -0.37430000 
_struct_ncs_oper.matrix[1][3]   -0.38770462 
_struct_ncs_oper.matrix[2][1]   -0.46886106 
_struct_ncs_oper.matrix[2][2]   0.15436177 
_struct_ncs_oper.matrix[2][3]   0.86967923 
_struct_ncs_oper.matrix[3][1]   -0.26567839 
_struct_ncs_oper.matrix[3][2]   0.91436962 
_struct_ncs_oper.matrix[3][3]   -0.30552359 
_struct_ncs_oper.vector[1]      0.51830 
_struct_ncs_oper.vector[2]      0.44667 
_struct_ncs_oper.vector[3]      -0.23748 
# 
_struct.entry_id                  3EIP 
_struct.title                     'CRYSTAL STRUCTURE OF COLICIN E3 IMMUNITY PROTEIN: AN INHIBITOR TO A RIBOSOME-INACTIVATING RNASE' 
_struct.pdbx_model_details        ? 
_struct.pdbx_CASP_flag            ? 
_struct.pdbx_model_type_details   ? 
# 
_struct_keywords.entry_id        3EIP 
_struct_keywords.pdbx_keywords   'IMMUNE SYSTEM' 
_struct_keywords.text            'RIBONUCLEASE INHIBITOR, COLICIN, IMMUNE SYSTEM' 
# 
loop_
_struct_asym.id 
_struct_asym.pdbx_blank_PDB_chainid_flag 
_struct_asym.pdbx_modified 
_struct_asym.entity_id 
_struct_asym.details 
A N N 1 ? 
B N N 1 ? 
C N N 2 ? 
D N N 3 ? 
E N N 3 ? 
# 
_struct_ref.id                         1 
_struct_ref.db_name                    UNP 
_struct_ref.db_code                    IMM3_ECOLI 
_struct_ref.entity_id                  1 
_struct_ref.pdbx_db_accession          P02984 
_struct_ref.pdbx_align_begin           ? 
_struct_ref.pdbx_seq_one_letter_code   ? 
_struct_ref.pdbx_db_isoform            ? 
# 
loop_
_struct_ref_seq.align_id 
_struct_ref_seq.ref_id 
_struct_ref_seq.pdbx_PDB_id_code 
_struct_ref_seq.pdbx_strand_id 
_struct_ref_seq.seq_align_beg 
_struct_ref_seq.pdbx_seq_align_beg_ins_code 
_struct_ref_seq.seq_align_end 
_struct_ref_seq.pdbx_seq_align_end_ins_code 
_struct_ref_seq.pdbx_db_accession 
_struct_ref_seq.db_align_beg 
_struct_ref_seq.pdbx_db_align_beg_ins_code 
_struct_ref_seq.db_align_end 
_struct_ref_seq.pdbx_db_align_end_ins_code 
_struct_ref_seq.pdbx_auth_seq_align_beg 
_struct_ref_seq.pdbx_auth_seq_align_end 
1 1 3EIP A 1 ? 84 ? P02984 2 ? 85 ? 1 84 
2 1 3EIP B 1 ? 84 ? P02984 2 ? 85 ? 1 84 
# 
_pdbx_struct_assembly.id                   1 
_pdbx_struct_assembly.details              author_and_software_defined_assembly 
_pdbx_struct_assembly.method_details       PISA 
_pdbx_struct_assembly.oligomeric_details   dimeric 
_pdbx_struct_assembly.oligomeric_count     2 
# 
loop_
_pdbx_struct_assembly_prop.biol_id 
_pdbx_struct_assembly_prop.type 
_pdbx_struct_assembly_prop.value 
_pdbx_struct_assembly_prop.details 
1 'ABSA (A^2)' 1080 ? 
1 MORE         -47  ? 
1 'SSA (A^2)'  9100 ? 
# 
_pdbx_struct_assembly_gen.assembly_id       1 
_pdbx_struct_assembly_gen.oper_expression   1 
_pdbx_struct_assembly_gen.asym_id_list      A,B,C,D,E 
# 
_pdbx_struct_oper_list.id                   1 
_pdbx_struct_oper_list.type                 'identity operation' 
_pdbx_struct_oper_list.name                 1_555 
_pdbx_struct_oper_list.symmetry_operation   x,y,z 
_pdbx_struct_oper_list.matrix[1][1]         1.0000000000 
_pdbx_struct_oper_list.matrix[1][2]         0.0000000000 
_pdbx_struct_oper_list.matrix[1][3]         0.0000000000 
_pdbx_struct_oper_list.vector[1]            0.0000000000 
_pdbx_struct_oper_list.matrix[2][1]         0.0000000000 
_pdbx_struct_oper_list.matrix[2][2]         1.0000000000 
_pdbx_struct_oper_list.matrix[2][3]         0.0000000000 
_pdbx_struct_oper_list.vector[2]            0.0000000000 
_pdbx_struct_oper_list.matrix[3][1]         0.0000000000 
_pdbx_struct_oper_list.matrix[3][2]         0.0000000000 
_pdbx_struct_oper_list.matrix[3][3]         1.0000000000 
_pdbx_struct_oper_list.vector[3]            0.0000000000 
# 
_struct_biol.id   1 
# 
loop_
_struct_conf.conf_type_id 
_struct_conf.id 
_struct_conf.pdbx_PDB_helix_id 
_struct_conf.beg_label_comp_id 
_struct_conf.beg_label_asym_id 
_struct_conf.beg_label_seq_id 
_struct_conf.pdbx_beg_PDB_ins_code 
_struct_conf.end_label_comp_id 
_struct_conf.end_label_asym_id 
_struct_conf.end_label_seq_id 
_struct_conf.pdbx_end_PDB_ins_code 
_struct_conf.beg_auth_comp_id 
_struct_conf.beg_auth_asym_id 
_struct_conf.beg_auth_seq_id 
_struct_conf.end_auth_comp_id 
_struct_conf.end_auth_asym_id 
_struct_conf.end_auth_seq_id 
_struct_conf.pdbx_PDB_helix_class 
_struct_conf.details 
_struct_conf.pdbx_PDB_helix_length 
HELX_P HELX_P1 1 SER A 30 ? LEU A 35 ? SER A 30 LEU A 35 1 ? 6  
HELX_P HELX_P2 2 PHE A 39 ? ASN A 42 ? PHE A 39 ASN A 42 1 ? 4  
HELX_P HELX_P3 3 ALA A 52 ? TYR A 61 ? ALA A 52 TYR A 61 1 ? 10 
HELX_P HELX_P4 4 SER B 30 ? LEU B 35 ? SER B 30 LEU B 35 1 ? 6  
HELX_P HELX_P5 5 LYS B 40 ? ASN B 42 ? LYS B 40 ASN B 42 5 ? 3  
HELX_P HELX_P6 6 ALA B 52 ? TYR B 61 ? ALA B 52 TYR B 61 1 ? 10 
# 
_struct_conf_type.id          HELX_P 
_struct_conf_type.criteria    ? 
_struct_conf_type.reference   ? 
# 
loop_
_struct_conn.id 
_struct_conn.conn_type_id 
_struct_conn.pdbx_leaving_atom_flag 
_struct_conn.pdbx_PDB_id 
_struct_conn.ptnr1_label_asym_id 
_struct_conn.ptnr1_label_comp_id 
_struct_conn.ptnr1_label_seq_id 
_struct_conn.ptnr1_label_atom_id 
_struct_conn.pdbx_ptnr1_label_alt_id 
_struct_conn.pdbx_ptnr1_PDB_ins_code 
_struct_conn.pdbx_ptnr1_standard_comp_id 
_struct_conn.ptnr1_symmetry 
_struct_conn.ptnr2_label_asym_id 
_struct_conn.ptnr2_label_comp_id 
_struct_conn.ptnr2_label_seq_id 
_struct_conn.ptnr2_label_atom_id 
_struct_conn.pdbx_ptnr2_label_alt_id 
_struct_conn.pdbx_ptnr2_PDB_ins_code 
_struct_conn.ptnr1_auth_asym_id 
_struct_conn.ptnr1_auth_comp_id 
_struct_conn.ptnr1_auth_seq_id 
_struct_conn.ptnr2_auth_asym_id 
_struct_conn.ptnr2_auth_comp_id 
_struct_conn.ptnr2_auth_seq_id 
_struct_conn.ptnr2_symmetry 
_struct_conn.pdbx_ptnr3_label_atom_id 
_struct_conn.pdbx_ptnr3_label_seq_id 
_struct_conn.pdbx_ptnr3_label_comp_id 
_struct_conn.pdbx_ptnr3_label_asym_id 
_struct_conn.pdbx_ptnr3_label_alt_id 
_struct_conn.pdbx_ptnr3_PDB_ins_code 
_struct_conn.details 
_struct_conn.pdbx_dist_value 
_struct_conn.pdbx_value_order 
_struct_conn.pdbx_role 
metalc1 metalc ? ? A CYS 47 SG ? ? ? 1_555 C ZN  .  ZN ? ? A CYS 47  A ZN  285 1_555 ? ? ? ? ? ? ? 2.593 ? ? 
metalc2 metalc ? ? C ZN  .  ZN ? ? ? 1_555 B CYS 47 SG ? ? A ZN  285 B CYS 47  1_555 ? ? ? ? ? ? ? 2.706 ? ? 
# 
_struct_conn_type.id          metalc 
_struct_conn_type.criteria    ? 
_struct_conn_type.reference   ? 
# 
_pdbx_struct_conn_angle.id                    1 
_pdbx_struct_conn_angle.ptnr1_label_atom_id   SG 
_pdbx_struct_conn_angle.ptnr1_label_alt_id    ? 
_pdbx_struct_conn_angle.ptnr1_label_asym_id   A 
_pdbx_struct_conn_angle.ptnr1_label_comp_id   CYS 
_pdbx_struct_conn_angle.ptnr1_label_seq_id    47 
_pdbx_struct_conn_angle.ptnr1_auth_atom_id    ? 
_pdbx_struct_conn_angle.ptnr1_auth_asym_id    A 
_pdbx_struct_conn_angle.ptnr1_auth_comp_id    CYS 
_pdbx_struct_conn_angle.ptnr1_auth_seq_id     47 
_pdbx_struct_conn_angle.ptnr1_PDB_ins_code    ? 
_pdbx_struct_conn_angle.ptnr1_symmetry        1_555 
_pdbx_struct_conn_angle.ptnr2_label_atom_id   ZN 
_pdbx_struct_conn_angle.ptnr2_label_alt_id    ? 
_pdbx_struct_conn_angle.ptnr2_label_asym_id   C 
_pdbx_struct_conn_angle.ptnr2_label_comp_id   ZN 
_pdbx_struct_conn_angle.ptnr2_label_seq_id    . 
_pdbx_struct_conn_angle.ptnr2_auth_atom_id    ? 
_pdbx_struct_conn_angle.ptnr2_auth_asym_id    A 
_pdbx_struct_conn_angle.ptnr2_auth_comp_id    ZN 
_pdbx_struct_conn_angle.ptnr2_auth_seq_id     285 
_pdbx_struct_conn_angle.ptnr2_PDB_ins_code    ? 
_pdbx_struct_conn_angle.ptnr2_symmetry        1_555 
_pdbx_struct_conn_angle.ptnr3_label_atom_id   SG 
_pdbx_struct_conn_angle.ptnr3_label_alt_id    ? 
_pdbx_struct_conn_angle.ptnr3_label_asym_id   B 
_pdbx_struct_conn_angle.ptnr3_label_comp_id   CYS 
_pdbx_struct_conn_angle.ptnr3_label_seq_id    47 
_pdbx_struct_conn_angle.ptnr3_auth_atom_id    ? 
_pdbx_struct_conn_angle.ptnr3_auth_asym_id    B 
_pdbx_struct_conn_angle.ptnr3_auth_comp_id    CYS 
_pdbx_struct_conn_angle.ptnr3_auth_seq_id     47 
_pdbx_struct_conn_angle.ptnr3_PDB_ins_code    ? 
_pdbx_struct_conn_angle.ptnr3_symmetry        1_555 
_pdbx_struct_conn_angle.value                 172.2 
_pdbx_struct_conn_angle.value_esd             ? 
# 
loop_
_struct_sheet.id 
_struct_sheet.type 
_struct_sheet.number_strands 
_struct_sheet.details 
A ? 4 ? 
B ? 4 ? 
# 
loop_
_struct_sheet_order.sheet_id 
_struct_sheet_order.range_id_1 
_struct_sheet_order.range_id_2 
_struct_sheet_order.offset 
_struct_sheet_order.sense 
A 1 2 ? anti-parallel 
A 2 3 ? anti-parallel 
A 3 4 ? anti-parallel 
B 1 2 ? anti-parallel 
B 2 3 ? anti-parallel 
B 3 4 ? anti-parallel 
# 
loop_
_struct_sheet_range.sheet_id 
_struct_sheet_range.id 
_struct_sheet_range.beg_label_comp_id 
_struct_sheet_range.beg_label_asym_id 
_struct_sheet_range.beg_label_seq_id 
_struct_sheet_range.pdbx_beg_PDB_ins_code 
_struct_sheet_range.end_label_comp_id 
_struct_sheet_range.end_label_asym_id 
_struct_sheet_range.end_label_seq_id 
_struct_sheet_range.pdbx_end_PDB_ins_code 
_struct_sheet_range.beg_auth_comp_id 
_struct_sheet_range.beg_auth_asym_id 
_struct_sheet_range.beg_auth_seq_id 
_struct_sheet_range.end_auth_comp_id 
_struct_sheet_range.end_auth_asym_id 
_struct_sheet_range.end_auth_seq_id 
A 1 CYS A 47 ? ASP A 49 ? CYS A 47 ASP A 49 
A 2 ASN A 71 ? TYR A 79 ? ASN A 71 TYR A 79 
A 3 LEU A 2  ? ASP A 10 ? LEU A 2  ASP A 10 
A 4 PHE A 16 ? TYR A 21 ? PHE A 16 TYR A 21 
B 1 CYS B 47 ? ASP B 49 ? CYS B 47 ASP B 49 
B 2 ASN B 71 ? TYR B 79 ? ASN B 71 TYR B 79 
B 3 LEU B 2  ? ASP B 10 ? LEU B 2  ASP B 10 
B 4 PHE B 16 ? TYR B 21 ? PHE B 16 TYR B 21 
# 
loop_
_pdbx_struct_sheet_hbond.sheet_id 
_pdbx_struct_sheet_hbond.range_id_1 
_pdbx_struct_sheet_hbond.range_id_2 
_pdbx_struct_sheet_hbond.range_1_label_atom_id 
_pdbx_struct_sheet_hbond.range_1_label_comp_id 
_pdbx_struct_sheet_hbond.range_1_label_asym_id 
_pdbx_struct_sheet_hbond.range_1_label_seq_id 
_pdbx_struct_sheet_hbond.range_1_PDB_ins_code 
_pdbx_struct_sheet_hbond.range_1_auth_atom_id 
_pdbx_struct_sheet_hbond.range_1_auth_comp_id 
_pdbx_struct_sheet_hbond.range_1_auth_asym_id 
_pdbx_struct_sheet_hbond.range_1_auth_seq_id 
_pdbx_struct_sheet_hbond.range_2_label_atom_id 
_pdbx_struct_sheet_hbond.range_2_label_comp_id 
_pdbx_struct_sheet_hbond.range_2_label_asym_id 
_pdbx_struct_sheet_hbond.range_2_label_seq_id 
_pdbx_struct_sheet_hbond.range_2_PDB_ins_code 
_pdbx_struct_sheet_hbond.range_2_auth_atom_id 
_pdbx_struct_sheet_hbond.range_2_auth_comp_id 
_pdbx_struct_sheet_hbond.range_2_auth_asym_id 
_pdbx_struct_sheet_hbond.range_2_auth_seq_id 
A 1 2 O PHE A 48 ? O PHE A 48 N VAL A 75 ? N VAL A 75 
A 2 3 O GLU A 72 ? O GLU A 72 N PHE A 9  ? N PHE A 9  
A 3 4 O LEU A 6  ? O LEU A 6  N GLU A 20 ? N GLU A 20 
B 1 2 O PHE B 48 ? O PHE B 48 N VAL B 75 ? N VAL B 75 
B 2 3 O GLU B 72 ? O GLU B 72 N PHE B 9  ? N PHE B 9  
B 3 4 O LEU B 6  ? O LEU B 6  N GLU B 20 ? N GLU B 20 
# 
_struct_site.id                   AC1 
_struct_site.pdbx_evidence_code   Software 
_struct_site.pdbx_auth_asym_id    A 
_struct_site.pdbx_auth_comp_id    ZN 
_struct_site.pdbx_auth_seq_id     285 
_struct_site.pdbx_auth_ins_code   ? 
_struct_site.pdbx_num_residues    4 
_struct_site.details              'BINDING SITE FOR RESIDUE ZN A 285' 
# 
loop_
_struct_site_gen.id 
_struct_site_gen.site_id 
_struct_site_gen.pdbx_num_res 
_struct_site_gen.label_comp_id 
_struct_site_gen.label_asym_id 
_struct_site_gen.label_seq_id 
_struct_site_gen.pdbx_auth_ins_code 
_struct_site_gen.auth_comp_id 
_struct_site_gen.auth_asym_id 
_struct_site_gen.auth_seq_id 
_struct_site_gen.label_atom_id 
_struct_site_gen.label_alt_id 
_struct_site_gen.symmetry 
_struct_site_gen.details 
1 AC1 4 GLY A 46 ? GLY A 46  . ? 1_555 ? 
2 AC1 4 CYS A 47 ? CYS A 47  . ? 1_555 ? 
3 AC1 4 HOH D .  ? HOH A 311 . ? 1_555 ? 
4 AC1 4 CYS B 47 ? CYS B 47  . ? 1_555 ? 
# 
loop_
_pdbx_validate_torsion.id 
_pdbx_validate_torsion.PDB_model_num 
_pdbx_validate_torsion.auth_comp_id 
_pdbx_validate_torsion.auth_asym_id 
_pdbx_validate_torsion.auth_seq_id 
_pdbx_validate_torsion.PDB_ins_code 
_pdbx_validate_torsion.label_alt_id 
_pdbx_validate_torsion.phi 
_pdbx_validate_torsion.psi 
1 1 SER A 12 ? ? -77.77  -73.97  
2 1 PHE A 39 ? ? -63.43  -74.06  
3 1 ASP A 83 ? ? 61.53   104.97  
4 1 SER B 12 ? ? -98.28  -61.12  
5 1 GLU B 14 ? ? 83.29   12.44   
6 1 PHE B 39 ? ? -46.76  -85.70  
7 1 ASN B 45 ? ? -118.90 -155.82 
8 1 ASP B 83 ? ? 64.06   -1.79   
# 
loop_
_chem_comp_atom.comp_id 
_chem_comp_atom.atom_id 
_chem_comp_atom.type_symbol 
_chem_comp_atom.pdbx_aromatic_flag 
_chem_comp_atom.pdbx_stereo_config 
_chem_comp_atom.pdbx_ordinal 
ALA N    N  N N 1   
ALA CA   C  N S 2   
ALA C    C  N N 3   
ALA O    O  N N 4   
ALA CB   C  N N 5   
ALA OXT  O  N N 6   
ALA H    H  N N 7   
ALA H2   H  N N 8   
ALA HA   H  N N 9   
ALA HB1  H  N N 10  
ALA HB2  H  N N 11  
ALA HB3  H  N N 12  
ALA HXT  H  N N 13  
ARG N    N  N N 14  
ARG CA   C  N S 15  
ARG C    C  N N 16  
ARG O    O  N N 17  
ARG CB   C  N N 18  
ARG CG   C  N N 19  
ARG CD   C  N N 20  
ARG NE   N  N N 21  
ARG CZ   C  N N 22  
ARG NH1  N  N N 23  
ARG NH2  N  N N 24  
ARG OXT  O  N N 25  
ARG H    H  N N 26  
ARG H2   H  N N 27  
ARG HA   H  N N 28  
ARG HB2  H  N N 29  
ARG HB3  H  N N 30  
ARG HG2  H  N N 31  
ARG HG3  H  N N 32  
ARG HD2  H  N N 33  
ARG HD3  H  N N 34  
ARG HE   H  N N 35  
ARG HH11 H  N N 36  
ARG HH12 H  N N 37  
ARG HH21 H  N N 38  
ARG HH22 H  N N 39  
ARG HXT  H  N N 40  
ASN N    N  N N 41  
ASN CA   C  N S 42  
ASN C    C  N N 43  
ASN O    O  N N 44  
ASN CB   C  N N 45  
ASN CG   C  N N 46  
ASN OD1  O  N N 47  
ASN ND2  N  N N 48  
ASN OXT  O  N N 49  
ASN H    H  N N 50  
ASN H2   H  N N 51  
ASN HA   H  N N 52  
ASN HB2  H  N N 53  
ASN HB3  H  N N 54  
ASN HD21 H  N N 55  
ASN HD22 H  N N 56  
ASN HXT  H  N N 57  
ASP N    N  N N 58  
ASP CA   C  N S 59  
ASP C    C  N N 60  
ASP O    O  N N 61  
ASP CB   C  N N 62  
ASP CG   C  N N 63  
ASP OD1  O  N N 64  
ASP OD2  O  N N 65  
ASP OXT  O  N N 66  
ASP H    H  N N 67  
ASP H2   H  N N 68  
ASP HA   H  N N 69  
ASP HB2  H  N N 70  
ASP HB3  H  N N 71  
ASP HD2  H  N N 72  
ASP HXT  H  N N 73  
CYS N    N  N N 74  
CYS CA   C  N R 75  
CYS C    C  N N 76  
CYS O    O  N N 77  
CYS CB   C  N N 78  
CYS SG   S  N N 79  
CYS OXT  O  N N 80  
CYS H    H  N N 81  
CYS H2   H  N N 82  
CYS HA   H  N N 83  
CYS HB2  H  N N 84  
CYS HB3  H  N N 85  
CYS HG   H  N N 86  
CYS HXT  H  N N 87  
GLN N    N  N N 88  
GLN CA   C  N S 89  
GLN C    C  N N 90  
GLN O    O  N N 91  
GLN CB   C  N N 92  
GLN CG   C  N N 93  
GLN CD   C  N N 94  
GLN OE1  O  N N 95  
GLN NE2  N  N N 96  
GLN OXT  O  N N 97  
GLN H    H  N N 98  
GLN H2   H  N N 99  
GLN HA   H  N N 100 
GLN HB2  H  N N 101 
GLN HB3  H  N N 102 
GLN HG2  H  N N 103 
GLN HG3  H  N N 104 
GLN HE21 H  N N 105 
GLN HE22 H  N N 106 
GLN HXT  H  N N 107 
GLU N    N  N N 108 
GLU CA   C  N S 109 
GLU C    C  N N 110 
GLU O    O  N N 111 
GLU CB   C  N N 112 
GLU CG   C  N N 113 
GLU CD   C  N N 114 
GLU OE1  O  N N 115 
GLU OE2  O  N N 116 
GLU OXT  O  N N 117 
GLU H    H  N N 118 
GLU H2   H  N N 119 
GLU HA   H  N N 120 
GLU HB2  H  N N 121 
GLU HB3  H  N N 122 
GLU HG2  H  N N 123 
GLU HG3  H  N N 124 
GLU HE2  H  N N 125 
GLU HXT  H  N N 126 
GLY N    N  N N 127 
GLY CA   C  N N 128 
GLY C    C  N N 129 
GLY O    O  N N 130 
GLY OXT  O  N N 131 
GLY H    H  N N 132 
GLY H2   H  N N 133 
GLY HA2  H  N N 134 
GLY HA3  H  N N 135 
GLY HXT  H  N N 136 
HIS N    N  N N 137 
HIS CA   C  N S 138 
HIS C    C  N N 139 
HIS O    O  N N 140 
HIS CB   C  N N 141 
HIS CG   C  Y N 142 
HIS ND1  N  Y N 143 
HIS CD2  C  Y N 144 
HIS CE1  C  Y N 145 
HIS NE2  N  Y N 146 
HIS OXT  O  N N 147 
HIS H    H  N N 148 
HIS H2   H  N N 149 
HIS HA   H  N N 150 
HIS HB2  H  N N 151 
HIS HB3  H  N N 152 
HIS HD1  H  N N 153 
HIS HD2  H  N N 154 
HIS HE1  H  N N 155 
HIS HE2  H  N N 156 
HIS HXT  H  N N 157 
HOH O    O  N N 158 
HOH H1   H  N N 159 
HOH H2   H  N N 160 
ILE N    N  N N 161 
ILE CA   C  N S 162 
ILE C    C  N N 163 
ILE O    O  N N 164 
ILE CB   C  N S 165 
ILE CG1  C  N N 166 
ILE CG2  C  N N 167 
ILE CD1  C  N N 168 
ILE OXT  O  N N 169 
ILE H    H  N N 170 
ILE H2   H  N N 171 
ILE HA   H  N N 172 
ILE HB   H  N N 173 
ILE HG12 H  N N 174 
ILE HG13 H  N N 175 
ILE HG21 H  N N 176 
ILE HG22 H  N N 177 
ILE HG23 H  N N 178 
ILE HD11 H  N N 179 
ILE HD12 H  N N 180 
ILE HD13 H  N N 181 
ILE HXT  H  N N 182 
LEU N    N  N N 183 
LEU CA   C  N S 184 
LEU C    C  N N 185 
LEU O    O  N N 186 
LEU CB   C  N N 187 
LEU CG   C  N N 188 
LEU CD1  C  N N 189 
LEU CD2  C  N N 190 
LEU OXT  O  N N 191 
LEU H    H  N N 192 
LEU H2   H  N N 193 
LEU HA   H  N N 194 
LEU HB2  H  N N 195 
LEU HB3  H  N N 196 
LEU HG   H  N N 197 
LEU HD11 H  N N 198 
LEU HD12 H  N N 199 
LEU HD13 H  N N 200 
LEU HD21 H  N N 201 
LEU HD22 H  N N 202 
LEU HD23 H  N N 203 
LEU HXT  H  N N 204 
LYS N    N  N N 205 
LYS CA   C  N S 206 
LYS C    C  N N 207 
LYS O    O  N N 208 
LYS CB   C  N N 209 
LYS CG   C  N N 210 
LYS CD   C  N N 211 
LYS CE   C  N N 212 
LYS NZ   N  N N 213 
LYS OXT  O  N N 214 
LYS H    H  N N 215 
LYS H2   H  N N 216 
LYS HA   H  N N 217 
LYS HB2  H  N N 218 
LYS HB3  H  N N 219 
LYS HG2  H  N N 220 
LYS HG3  H  N N 221 
LYS HD2  H  N N 222 
LYS HD3  H  N N 223 
LYS HE2  H  N N 224 
LYS HE3  H  N N 225 
LYS HZ1  H  N N 226 
LYS HZ2  H  N N 227 
LYS HZ3  H  N N 228 
LYS HXT  H  N N 229 
MET N    N  N N 230 
MET CA   C  N S 231 
MET C    C  N N 232 
MET O    O  N N 233 
MET CB   C  N N 234 
MET CG   C  N N 235 
MET SD   S  N N 236 
MET CE   C  N N 237 
MET OXT  O  N N 238 
MET H    H  N N 239 
MET H2   H  N N 240 
MET HA   H  N N 241 
MET HB2  H  N N 242 
MET HB3  H  N N 243 
MET HG2  H  N N 244 
MET HG3  H  N N 245 
MET HE1  H  N N 246 
MET HE2  H  N N 247 
MET HE3  H  N N 248 
MET HXT  H  N N 249 
PHE N    N  N N 250 
PHE CA   C  N S 251 
PHE C    C  N N 252 
PHE O    O  N N 253 
PHE CB   C  N N 254 
PHE CG   C  Y N 255 
PHE CD1  C  Y N 256 
PHE CD2  C  Y N 257 
PHE CE1  C  Y N 258 
PHE CE2  C  Y N 259 
PHE CZ   C  Y N 260 
PHE OXT  O  N N 261 
PHE H    H  N N 262 
PHE H2   H  N N 263 
PHE HA   H  N N 264 
PHE HB2  H  N N 265 
PHE HB3  H  N N 266 
PHE HD1  H  N N 267 
PHE HD2  H  N N 268 
PHE HE1  H  N N 269 
PHE HE2  H  N N 270 
PHE HZ   H  N N 271 
PHE HXT  H  N N 272 
PRO N    N  N N 273 
PRO CA   C  N S 274 
PRO C    C  N N 275 
PRO O    O  N N 276 
PRO CB   C  N N 277 
PRO CG   C  N N 278 
PRO CD   C  N N 279 
PRO OXT  O  N N 280 
PRO H    H  N N 281 
PRO HA   H  N N 282 
PRO HB2  H  N N 283 
PRO HB3  H  N N 284 
PRO HG2  H  N N 285 
PRO HG3  H  N N 286 
PRO HD2  H  N N 287 
PRO HD3  H  N N 288 
PRO HXT  H  N N 289 
SER N    N  N N 290 
SER CA   C  N S 291 
SER C    C  N N 292 
SER O    O  N N 293 
SER CB   C  N N 294 
SER OG   O  N N 295 
SER OXT  O  N N 296 
SER H    H  N N 297 
SER H2   H  N N 298 
SER HA   H  N N 299 
SER HB2  H  N N 300 
SER HB3  H  N N 301 
SER HG   H  N N 302 
SER HXT  H  N N 303 
THR N    N  N N 304 
THR CA   C  N S 305 
THR C    C  N N 306 
THR O    O  N N 307 
THR CB   C  N R 308 
THR OG1  O  N N 309 
THR CG2  C  N N 310 
THR OXT  O  N N 311 
THR H    H  N N 312 
THR H2   H  N N 313 
THR HA   H  N N 314 
THR HB   H  N N 315 
THR HG1  H  N N 316 
THR HG21 H  N N 317 
THR HG22 H  N N 318 
THR HG23 H  N N 319 
THR HXT  H  N N 320 
TRP N    N  N N 321 
TRP CA   C  N S 322 
TRP C    C  N N 323 
TRP O    O  N N 324 
TRP CB   C  N N 325 
TRP CG   C  Y N 326 
TRP CD1  C  Y N 327 
TRP CD2  C  Y N 328 
TRP NE1  N  Y N 329 
TRP CE2  C  Y N 330 
TRP CE3  C  Y N 331 
TRP CZ2  C  Y N 332 
TRP CZ3  C  Y N 333 
TRP CH2  C  Y N 334 
TRP OXT  O  N N 335 
TRP H    H  N N 336 
TRP H2   H  N N 337 
TRP HA   H  N N 338 
TRP HB2  H  N N 339 
TRP HB3  H  N N 340 
TRP HD1  H  N N 341 
TRP HE1  H  N N 342 
TRP HE3  H  N N 343 
TRP HZ2  H  N N 344 
TRP HZ3  H  N N 345 
TRP HH2  H  N N 346 
TRP HXT  H  N N 347 
TYR N    N  N N 348 
TYR CA   C  N S 349 
TYR C    C  N N 350 
TYR O    O  N N 351 
TYR CB   C  N N 352 
TYR CG   C  Y N 353 
TYR CD1  C  Y N 354 
TYR CD2  C  Y N 355 
TYR CE1  C  Y N 356 
TYR CE2  C  Y N 357 
TYR CZ   C  Y N 358 
TYR OH   O  N N 359 
TYR OXT  O  N N 360 
TYR H    H  N N 361 
TYR H2   H  N N 362 
TYR HA   H  N N 363 
TYR HB2  H  N N 364 
TYR HB3  H  N N 365 
TYR HD1  H  N N 366 
TYR HD2  H  N N 367 
TYR HE1  H  N N 368 
TYR HE2  H  N N 369 
TYR HH   H  N N 370 
TYR HXT  H  N N 371 
VAL N    N  N N 372 
VAL CA   C  N S 373 
VAL C    C  N N 374 
VAL O    O  N N 375 
VAL CB   C  N N 376 
VAL CG1  C  N N 377 
VAL CG2  C  N N 378 
VAL OXT  O  N N 379 
VAL H    H  N N 380 
VAL H2   H  N N 381 
VAL HA   H  N N 382 
VAL HB   H  N N 383 
VAL HG11 H  N N 384 
VAL HG12 H  N N 385 
VAL HG13 H  N N 386 
VAL HG21 H  N N 387 
VAL HG22 H  N N 388 
VAL HG23 H  N N 389 
VAL HXT  H  N N 390 
ZN  ZN   ZN N N 391 
# 
loop_
_chem_comp_bond.comp_id 
_chem_comp_bond.atom_id_1 
_chem_comp_bond.atom_id_2 
_chem_comp_bond.value_order 
_chem_comp_bond.pdbx_aromatic_flag 
_chem_comp_bond.pdbx_stereo_config 
_chem_comp_bond.pdbx_ordinal 
ALA N   CA   sing N N 1   
ALA N   H    sing N N 2   
ALA N   H2   sing N N 3   
ALA CA  C    sing N N 4   
ALA CA  CB   sing N N 5   
ALA CA  HA   sing N N 6   
ALA C   O    doub N N 7   
ALA C   OXT  sing N N 8   
ALA CB  HB1  sing N N 9   
ALA CB  HB2  sing N N 10  
ALA CB  HB3  sing N N 11  
ALA OXT HXT  sing N N 12  
ARG N   CA   sing N N 13  
ARG N   H    sing N N 14  
ARG N   H2   sing N N 15  
ARG CA  C    sing N N 16  
ARG CA  CB   sing N N 17  
ARG CA  HA   sing N N 18  
ARG C   O    doub N N 19  
ARG C   OXT  sing N N 20  
ARG CB  CG   sing N N 21  
ARG CB  HB2  sing N N 22  
ARG CB  HB3  sing N N 23  
ARG CG  CD   sing N N 24  
ARG CG  HG2  sing N N 25  
ARG CG  HG3  sing N N 26  
ARG CD  NE   sing N N 27  
ARG CD  HD2  sing N N 28  
ARG CD  HD3  sing N N 29  
ARG NE  CZ   sing N N 30  
ARG NE  HE   sing N N 31  
ARG CZ  NH1  sing N N 32  
ARG CZ  NH2  doub N N 33  
ARG NH1 HH11 sing N N 34  
ARG NH1 HH12 sing N N 35  
ARG NH2 HH21 sing N N 36  
ARG NH2 HH22 sing N N 37  
ARG OXT HXT  sing N N 38  
ASN N   CA   sing N N 39  
ASN N   H    sing N N 40  
ASN N   H2   sing N N 41  
ASN CA  C    sing N N 42  
ASN CA  CB   sing N N 43  
ASN CA  HA   sing N N 44  
ASN C   O    doub N N 45  
ASN C   OXT  sing N N 46  
ASN CB  CG   sing N N 47  
ASN CB  HB2  sing N N 48  
ASN CB  HB3  sing N N 49  
ASN CG  OD1  doub N N 50  
ASN CG  ND2  sing N N 51  
ASN ND2 HD21 sing N N 52  
ASN ND2 HD22 sing N N 53  
ASN OXT HXT  sing N N 54  
ASP N   CA   sing N N 55  
ASP N   H    sing N N 56  
ASP N   H2   sing N N 57  
ASP CA  C    sing N N 58  
ASP CA  CB   sing N N 59  
ASP CA  HA   sing N N 60  
ASP C   O    doub N N 61  
ASP C   OXT  sing N N 62  
ASP CB  CG   sing N N 63  
ASP CB  HB2  sing N N 64  
ASP CB  HB3  sing N N 65  
ASP CG  OD1  doub N N 66  
ASP CG  OD2  sing N N 67  
ASP OD2 HD2  sing N N 68  
ASP OXT HXT  sing N N 69  
CYS N   CA   sing N N 70  
CYS N   H    sing N N 71  
CYS N   H2   sing N N 72  
CYS CA  C    sing N N 73  
CYS CA  CB   sing N N 74  
CYS CA  HA   sing N N 75  
CYS C   O    doub N N 76  
CYS C   OXT  sing N N 77  
CYS CB  SG   sing N N 78  
CYS CB  HB2  sing N N 79  
CYS CB  HB3  sing N N 80  
CYS SG  HG   sing N N 81  
CYS OXT HXT  sing N N 82  
GLN N   CA   sing N N 83  
GLN N   H    sing N N 84  
GLN N   H2   sing N N 85  
GLN CA  C    sing N N 86  
GLN CA  CB   sing N N 87  
GLN CA  HA   sing N N 88  
GLN C   O    doub N N 89  
GLN C   OXT  sing N N 90  
GLN CB  CG   sing N N 91  
GLN CB  HB2  sing N N 92  
GLN CB  HB3  sing N N 93  
GLN CG  CD   sing N N 94  
GLN CG  HG2  sing N N 95  
GLN CG  HG3  sing N N 96  
GLN CD  OE1  doub N N 97  
GLN CD  NE2  sing N N 98  
GLN NE2 HE21 sing N N 99  
GLN NE2 HE22 sing N N 100 
GLN OXT HXT  sing N N 101 
GLU N   CA   sing N N 102 
GLU N   H    sing N N 103 
GLU N   H2   sing N N 104 
GLU CA  C    sing N N 105 
GLU CA  CB   sing N N 106 
GLU CA  HA   sing N N 107 
GLU C   O    doub N N 108 
GLU C   OXT  sing N N 109 
GLU CB  CG   sing N N 110 
GLU CB  HB2  sing N N 111 
GLU CB  HB3  sing N N 112 
GLU CG  CD   sing N N 113 
GLU CG  HG2  sing N N 114 
GLU CG  HG3  sing N N 115 
GLU CD  OE1  doub N N 116 
GLU CD  OE2  sing N N 117 
GLU OE2 HE2  sing N N 118 
GLU OXT HXT  sing N N 119 
GLY N   CA   sing N N 120 
GLY N   H    sing N N 121 
GLY N   H2   sing N N 122 
GLY CA  C    sing N N 123 
GLY CA  HA2  sing N N 124 
GLY CA  HA3  sing N N 125 
GLY C   O    doub N N 126 
GLY C   OXT  sing N N 127 
GLY OXT HXT  sing N N 128 
HIS N   CA   sing N N 129 
HIS N   H    sing N N 130 
HIS N   H2   sing N N 131 
HIS CA  C    sing N N 132 
HIS CA  CB   sing N N 133 
HIS CA  HA   sing N N 134 
HIS C   O    doub N N 135 
HIS C   OXT  sing N N 136 
HIS CB  CG   sing N N 137 
HIS CB  HB2  sing N N 138 
HIS CB  HB3  sing N N 139 
HIS CG  ND1  sing Y N 140 
HIS CG  CD2  doub Y N 141 
HIS ND1 CE1  doub Y N 142 
HIS ND1 HD1  sing N N 143 
HIS CD2 NE2  sing Y N 144 
HIS CD2 HD2  sing N N 145 
HIS CE1 NE2  sing Y N 146 
HIS CE1 HE1  sing N N 147 
HIS NE2 HE2  sing N N 148 
HIS OXT HXT  sing N N 149 
HOH O   H1   sing N N 150 
HOH O   H2   sing N N 151 
ILE N   CA   sing N N 152 
ILE N   H    sing N N 153 
ILE N   H2   sing N N 154 
ILE CA  C    sing N N 155 
ILE CA  CB   sing N N 156 
ILE CA  HA   sing N N 157 
ILE C   O    doub N N 158 
ILE C   OXT  sing N N 159 
ILE CB  CG1  sing N N 160 
ILE CB  CG2  sing N N 161 
ILE CB  HB   sing N N 162 
ILE CG1 CD1  sing N N 163 
ILE CG1 HG12 sing N N 164 
ILE CG1 HG13 sing N N 165 
ILE CG2 HG21 sing N N 166 
ILE CG2 HG22 sing N N 167 
ILE CG2 HG23 sing N N 168 
ILE CD1 HD11 sing N N 169 
ILE CD1 HD12 sing N N 170 
ILE CD1 HD13 sing N N 171 
ILE OXT HXT  sing N N 172 
LEU N   CA   sing N N 173 
LEU N   H    sing N N 174 
LEU N   H2   sing N N 175 
LEU CA  C    sing N N 176 
LEU CA  CB   sing N N 177 
LEU CA  HA   sing N N 178 
LEU C   O    doub N N 179 
LEU C   OXT  sing N N 180 
LEU CB  CG   sing N N 181 
LEU CB  HB2  sing N N 182 
LEU CB  HB3  sing N N 183 
LEU CG  CD1  sing N N 184 
LEU CG  CD2  sing N N 185 
LEU CG  HG   sing N N 186 
LEU CD1 HD11 sing N N 187 
LEU CD1 HD12 sing N N 188 
LEU CD1 HD13 sing N N 189 
LEU CD2 HD21 sing N N 190 
LEU CD2 HD22 sing N N 191 
LEU CD2 HD23 sing N N 192 
LEU OXT HXT  sing N N 193 
LYS N   CA   sing N N 194 
LYS N   H    sing N N 195 
LYS N   H2   sing N N 196 
LYS CA  C    sing N N 197 
LYS CA  CB   sing N N 198 
LYS CA  HA   sing N N 199 
LYS C   O    doub N N 200 
LYS C   OXT  sing N N 201 
LYS CB  CG   sing N N 202 
LYS CB  HB2  sing N N 203 
LYS CB  HB3  sing N N 204 
LYS CG  CD   sing N N 205 
LYS CG  HG2  sing N N 206 
LYS CG  HG3  sing N N 207 
LYS CD  CE   sing N N 208 
LYS CD  HD2  sing N N 209 
LYS CD  HD3  sing N N 210 
LYS CE  NZ   sing N N 211 
LYS CE  HE2  sing N N 212 
LYS CE  HE3  sing N N 213 
LYS NZ  HZ1  sing N N 214 
LYS NZ  HZ2  sing N N 215 
LYS NZ  HZ3  sing N N 216 
LYS OXT HXT  sing N N 217 
MET N   CA   sing N N 218 
MET N   H    sing N N 219 
MET N   H2   sing N N 220 
MET CA  C    sing N N 221 
MET CA  CB   sing N N 222 
MET CA  HA   sing N N 223 
MET C   O    doub N N 224 
MET C   OXT  sing N N 225 
MET CB  CG   sing N N 226 
MET CB  HB2  sing N N 227 
MET CB  HB3  sing N N 228 
MET CG  SD   sing N N 229 
MET CG  HG2  sing N N 230 
MET CG  HG3  sing N N 231 
MET SD  CE   sing N N 232 
MET CE  HE1  sing N N 233 
MET CE  HE2  sing N N 234 
MET CE  HE3  sing N N 235 
MET OXT HXT  sing N N 236 
PHE N   CA   sing N N 237 
PHE N   H    sing N N 238 
PHE N   H2   sing N N 239 
PHE CA  C    sing N N 240 
PHE CA  CB   sing N N 241 
PHE CA  HA   sing N N 242 
PHE C   O    doub N N 243 
PHE C   OXT  sing N N 244 
PHE CB  CG   sing N N 245 
PHE CB  HB2  sing N N 246 
PHE CB  HB3  sing N N 247 
PHE CG  CD1  doub Y N 248 
PHE CG  CD2  sing Y N 249 
PHE CD1 CE1  sing Y N 250 
PHE CD1 HD1  sing N N 251 
PHE CD2 CE2  doub Y N 252 
PHE CD2 HD2  sing N N 253 
PHE CE1 CZ   doub Y N 254 
PHE CE1 HE1  sing N N 255 
PHE CE2 CZ   sing Y N 256 
PHE CE2 HE2  sing N N 257 
PHE CZ  HZ   sing N N 258 
PHE OXT HXT  sing N N 259 
PRO N   CA   sing N N 260 
PRO N   CD   sing N N 261 
PRO N   H    sing N N 262 
PRO CA  C    sing N N 263 
PRO CA  CB   sing N N 264 
PRO CA  HA   sing N N 265 
PRO C   O    doub N N 266 
PRO C   OXT  sing N N 267 
PRO CB  CG   sing N N 268 
PRO CB  HB2  sing N N 269 
PRO CB  HB3  sing N N 270 
PRO CG  CD   sing N N 271 
PRO CG  HG2  sing N N 272 
PRO CG  HG3  sing N N 273 
PRO CD  HD2  sing N N 274 
PRO CD  HD3  sing N N 275 
PRO OXT HXT  sing N N 276 
SER N   CA   sing N N 277 
SER N   H    sing N N 278 
SER N   H2   sing N N 279 
SER CA  C    sing N N 280 
SER CA  CB   sing N N 281 
SER CA  HA   sing N N 282 
SER C   O    doub N N 283 
SER C   OXT  sing N N 284 
SER CB  OG   sing N N 285 
SER CB  HB2  sing N N 286 
SER CB  HB3  sing N N 287 
SER OG  HG   sing N N 288 
SER OXT HXT  sing N N 289 
THR N   CA   sing N N 290 
THR N   H    sing N N 291 
THR N   H2   sing N N 292 
THR CA  C    sing N N 293 
THR CA  CB   sing N N 294 
THR CA  HA   sing N N 295 
THR C   O    doub N N 296 
THR C   OXT  sing N N 297 
THR CB  OG1  sing N N 298 
THR CB  CG2  sing N N 299 
THR CB  HB   sing N N 300 
THR OG1 HG1  sing N N 301 
THR CG2 HG21 sing N N 302 
THR CG2 HG22 sing N N 303 
THR CG2 HG23 sing N N 304 
THR OXT HXT  sing N N 305 
TRP N   CA   sing N N 306 
TRP N   H    sing N N 307 
TRP N   H2   sing N N 308 
TRP CA  C    sing N N 309 
TRP CA  CB   sing N N 310 
TRP CA  HA   sing N N 311 
TRP C   O    doub N N 312 
TRP C   OXT  sing N N 313 
TRP CB  CG   sing N N 314 
TRP CB  HB2  sing N N 315 
TRP CB  HB3  sing N N 316 
TRP CG  CD1  doub Y N 317 
TRP CG  CD2  sing Y N 318 
TRP CD1 NE1  sing Y N 319 
TRP CD1 HD1  sing N N 320 
TRP CD2 CE2  doub Y N 321 
TRP CD2 CE3  sing Y N 322 
TRP NE1 CE2  sing Y N 323 
TRP NE1 HE1  sing N N 324 
TRP CE2 CZ2  sing Y N 325 
TRP CE3 CZ3  doub Y N 326 
TRP CE3 HE3  sing N N 327 
TRP CZ2 CH2  doub Y N 328 
TRP CZ2 HZ2  sing N N 329 
TRP CZ3 CH2  sing Y N 330 
TRP CZ3 HZ3  sing N N 331 
TRP CH2 HH2  sing N N 332 
TRP OXT HXT  sing N N 333 
TYR N   CA   sing N N 334 
TYR N   H    sing N N 335 
TYR N   H2   sing N N 336 
TYR CA  C    sing N N 337 
TYR CA  CB   sing N N 338 
TYR CA  HA   sing N N 339 
TYR C   O    doub N N 340 
TYR C   OXT  sing N N 341 
TYR CB  CG   sing N N 342 
TYR CB  HB2  sing N N 343 
TYR CB  HB3  sing N N 344 
TYR CG  CD1  doub Y N 345 
TYR CG  CD2  sing Y N 346 
TYR CD1 CE1  sing Y N 347 
TYR CD1 HD1  sing N N 348 
TYR CD2 CE2  doub Y N 349 
TYR CD2 HD2  sing N N 350 
TYR CE1 CZ   doub Y N 351 
TYR CE1 HE1  sing N N 352 
TYR CE2 CZ   sing Y N 353 
TYR CE2 HE2  sing N N 354 
TYR CZ  OH   sing N N 355 
TYR OH  HH   sing N N 356 
TYR OXT HXT  sing N N 357 
VAL N   CA   sing N N 358 
VAL N   H    sing N N 359 
VAL N   H2   sing N N 360 
VAL CA  C    sing N N 361 
VAL CA  CB   sing N N 362 
VAL CA  HA   sing N N 363 
VAL C   O    doub N N 364 
VAL C   OXT  sing N N 365 
VAL CB  CG1  sing N N 366 
VAL CB  CG2  sing N N 367 
VAL CB  HB   sing N N 368 
VAL CG1 HG11 sing N N 369 
VAL CG1 HG12 sing N N 370 
VAL CG1 HG13 sing N N 371 
VAL CG2 HG21 sing N N 372 
VAL CG2 HG22 sing N N 373 
VAL CG2 HG23 sing N N 374 
VAL OXT HXT  sing N N 375 
# 
_atom_sites.entry_id                    3EIP 
_atom_sites.fract_transf_matrix[1][1]   -0.00765767 
_atom_sites.fract_transf_matrix[1][2]   -0.00671893 
_atom_sites.fract_transf_matrix[1][3]   0.00725760 
_atom_sites.fract_transf_matrix[2][1]   0.01224183 
_atom_sites.fract_transf_matrix[2][2]   -0.01402325 
_atom_sites.fract_transf_matrix[2][3]   -0.00006576 
_atom_sites.fract_transf_matrix[3][1]   0.01117192 
_atom_sites.fract_transf_matrix[3][2]   0.00964318 
_atom_sites.fract_transf_matrix[3][3]   0.02335720 
_atom_sites.fract_transf_vector[1]      0.258381 
_atom_sites.fract_transf_vector[2]      0.436491 
_atom_sites.fract_transf_vector[3]      0.754047 
# 
loop_
_atom_type.symbol 
C  
N  
O  
S  
ZN 
# 
loop_
_atom_site.group_PDB 
_atom_site.id 
_atom_site.type_symbol 
_atom_site.label_atom_id 
_atom_site.label_alt_id 
_atom_site.label_comp_id 
_atom_site.label_asym_id 
_atom_site.label_entity_id 
_atom_site.label_seq_id 
_atom_site.pdbx_PDB_ins_code 
_atom_site.Cartn_x 
_atom_site.Cartn_y 
_atom_site.Cartn_z 
_atom_site.occupancy 
_atom_site.B_iso_or_equiv 
_atom_site.pdbx_formal_charge 
_atom_site.auth_seq_id 
_atom_site.auth_comp_id 
_atom_site.auth_asym_id 
_atom_site.auth_atom_id 
_atom_site.pdbx_PDB_model_num 
ATOM   1    N  N   . GLY A 1 1  ? 10.724  14.106  -1.050  1.00 14.16 ? 1   GLY A N   1 
ATOM   2    C  CA  . GLY A 1 1  ? 11.299  13.042  -1.909  1.00 13.07 ? 1   GLY A CA  1 
ATOM   3    C  C   . GLY A 1 1  ? 10.855  11.655  -1.481  1.00 13.06 ? 1   GLY A C   1 
ATOM   4    O  O   . GLY A 1 1  ? 9.689   11.440  -1.160  1.00 12.51 ? 1   GLY A O   1 
ATOM   5    N  N   . LEU A 1 2  ? 11.802  10.724  -1.453  1.00 13.21 ? 2   LEU A N   1 
ATOM   6    C  CA  . LEU A 1 2  ? 11.536  9.332   -1.091  1.00 13.71 ? 2   LEU A CA  1 
ATOM   7    C  C   . LEU A 1 2  ? 11.339  9.047   0.397   1.00 14.22 ? 2   LEU A C   1 
ATOM   8    O  O   . LEU A 1 2  ? 12.099  9.516   1.239   1.00 13.85 ? 2   LEU A O   1 
ATOM   9    C  CB  . LEU A 1 2  ? 12.677  8.452   -1.614  1.00 14.91 ? 2   LEU A CB  1 
ATOM   10   C  CG  . LEU A 1 2  ? 12.826  7.036   -1.041  1.00 15.22 ? 2   LEU A CG  1 
ATOM   11   C  CD1 . LEU A 1 2  ? 11.656  6.163   -1.476  1.00 16.36 ? 2   LEU A CD1 1 
ATOM   12   C  CD2 . LEU A 1 2  ? 14.134  6.442   -1.511  1.00 15.58 ? 2   LEU A CD2 1 
ATOM   13   N  N   . LYS A 1 3  ? 10.311  8.264   0.707   1.00 14.12 ? 3   LYS A N   1 
ATOM   14   C  CA  . LYS A 1 3  ? 10.047  7.852   2.083   1.00 14.92 ? 3   LYS A CA  1 
ATOM   15   C  C   . LYS A 1 3  ? 9.699   6.366   2.075   1.00 14.48 ? 3   LYS A C   1 
ATOM   16   O  O   . LYS A 1 3  ? 9.108   5.876   1.116   1.00 13.94 ? 3   LYS A O   1 
ATOM   17   C  CB  . LYS A 1 3  ? 8.877   8.624   2.681   1.00 15.15 ? 3   LYS A CB  1 
ATOM   18   C  CG  . LYS A 1 3  ? 9.142   10.089  2.924   1.00 16.24 ? 3   LYS A CG  1 
ATOM   19   C  CD  . LYS A 1 3  ? 8.035   10.690  3.767   1.00 18.36 ? 3   LYS A CD  1 
ATOM   20   C  CE  . LYS A 1 3  ? 8.347   12.136  4.123   1.00 19.37 ? 3   LYS A CE  1 
ATOM   21   N  NZ  . LYS A 1 3  ? 7.448   12.638  5.199   1.00 19.99 ? 3   LYS A NZ  1 
ATOM   22   N  N   . LEU A 1 4  ? 10.089  5.649   3.122   1.00 14.50 ? 4   LEU A N   1 
ATOM   23   C  CA  . LEU A 1 4  ? 9.758   4.232   3.220   1.00 14.71 ? 4   LEU A CA  1 
ATOM   24   C  C   . LEU A 1 4  ? 8.461   4.140   4.018   1.00 14.56 ? 4   LEU A C   1 
ATOM   25   O  O   . LEU A 1 4  ? 8.341   4.734   5.089   1.00 14.51 ? 4   LEU A O   1 
ATOM   26   C  CB  . LEU A 1 4  ? 10.862  3.462   3.942   1.00 16.86 ? 4   LEU A CB  1 
ATOM   27   C  CG  . LEU A 1 4  ? 12.264  3.530   3.330   1.00 18.56 ? 4   LEU A CG  1 
ATOM   28   C  CD1 . LEU A 1 4  ? 13.283  2.856   4.241   1.00 19.90 ? 4   LEU A CD1 1 
ATOM   29   C  CD2 . LEU A 1 4  ? 12.242  2.866   1.975   1.00 18.76 ? 4   LEU A CD2 1 
ATOM   30   N  N   . ASP A 1 5  ? 7.484   3.410   3.486   1.00 13.68 ? 5   ASP A N   1 
ATOM   31   C  CA  . ASP A 1 5  ? 6.192   3.237   4.147   1.00 12.50 ? 5   ASP A CA  1 
ATOM   32   C  C   . ASP A 1 5  ? 6.121   1.802   4.671   1.00 12.10 ? 5   ASP A C   1 
ATOM   33   O  O   . ASP A 1 5  ? 5.970   0.857   3.899   1.00 10.63 ? 5   ASP A O   1 
ATOM   34   C  CB  . ASP A 1 5  ? 5.058   3.498   3.148   1.00 13.84 ? 5   ASP A CB  1 
ATOM   35   C  CG  . ASP A 1 5  ? 3.681   3.388   3.776   1.00 13.76 ? 5   ASP A CG  1 
ATOM   36   O  OD1 . ASP A 1 5  ? 3.572   3.431   5.019   1.00 14.33 ? 5   ASP A OD1 1 
ATOM   37   O  OD2 . ASP A 1 5  ? 2.696   3.273   3.024   1.00 14.31 ? 5   ASP A OD2 1 
ATOM   38   N  N   . LEU A 1 6  ? 6.246   1.655   5.985   1.00 11.07 ? 6   LEU A N   1 
ATOM   39   C  CA  . LEU A 1 6  ? 6.229   0.353   6.627   1.00 11.47 ? 6   LEU A CA  1 
ATOM   40   C  C   . LEU A 1 6  ? 4.876   0.068   7.273   1.00 11.00 ? 6   LEU A C   1 
ATOM   41   O  O   . LEU A 1 6  ? 4.346   0.887   8.020   1.00 11.75 ? 6   LEU A O   1 
ATOM   42   C  CB  . LEU A 1 6  ? 7.337   0.290   7.693   1.00 10.61 ? 6   LEU A CB  1 
ATOM   43   C  CG  . LEU A 1 6  ? 7.569   -1.056  8.393   1.00 10.87 ? 6   LEU A CG  1 
ATOM   44   C  CD1 . LEU A 1 6  ? 8.327   -2.005  7.463   1.00 10.65 ? 6   LEU A CD1 1 
ATOM   45   C  CD2 . LEU A 1 6  ? 8.351   -0.838  9.677   1.00 10.85 ? 6   LEU A CD2 1 
ATOM   46   N  N   . THR A 1 7  ? 4.317   -1.099  6.965   1.00 11.61 ? 7   THR A N   1 
ATOM   47   C  CA  . THR A 1 7  ? 3.048   -1.516  7.536   1.00 12.49 ? 7   THR A CA  1 
ATOM   48   C  C   . THR A 1 7  ? 3.256   -2.911  8.105   1.00 12.95 ? 7   THR A C   1 
ATOM   49   O  O   . THR A 1 7  ? 4.053   -3.693  7.571   1.00 12.13 ? 7   THR A O   1 
ATOM   50   C  CB  . THR A 1 7  ? 1.903   -1.540  6.475   1.00 13.15 ? 7   THR A CB  1 
ATOM   51   O  OG1 . THR A 1 7  ? 2.326   -2.243  5.298   1.00 13.61 ? 7   THR A OG1 1 
ATOM   52   C  CG2 . THR A 1 7  ? 1.500   -0.126  6.092   1.00 13.46 ? 7   THR A CG2 1 
ATOM   53   N  N   . TRP A 1 8  ? 2.586   -3.217  9.212   1.00 12.75 ? 8   TRP A N   1 
ATOM   54   C  CA  . TRP A 1 8  ? 2.725   -4.544  9.793   1.00 13.93 ? 8   TRP A CA  1 
ATOM   55   C  C   . TRP A 1 8  ? 1.371   -5.144  10.148  1.00 14.55 ? 8   TRP A C   1 
ATOM   56   O  O   . TRP A 1 8  ? 0.427   -4.428  10.490  1.00 13.94 ? 8   TRP A O   1 
ATOM   57   C  CB  . TRP A 1 8  ? 3.650   -4.507  11.013  1.00 14.35 ? 8   TRP A CB  1 
ATOM   58   C  CG  . TRP A 1 8  ? 3.296   -3.490  12.051  1.00 15.39 ? 8   TRP A CG  1 
ATOM   59   C  CD1 . TRP A 1 8  ? 2.501   -3.678  13.145  1.00 15.74 ? 8   TRP A CD1 1 
ATOM   60   C  CD2 . TRP A 1 8  ? 3.754   -2.131  12.115  1.00 15.26 ? 8   TRP A CD2 1 
ATOM   61   N  NE1 . TRP A 1 8  ? 2.440   -2.522  13.889  1.00 16.78 ? 8   TRP A NE1 1 
ATOM   62   C  CE2 . TRP A 1 8  ? 3.199   -1.558  13.280  1.00 15.65 ? 8   TRP A CE2 1 
ATOM   63   C  CE3 . TRP A 1 8  ? 4.580   -1.346  11.300  1.00 15.25 ? 8   TRP A CE3 1 
ATOM   64   C  CZ2 . TRP A 1 8  ? 3.443   -0.231  13.655  1.00 16.04 ? 8   TRP A CZ2 1 
ATOM   65   C  CZ3 . TRP A 1 8  ? 4.826   -0.020  11.674  1.00 15.93 ? 8   TRP A CZ3 1 
ATOM   66   C  CH2 . TRP A 1 8  ? 4.256   0.520   12.841  1.00 15.96 ? 8   TRP A CH2 1 
ATOM   67   N  N   . PHE A 1 9  ? 1.287   -6.463  10.032  1.00 16.03 ? 9   PHE A N   1 
ATOM   68   C  CA  . PHE A 1 9  ? 0.055   -7.185  10.300  1.00 18.64 ? 9   PHE A CA  1 
ATOM   69   C  C   . PHE A 1 9  ? 0.321   -8.331  11.256  1.00 20.23 ? 9   PHE A C   1 
ATOM   70   O  O   . PHE A 1 9  ? 1.401   -8.923  11.247  1.00 20.52 ? 9   PHE A O   1 
ATOM   71   C  CB  . PHE A 1 9  ? -0.524  -7.721  8.989   1.00 18.78 ? 9   PHE A CB  1 
ATOM   72   C  CG  . PHE A 1 9  ? -0.577  -6.696  7.889   1.00 19.26 ? 9   PHE A CG  1 
ATOM   73   C  CD1 . PHE A 1 9  ? 0.592   -6.283  7.249   1.00 19.67 ? 9   PHE A CD1 1 
ATOM   74   C  CD2 . PHE A 1 9  ? -1.782  -6.120  7.519   1.00 18.83 ? 9   PHE A CD2 1 
ATOM   75   C  CE1 . PHE A 1 9  ? 0.555   -5.305  6.260   1.00 19.25 ? 9   PHE A CE1 1 
ATOM   76   C  CE2 . PHE A 1 9  ? -1.831  -5.144  6.530   1.00 19.58 ? 9   PHE A CE2 1 
ATOM   77   C  CZ  . PHE A 1 9  ? -0.663  -4.733  5.899   1.00 18.87 ? 9   PHE A CZ  1 
ATOM   78   N  N   . ASP A 1 10 ? -0.661  -8.627  12.097  1.00 22.96 ? 10  ASP A N   1 
ATOM   79   C  CA  . ASP A 1 10 ? -0.523  -9.706  13.063  1.00 25.30 ? 10  ASP A CA  1 
ATOM   80   C  C   . ASP A 1 10 ? -0.512  -11.028 12.316  1.00 26.87 ? 10  ASP A C   1 
ATOM   81   O  O   . ASP A 1 10 ? -1.315  -11.242 11.409  1.00 26.96 ? 10  ASP A O   1 
ATOM   82   C  CB  . ASP A 1 10 ? -1.689  -9.681  14.054  1.00 26.32 ? 10  ASP A CB  1 
ATOM   83   C  CG  . ASP A 1 10 ? -1.501  -10.660 15.196  1.00 27.12 ? 10  ASP A CG  1 
ATOM   84   O  OD1 . ASP A 1 10 ? -0.449  -10.587 15.864  1.00 28.93 ? 10  ASP A OD1 1 
ATOM   85   O  OD2 . ASP A 1 10 ? -2.398  -11.497 15.430  1.00 28.80 ? 10  ASP A OD2 1 
ATOM   86   N  N   . LYS A 1 11 ? 0.405   -11.911 12.690  1.00 28.55 ? 11  LYS A N   1 
ATOM   87   C  CA  . LYS A 1 11 ? 0.500   -13.214 12.048  1.00 31.00 ? 11  LYS A CA  1 
ATOM   88   C  C   . LYS A 1 11 ? -0.668  -14.110 12.439  1.00 32.19 ? 11  LYS A C   1 
ATOM   89   O  O   . LYS A 1 11 ? -1.089  -14.966 11.660  1.00 32.60 ? 11  LYS A O   1 
ATOM   90   C  CB  . LYS A 1 11 ? 1.814   -13.897 12.425  1.00 31.36 ? 11  LYS A CB  1 
ATOM   91   C  CG  . LYS A 1 11 ? 3.028   -13.300 11.748  1.00 32.43 ? 11  LYS A CG  1 
ATOM   92   C  CD  . LYS A 1 11 ? 4.289   -14.045 12.133  1.00 33.10 ? 11  LYS A CD  1 
ATOM   93   C  CE  . LYS A 1 11 ? 5.469   -13.534 11.341  1.00 33.48 ? 11  LYS A CE  1 
ATOM   94   N  NZ  . LYS A 1 11 ? 5.299   -13.774 9.881   1.00 34.05 ? 11  LYS A NZ  1 
ATOM   95   N  N   . SER A 1 12 ? -1.194  -13.907 13.643  1.00 33.46 ? 12  SER A N   1 
ATOM   96   C  CA  . SER A 1 12 ? -2.308  -14.714 14.132  1.00 34.89 ? 12  SER A CA  1 
ATOM   97   C  C   . SER A 1 12 ? -3.649  -14.289 13.528  1.00 35.43 ? 12  SER A C   1 
ATOM   98   O  O   . SER A 1 12 ? -4.194  -14.979 12.663  1.00 35.75 ? 12  SER A O   1 
ATOM   99   C  CB  . SER A 1 12 ? -2.379  -14.637 15.660  1.00 35.36 ? 12  SER A CB  1 
ATOM   100  O  OG  . SER A 1 12 ? -3.404  -15.477 16.166  1.00 37.13 ? 12  SER A OG  1 
ATOM   101  N  N   . THR A 1 13 ? -4.174  -13.154 13.982  1.00 35.71 ? 13  THR A N   1 
ATOM   102  C  CA  . THR A 1 13 ? -5.451  -12.644 13.491  1.00 36.02 ? 13  THR A CA  1 
ATOM   103  C  C   . THR A 1 13 ? -5.342  -12.107 12.066  1.00 36.23 ? 13  THR A C   1 
ATOM   104  O  O   . THR A 1 13 ? -6.335  -12.045 11.337  1.00 35.98 ? 13  THR A O   1 
ATOM   105  C  CB  . THR A 1 13 ? -5.980  -11.521 14.393  1.00 36.43 ? 13  THR A CB  1 
ATOM   106  O  OG1 . THR A 1 13 ? -5.097  -10.396 14.321  1.00 36.88 ? 13  THR A OG1 1 
ATOM   107  C  CG2 . THR A 1 13 ? -6.066  -12.000 15.841  1.00 36.65 ? 13  THR A CG2 1 
ATOM   108  N  N   . GLU A 1 14 ? -4.134  -11.701 11.687  1.00 36.36 ? 14  GLU A N   1 
ATOM   109  C  CA  . GLU A 1 14 ? -3.865  -11.192 10.346  1.00 36.26 ? 14  GLU A CA  1 
ATOM   110  C  C   . GLU A 1 14 ? -4.532  -9.857  10.035  1.00 35.33 ? 14  GLU A C   1 
ATOM   111  O  O   . GLU A 1 14 ? -4.836  -9.564  8.878   1.00 35.41 ? 14  GLU A O   1 
ATOM   112  C  CB  . GLU A 1 14 ? -4.300  -12.231 9.316   1.00 37.81 ? 14  GLU A CB  1 
ATOM   113  C  CG  . GLU A 1 14 ? -3.742  -13.616 9.586   1.00 39.14 ? 14  GLU A CG  1 
ATOM   114  C  CD  . GLU A 1 14 ? -4.660  -14.706 9.081   1.00 40.50 ? 14  GLU A CD  1 
ATOM   115  O  OE1 . GLU A 1 14 ? -4.922  -14.741 7.859   1.00 41.11 ? 14  GLU A OE1 1 
ATOM   116  O  OE2 . GLU A 1 14 ? -5.125  -15.525 9.908   1.00 41.07 ? 14  GLU A OE2 1 
ATOM   117  N  N   . ASP A 1 15 ? -4.755  -9.050  11.067  1.00 33.68 ? 15  ASP A N   1 
ATOM   118  C  CA  . ASP A 1 15 ? -5.376  -7.744  10.887  1.00 31.83 ? 15  ASP A CA  1 
ATOM   119  C  C   . ASP A 1 15 ? -4.306  -6.668  10.751  1.00 30.02 ? 15  ASP A C   1 
ATOM   120  O  O   . ASP A 1 15 ? -3.199  -6.818  11.259  1.00 29.61 ? 15  ASP A O   1 
ATOM   121  C  CB  . ASP A 1 15 ? -6.286  -7.420  12.077  1.00 33.40 ? 15  ASP A CB  1 
ATOM   122  C  CG  . ASP A 1 15 ? -5.515  -7.246  13.369  1.00 34.36 ? 15  ASP A CG  1 
ATOM   123  O  OD1 . ASP A 1 15 ? -4.609  -8.064  13.631  1.00 35.77 ? 15  ASP A OD1 1 
ATOM   124  O  OD2 . ASP A 1 15 ? -5.819  -6.300  14.128  1.00 35.03 ? 15  ASP A OD2 1 
ATOM   125  N  N   . PHE A 1 16 ? -4.649  -5.594  10.049  1.00 27.97 ? 16  PHE A N   1 
ATOM   126  C  CA  . PHE A 1 16 ? -3.752  -4.465  9.835   1.00 26.48 ? 16  PHE A CA  1 
ATOM   127  C  C   . PHE A 1 16 ? -3.521  -3.782  11.180  1.00 25.19 ? 16  PHE A C   1 
ATOM   128  O  O   . PHE A 1 16 ? -4.415  -3.119  11.701  1.00 24.77 ? 16  PHE A O   1 
ATOM   129  C  CB  . PHE A 1 16 ? -4.400  -3.498  8.841   1.00 26.79 ? 16  PHE A CB  1 
ATOM   130  C  CG  . PHE A 1 16 ? -3.662  -2.199  8.674   1.00 27.86 ? 16  PHE A CG  1 
ATOM   131  C  CD1 . PHE A 1 16 ? -2.355  -2.179  8.206   1.00 27.14 ? 16  PHE A CD1 1 
ATOM   132  C  CD2 . PHE A 1 16 ? -4.296  -0.990  8.954   1.00 27.73 ? 16  PHE A CD2 1 
ATOM   133  C  CE1 . PHE A 1 16 ? -1.687  -0.975  8.013   1.00 27.40 ? 16  PHE A CE1 1 
ATOM   134  C  CE2 . PHE A 1 16 ? -3.636  0.223   8.765   1.00 27.70 ? 16  PHE A CE2 1 
ATOM   135  C  CZ  . PHE A 1 16 ? -2.329  0.229   8.293   1.00 28.17 ? 16  PHE A CZ  1 
ATOM   136  N  N   . LYS A 1 17 ? -2.317  -3.931  11.727  1.00 24.23 ? 17  LYS A N   1 
ATOM   137  C  CA  . LYS A 1 17 ? -1.979  -3.372  13.036  1.00 23.17 ? 17  LYS A CA  1 
ATOM   138  C  C   . LYS A 1 17 ? -1.409  -1.960  13.089  1.00 22.01 ? 17  LYS A C   1 
ATOM   139  O  O   . LYS A 1 17 ? -1.843  -1.146  13.908  1.00 22.51 ? 17  LYS A O   1 
ATOM   140  C  CB  . LYS A 1 17 ? -1.014  -4.316  13.764  1.00 24.27 ? 17  LYS A CB  1 
ATOM   141  C  CG  . LYS A 1 17 ? -1.648  -5.630  14.205  1.00 25.35 ? 17  LYS A CG  1 
ATOM   142  C  CD  . LYS A 1 17 ? -0.631  -6.555  14.860  1.00 26.79 ? 17  LYS A CD  1 
ATOM   143  C  CE  . LYS A 1 17 ? 0.025   -5.922  16.080  1.00 27.14 ? 17  LYS A CE  1 
ATOM   144  N  NZ  . LYS A 1 17 ? 0.989   -6.870  16.707  1.00 27.77 ? 17  LYS A NZ  1 
ATOM   145  N  N   . GLY A 1 18 ? -0.434  -1.662  12.238  1.00 20.00 ? 18  GLY A N   1 
ATOM   146  C  CA  . GLY A 1 18 ? 0.153   -0.336  12.273  1.00 17.88 ? 18  GLY A CA  1 
ATOM   147  C  C   . GLY A 1 18 ? 0.893   0.076   11.023  1.00 16.29 ? 18  GLY A C   1 
ATOM   148  O  O   . GLY A 1 18 ? 1.055   -0.693  10.076  1.00 14.67 ? 18  GLY A O   1 
ATOM   149  N  N   . GLU A 1 19 ? 1.369   1.312   11.039  1.00 15.82 ? 19  GLU A N   1 
ATOM   150  C  CA  . GLU A 1 19 ? 2.078   1.861   9.904   1.00 14.46 ? 19  GLU A CA  1 
ATOM   151  C  C   . GLU A 1 19 ? 2.936   3.030   10.365  1.00 14.30 ? 19  GLU A C   1 
ATOM   152  O  O   . GLU A 1 19 ? 2.563   3.762   11.286  1.00 12.90 ? 19  GLU A O   1 
ATOM   153  C  CB  . GLU A 1 19 ? 1.062   2.320   8.852   1.00 15.85 ? 19  GLU A CB  1 
ATOM   154  C  CG  . GLU A 1 19 ? 1.638   3.131   7.701   1.00 17.09 ? 19  GLU A CG  1 
ATOM   155  C  CD  . GLU A 1 19 ? 0.620   3.391   6.604   1.00 17.89 ? 19  GLU A CD  1 
ATOM   156  O  OE1 . GLU A 1 19 ? -0.588  3.511   6.914   1.00 18.48 ? 19  GLU A OE1 1 
ATOM   157  O  OE2 . GLU A 1 19 ? 1.030   3.488   5.429   1.00 17.64 ? 19  GLU A OE2 1 
ATOM   158  N  N   . GLU A 1 20 ? 4.093   3.184   9.731   1.00 13.03 ? 20  GLU A N   1 
ATOM   159  C  CA  . GLU A 1 20 ? 5.000   4.273   10.056  1.00 12.75 ? 20  GLU A CA  1 
ATOM   160  C  C   . GLU A 1 20 ? 5.862   4.625   8.849   1.00 12.44 ? 20  GLU A C   1 
ATOM   161  O  O   . GLU A 1 20 ? 6.370   3.736   8.163   1.00 11.64 ? 20  GLU A O   1 
ATOM   162  C  CB  . GLU A 1 20 ? 5.912   3.885   11.228  1.00 11.17 ? 20  GLU A CB  1 
ATOM   163  C  CG  . GLU A 1 20 ? 6.749   5.042   11.734  1.00 12.92 ? 20  GLU A CG  1 
ATOM   164  C  CD  . GLU A 1 20 ? 7.703   4.650   12.837  1.00 11.53 ? 20  GLU A CD  1 
ATOM   165  O  OE1 . GLU A 1 20 ? 7.434   3.645   13.520  1.00 11.44 ? 20  GLU A OE1 1 
ATOM   166  O  OE2 . GLU A 1 20 ? 8.715   5.363   13.028  1.00 12.88 ? 20  GLU A OE2 1 
ATOM   167  N  N   . TYR A 1 21 ? 6.009   5.923   8.585   1.00 12.93 ? 21  TYR A N   1 
ATOM   168  C  CA  . TYR A 1 21 ? 6.840   6.392   7.479   1.00 13.56 ? 21  TYR A CA  1 
ATOM   169  C  C   . TYR A 1 21 ? 8.228   6.739   7.981   1.00 13.54 ? 21  TYR A C   1 
ATOM   170  O  O   . TYR A 1 21 ? 8.400   7.143   9.130   1.00 12.66 ? 21  TYR A O   1 
ATOM   171  C  CB  . TYR A 1 21 ? 6.263   7.657   6.825   1.00 13.89 ? 21  TYR A CB  1 
ATOM   172  C  CG  . TYR A 1 21 ? 5.092   7.421   5.908   1.00 15.49 ? 21  TYR A CG  1 
ATOM   173  C  CD1 . TYR A 1 21 ? 3.804   7.301   6.416   1.00 16.38 ? 21  TYR A CD1 1 
ATOM   174  C  CD2 . TYR A 1 21 ? 5.272   7.312   4.524   1.00 16.19 ? 21  TYR A CD2 1 
ATOM   175  C  CE1 . TYR A 1 21 ? 2.717   7.078   5.581   1.00 17.99 ? 21  TYR A CE1 1 
ATOM   176  C  CE2 . TYR A 1 21 ? 4.182   7.089   3.673   1.00 17.34 ? 21  TYR A CE2 1 
ATOM   177  C  CZ  . TYR A 1 21 ? 2.913   6.975   4.213   1.00 17.88 ? 21  TYR A CZ  1 
ATOM   178  O  OH  . TYR A 1 21 ? 1.825   6.762   3.396   1.00 20.48 ? 21  TYR A OH  1 
ATOM   179  N  N   . SER A 1 22 ? 9.221   6.588   7.112   1.00 13.64 ? 22  SER A N   1 
ATOM   180  C  CA  . SER A 1 22 ? 10.586  6.923   7.470   1.00 14.46 ? 22  SER A CA  1 
ATOM   181  C  C   . SER A 1 22 ? 10.731  8.406   7.180   1.00 15.47 ? 22  SER A C   1 
ATOM   182  O  O   . SER A 1 22 ? 9.805   9.039   6.673   1.00 14.68 ? 22  SER A O   1 
ATOM   183  C  CB  . SER A 1 22 ? 11.579  6.167   6.593   1.00 14.31 ? 22  SER A CB  1 
ATOM   184  O  OG  . SER A 1 22 ? 11.518  6.646   5.258   1.00 15.92 ? 22  SER A OG  1 
ATOM   185  N  N   . LYS A 1 23 ? 11.897  8.953   7.504   1.00 16.42 ? 23  LYS A N   1 
ATOM   186  C  CA  . LYS A 1 23 ? 12.175  10.353  7.223   1.00 18.44 ? 23  LYS A CA  1 
ATOM   187  C  C   . LYS A 1 23 ? 12.245  10.443  5.705   1.00 19.34 ? 23  LYS A C   1 
ATOM   188  O  O   . LYS A 1 23 ? 12.300  9.417   5.021   1.00 18.62 ? 23  LYS A O   1 
ATOM   189  C  CB  . LYS A 1 23 ? 13.535  10.740  7.787   1.00 20.22 ? 23  LYS A CB  1 
ATOM   190  C  CG  . LYS A 1 23 ? 14.679  9.951   7.160   1.00 21.38 ? 23  LYS A CG  1 
ATOM   191  C  CD  . LYS A 1 23 ? 16.019  10.286  7.798   1.00 23.74 ? 23  LYS A CD  1 
ATOM   192  C  CE  . LYS A 1 23 ? 16.430  11.722  7.518   1.00 25.64 ? 23  LYS A CE  1 
ATOM   193  N  NZ  . LYS A 1 23 ? 17.810  11.998  8.032   1.00 27.39 ? 23  LYS A NZ  1 
ATOM   194  N  N   . ASP A 1 24 ? 12.270  11.664  5.184   1.00 19.88 ? 24  ASP A N   1 
ATOM   195  C  CA  . ASP A 1 24 ? 12.359  11.871  3.749   1.00 21.22 ? 24  ASP A CA  1 
ATOM   196  C  C   . ASP A 1 24 ? 13.835  11.782  3.367   1.00 22.35 ? 24  ASP A C   1 
ATOM   197  O  O   . ASP A 1 24 ? 14.675  12.486  3.940   1.00 22.52 ? 24  ASP A O   1 
ATOM   198  C  CB  . ASP A 1 24 ? 11.798  13.247  3.383   1.00 22.11 ? 24  ASP A CB  1 
ATOM   199  C  CG  . ASP A 1 24 ? 11.602  13.420  1.889   1.00 22.16 ? 24  ASP A CG  1 
ATOM   200  O  OD1 . ASP A 1 24 ? 12.586  13.268  1.136   1.00 22.26 ? 24  ASP A OD1 1 
ATOM   201  O  OD2 . ASP A 1 24 ? 10.463  13.711  1.471   1.00 22.59 ? 24  ASP A OD2 1 
ATOM   202  N  N   . PHE A 1 25 ? 14.155  10.906  2.419   1.00 22.74 ? 25  PHE A N   1 
ATOM   203  C  CA  . PHE A 1 25 ? 15.535  10.742  1.980   1.00 23.91 ? 25  PHE A CA  1 
ATOM   204  C  C   . PHE A 1 25 ? 15.875  11.656  0.811   1.00 25.24 ? 25  PHE A C   1 
ATOM   205  O  O   . PHE A 1 25 ? 17.011  11.665  0.341   1.00 25.70 ? 25  PHE A O   1 
ATOM   206  C  CB  . PHE A 1 25 ? 15.806  9.292   1.565   1.00 23.09 ? 25  PHE A CB  1 
ATOM   207  C  CG  . PHE A 1 25 ? 15.781  8.320   2.700   1.00 22.65 ? 25  PHE A CG  1 
ATOM   208  C  CD1 . PHE A 1 25 ? 16.940  8.056   3.425   1.00 22.59 ? 25  PHE A CD1 1 
ATOM   209  C  CD2 . PHE A 1 25 ? 14.596  7.693   3.073   1.00 22.67 ? 25  PHE A CD2 1 
ATOM   210  C  CE1 . PHE A 1 25 ? 16.923  7.182   4.510   1.00 22.60 ? 25  PHE A CE1 1 
ATOM   211  C  CE2 . PHE A 1 25 ? 14.568  6.814   4.158   1.00 22.04 ? 25  PHE A CE2 1 
ATOM   212  C  CZ  . PHE A 1 25 ? 15.736  6.561   4.876   1.00 22.45 ? 25  PHE A CZ  1 
ATOM   213  N  N   . GLY A 1 26 ? 14.893  12.419  0.345   1.00 26.61 ? 26  GLY A N   1 
ATOM   214  C  CA  . GLY A 1 26 ? 15.121  13.309  -0.781  1.00 28.10 ? 26  GLY A CA  1 
ATOM   215  C  C   . GLY A 1 26 ? 15.253  12.532  -2.079  1.00 29.53 ? 26  GLY A C   1 
ATOM   216  O  O   . GLY A 1 26 ? 14.477  11.610  -2.333  1.00 28.74 ? 26  GLY A O   1 
ATOM   217  N  N   . ASP A 1 27 ? 16.240  12.892  -2.897  1.00 30.85 ? 27  ASP A N   1 
ATOM   218  C  CA  . ASP A 1 27 ? 16.467  12.214  -4.172  1.00 32.17 ? 27  ASP A CA  1 
ATOM   219  C  C   . ASP A 1 27 ? 17.482  11.079  -4.105  1.00 32.57 ? 27  ASP A C   1 
ATOM   220  O  O   . ASP A 1 27 ? 17.829  10.491  -5.132  1.00 33.85 ? 27  ASP A O   1 
ATOM   221  C  CB  . ASP A 1 27 ? 16.931  13.213  -5.233  1.00 33.52 ? 27  ASP A CB  1 
ATOM   222  C  CG  . ASP A 1 27 ? 15.803  14.063  -5.761  1.00 34.26 ? 27  ASP A CG  1 
ATOM   223  O  OD1 . ASP A 1 27 ? 15.180  14.793  -4.963  1.00 35.44 ? 27  ASP A OD1 1 
ATOM   224  O  OD2 . ASP A 1 27 ? 15.540  13.999  -6.977  1.00 35.79 ? 27  ASP A OD2 1 
ATOM   225  N  N   . ASP A 1 28 ? 17.961  10.769  -2.909  1.00 32.38 ? 28  ASP A N   1 
ATOM   226  C  CA  . ASP A 1 28 ? 18.941  9.708   -2.749  1.00 32.35 ? 28  ASP A CA  1 
ATOM   227  C  C   . ASP A 1 28 ? 18.240  8.366   -2.569  1.00 32.06 ? 28  ASP A C   1 
ATOM   228  O  O   . ASP A 1 28 ? 17.499  8.167   -1.610  1.00 32.20 ? 28  ASP A O   1 
ATOM   229  C  CB  . ASP A 1 28 ? 19.834  10.000  -1.543  1.00 33.01 ? 28  ASP A CB  1 
ATOM   230  C  CG  . ASP A 1 28 ? 21.039  9.087   -1.474  1.00 34.42 ? 28  ASP A CG  1 
ATOM   231  O  OD1 . ASP A 1 28 ? 21.180  8.216   -2.358  1.00 35.79 ? 28  ASP A OD1 1 
ATOM   232  O  OD2 . ASP A 1 28 ? 21.851  9.240   -0.534  1.00 35.31 ? 28  ASP A OD2 1 
ATOM   233  N  N   . GLY A 1 29 ? 18.476  7.449   -3.500  1.00 31.44 ? 29  GLY A N   1 
ATOM   234  C  CA  . GLY A 1 29 ? 17.855  6.141   -3.413  1.00 30.57 ? 29  GLY A CA  1 
ATOM   235  C  C   . GLY A 1 29 ? 18.809  5.088   -2.892  1.00 29.88 ? 29  GLY A C   1 
ATOM   236  O  O   . GLY A 1 29 ? 18.574  3.895   -3.068  1.00 29.73 ? 29  GLY A O   1 
ATOM   237  N  N   . SER A 1 30 ? 19.887  5.524   -2.248  1.00 29.11 ? 30  SER A N   1 
ATOM   238  C  CA  . SER A 1 30 ? 20.876  4.597   -1.712  1.00 28.53 ? 30  SER A CA  1 
ATOM   239  C  C   . SER A 1 30 ? 20.238  3.563   -0.785  1.00 27.80 ? 30  SER A C   1 
ATOM   240  O  O   . SER A 1 30 ? 20.584  2.383   -0.830  1.00 27.90 ? 30  SER A O   1 
ATOM   241  C  CB  . SER A 1 30 ? 21.955  5.360   -0.948  1.00 29.15 ? 30  SER A CB  1 
ATOM   242  O  OG  . SER A 1 30 ? 21.416  5.928   0.230   1.00 29.98 ? 30  SER A OG  1 
ATOM   243  N  N   . VAL A 1 31 ? 19.311  4.007   0.057   1.00 26.94 ? 31  VAL A N   1 
ATOM   244  C  CA  . VAL A 1 31 ? 18.646  3.098   0.982   1.00 26.52 ? 31  VAL A CA  1 
ATOM   245  C  C   . VAL A 1 31 ? 17.993  1.945   0.230   1.00 25.61 ? 31  VAL A C   1 
ATOM   246  O  O   . VAL A 1 31 ? 17.977  0.815   0.711   1.00 25.80 ? 31  VAL A O   1 
ATOM   247  C  CB  . VAL A 1 31 ? 17.580  3.827   1.809   1.00 26.67 ? 31  VAL A CB  1 
ATOM   248  C  CG1 . VAL A 1 31 ? 16.965  2.875   2.828   1.00 27.22 ? 31  VAL A CG1 1 
ATOM   249  C  CG2 . VAL A 1 31 ? 18.210  5.008   2.516   1.00 27.75 ? 31  VAL A CG2 1 
ATOM   250  N  N   . MET A 1 32 ? 17.455  2.233   -0.949  1.00 24.94 ? 32  MET A N   1 
ATOM   251  C  CA  . MET A 1 32 ? 16.818  1.200   -1.757  1.00 24.66 ? 32  MET A CA  1 
ATOM   252  C  C   . MET A 1 32 ? 17.879  0.318   -2.397  1.00 25.27 ? 32  MET A C   1 
ATOM   253  O  O   . MET A 1 32 ? 17.742  -0.905  -2.445  1.00 24.77 ? 32  MET A O   1 
ATOM   254  C  CB  . MET A 1 32 ? 15.942  1.834   -2.837  1.00 23.44 ? 32  MET A CB  1 
ATOM   255  C  CG  . MET A 1 32 ? 14.635  2.380   -2.295  1.00 22.44 ? 32  MET A CG  1 
ATOM   256  S  SD  . MET A 1 32 ? 13.556  3.036   -3.573  1.00 20.29 ? 32  MET A SD  1 
ATOM   257  C  CE  . MET A 1 32 ? 13.017  1.507   -4.419  1.00 18.97 ? 32  MET A CE  1 
ATOM   258  N  N   . GLU A 1 33 ? 18.942  0.943   -2.886  1.00 26.33 ? 33  GLU A N   1 
ATOM   259  C  CA  . GLU A 1 33 ? 20.026  0.198   -3.508  1.00 27.83 ? 33  GLU A CA  1 
ATOM   260  C  C   . GLU A 1 33 ? 20.583  -0.788  -2.494  1.00 27.89 ? 33  GLU A C   1 
ATOM   261  O  O   . GLU A 1 33 ? 20.900  -1.927  -2.832  1.00 29.08 ? 33  GLU A O   1 
ATOM   262  C  CB  . GLU A 1 33 ? 21.133  1.155   -3.958  1.00 28.96 ? 33  GLU A CB  1 
ATOM   263  C  CG  . GLU A 1 33 ? 20.684  2.169   -4.995  1.00 31.36 ? 33  GLU A CG  1 
ATOM   264  C  CD  . GLU A 1 33 ? 20.491  1.559   -6.368  1.00 32.31 ? 33  GLU A CD  1 
ATOM   265  O  OE1 . GLU A 1 33 ? 19.807  0.518   -6.468  1.00 33.59 ? 33  GLU A OE1 1 
ATOM   266  O  OE2 . GLU A 1 33 ? 21.015  2.126   -7.352  1.00 32.73 ? 33  GLU A OE2 1 
ATOM   267  N  N   . SER A 1 34 ? 20.691  -0.344  -1.246  1.00 27.66 ? 34  SER A N   1 
ATOM   268  C  CA  . SER A 1 34 ? 21.214  -1.187  -0.181  1.00 27.17 ? 34  SER A CA  1 
ATOM   269  C  C   . SER A 1 34 ? 20.306  -2.381  0.095   1.00 26.44 ? 34  SER A C   1 
ATOM   270  O  O   . SER A 1 34 ? 20.747  -3.391  0.650   1.00 26.48 ? 34  SER A O   1 
ATOM   271  C  CB  . SER A 1 34 ? 21.405  -0.365  1.099   1.00 27.79 ? 34  SER A CB  1 
ATOM   272  O  OG  . SER A 1 34 ? 20.172  0.114   1.605   1.00 29.33 ? 34  SER A OG  1 
ATOM   273  N  N   . LEU A 1 35 ? 19.040  -2.272  -0.289  1.00 25.27 ? 35  LEU A N   1 
ATOM   274  C  CA  . LEU A 1 35 ? 18.096  -3.367  -0.078  1.00 24.80 ? 35  LEU A CA  1 
ATOM   275  C  C   . LEU A 1 35 ? 18.096  -4.307  -1.277  1.00 24.05 ? 35  LEU A C   1 
ATOM   276  O  O   . LEU A 1 35 ? 17.556  -5.412  -1.211  1.00 23.98 ? 35  LEU A O   1 
ATOM   277  C  CB  . LEU A 1 35 ? 16.680  -2.824  0.135   1.00 24.84 ? 35  LEU A CB  1 
ATOM   278  C  CG  . LEU A 1 35 ? 16.435  -1.905  1.337   1.00 25.38 ? 35  LEU A CG  1 
ATOM   279  C  CD1 . LEU A 1 35 ? 15.023  -1.332  1.268   1.00 26.16 ? 35  LEU A CD1 1 
ATOM   280  C  CD2 . LEU A 1 35 ? 16.638  -2.684  2.623   1.00 25.16 ? 35  LEU A CD2 1 
ATOM   281  N  N   . GLY A 1 36 ? 18.700  -3.859  -2.372  1.00 23.84 ? 36  GLY A N   1 
ATOM   282  C  CA  . GLY A 1 36 ? 18.749  -4.664  -3.579  1.00 22.82 ? 36  GLY A CA  1 
ATOM   283  C  C   . GLY A 1 36 ? 17.557  -4.407  -4.481  1.00 22.50 ? 36  GLY A C   1 
ATOM   284  O  O   . GLY A 1 36 ? 17.201  -5.251  -5.299  1.00 22.55 ? 36  GLY A O   1 
ATOM   285  N  N   . VAL A 1 37 ? 16.947  -3.234  -4.335  1.00 22.11 ? 37  VAL A N   1 
ATOM   286  C  CA  . VAL A 1 37 ? 15.783  -2.860  -5.136  1.00 22.00 ? 37  VAL A CA  1 
ATOM   287  C  C   . VAL A 1 37 ? 16.031  -1.560  -5.895  1.00 22.36 ? 37  VAL A C   1 
ATOM   288  O  O   . VAL A 1 37 ? 16.179  -0.502  -5.288  1.00 22.06 ? 37  VAL A O   1 
ATOM   289  C  CB  . VAL A 1 37 ? 14.532  -2.662  -4.244  1.00 21.53 ? 37  VAL A CB  1 
ATOM   290  C  CG1 . VAL A 1 37 ? 13.309  -2.411  -5.114  1.00 21.79 ? 37  VAL A CG1 1 
ATOM   291  C  CG2 . VAL A 1 37 ? 14.320  -3.881  -3.361  1.00 20.98 ? 37  VAL A CG2 1 
ATOM   292  N  N   . PRO A 1 38 ? 16.080  -1.625  -7.238  1.00 23.13 ? 38  PRO A N   1 
ATOM   293  C  CA  . PRO A 1 38 ? 16.310  -0.445  -8.080  1.00 23.81 ? 38  PRO A CA  1 
ATOM   294  C  C   . PRO A 1 38 ? 15.328  0.684   -7.763  1.00 24.26 ? 38  PRO A C   1 
ATOM   295  O  O   . PRO A 1 38 ? 14.130  0.454   -7.612  1.00 23.25 ? 38  PRO A O   1 
ATOM   296  C  CB  . PRO A 1 38 ? 16.135  -0.993  -9.494  1.00 23.76 ? 38  PRO A CB  1 
ATOM   297  C  CG  . PRO A 1 38 ? 16.626  -2.407  -9.355  1.00 23.63 ? 38  PRO A CG  1 
ATOM   298  C  CD  . PRO A 1 38 ? 15.974  -2.842  -8.063  1.00 23.32 ? 38  PRO A CD  1 
ATOM   299  N  N   . PHE A 1 39 ? 15.856  1.901   -7.687  1.00 25.61 ? 39  PHE A N   1 
ATOM   300  C  CA  . PHE A 1 39 ? 15.090  3.103   -7.363  1.00 26.58 ? 39  PHE A CA  1 
ATOM   301  C  C   . PHE A 1 39 ? 13.985  3.527   -8.333  1.00 27.44 ? 39  PHE A C   1 
ATOM   302  O  O   . PHE A 1 39 ? 12.802  3.378   -8.038  1.00 27.48 ? 39  PHE A O   1 
ATOM   303  C  CB  . PHE A 1 39 ? 16.068  4.272   -7.177  1.00 27.81 ? 39  PHE A CB  1 
ATOM   304  C  CG  . PHE A 1 39 ? 15.402  5.594   -6.911  1.00 28.11 ? 39  PHE A CG  1 
ATOM   305  C  CD1 . PHE A 1 39 ? 14.690  5.807   -5.738  1.00 28.06 ? 39  PHE A CD1 1 
ATOM   306  C  CD2 . PHE A 1 39 ? 15.513  6.637   -7.828  1.00 28.99 ? 39  PHE A CD2 1 
ATOM   307  C  CE1 . PHE A 1 39 ? 14.101  7.042   -5.477  1.00 28.99 ? 39  PHE A CE1 1 
ATOM   308  C  CE2 . PHE A 1 39 ? 14.924  7.879   -7.576  1.00 28.80 ? 39  PHE A CE2 1 
ATOM   309  C  CZ  . PHE A 1 39 ? 14.217  8.080   -6.397  1.00 28.89 ? 39  PHE A CZ  1 
ATOM   310  N  N   . LYS A 1 40 ? 14.385  4.071   -9.479  1.00 28.29 ? 40  LYS A N   1 
ATOM   311  C  CA  . LYS A 1 40 ? 13.453  4.573   -10.488 1.00 29.02 ? 40  LYS A CA  1 
ATOM   312  C  C   . LYS A 1 40 ? 12.325  3.653   -10.948 1.00 28.85 ? 40  LYS A C   1 
ATOM   313  O  O   . LYS A 1 40 ? 11.247  4.127   -11.315 1.00 29.53 ? 40  LYS A O   1 
ATOM   314  C  CB  . LYS A 1 40 ? 14.225  5.042   -11.725 1.00 30.30 ? 40  LYS A CB  1 
ATOM   315  C  CG  . LYS A 1 40 ? 14.939  6.371   -11.570 1.00 31.66 ? 40  LYS A CG  1 
ATOM   316  C  CD  . LYS A 1 40 ? 15.614  6.758   -12.877 1.00 32.63 ? 40  LYS A CD  1 
ATOM   317  C  CE  . LYS A 1 40 ? 16.101  8.198   -12.861 1.00 33.16 ? 40  LYS A CE  1 
ATOM   318  N  NZ  . LYS A 1 40 ? 16.733  8.567   -14.161 1.00 33.97 ? 40  LYS A NZ  1 
ATOM   319  N  N   . ASP A 1 41 ? 12.564  2.347   -10.939 1.00 28.18 ? 41  ASP A N   1 
ATOM   320  C  CA  . ASP A 1 41 ? 11.554  1.402   -11.393 1.00 27.28 ? 41  ASP A CA  1 
ATOM   321  C  C   . ASP A 1 41 ? 10.587  0.894   -10.328 1.00 25.98 ? 41  ASP A C   1 
ATOM   322  O  O   . ASP A 1 41 ? 9.501   0.410   -10.654 1.00 25.91 ? 41  ASP A O   1 
ATOM   323  C  CB  . ASP A 1 41 ? 12.235  0.200   -12.049 1.00 29.25 ? 41  ASP A CB  1 
ATOM   324  C  CG  . ASP A 1 41 ? 13.015  0.575   -13.292 1.00 31.45 ? 41  ASP A CG  1 
ATOM   325  O  OD1 . ASP A 1 41 ? 14.053  1.266   -13.168 1.00 32.45 ? 41  ASP A OD1 1 
ATOM   326  O  OD2 . ASP A 1 41 ? 12.581  0.177   -14.394 1.00 32.50 ? 41  ASP A OD2 1 
ATOM   327  N  N   . ASN A 1 42 ? 10.957  1.013   -9.059  1.00 24.18 ? 42  ASN A N   1 
ATOM   328  C  CA  . ASN A 1 42 ? 10.096  0.488   -8.003  1.00 22.34 ? 42  ASN A CA  1 
ATOM   329  C  C   . ASN A 1 42 ? 9.416   1.463   -7.050  1.00 21.12 ? 42  ASN A C   1 
ATOM   330  O  O   . ASN A 1 42 ? 8.716   1.039   -6.131  1.00 19.94 ? 42  ASN A O   1 
ATOM   331  C  CB  . ASN A 1 42 ? 10.883  -0.553  -7.215  1.00 22.46 ? 42  ASN A CB  1 
ATOM   332  C  CG  . ASN A 1 42 ? 11.320  -1.710  -8.084  1.00 22.91 ? 42  ASN A CG  1 
ATOM   333  O  OD1 . ASN A 1 42 ? 10.504  -2.539  -8.488  1.00 22.95 ? 42  ASN A OD1 1 
ATOM   334  N  ND2 . ASN A 1 42 ? 12.606  -1.760  -8.397  1.00 22.65 ? 42  ASN A ND2 1 
ATOM   335  N  N   . VAL A 1 43 ? 9.615   2.758   -7.257  1.00 20.18 ? 43  VAL A N   1 
ATOM   336  C  CA  . VAL A 1 43 ? 8.965   3.751   -6.407  1.00 19.79 ? 43  VAL A CA  1 
ATOM   337  C  C   . VAL A 1 43 ? 7.493   3.847   -6.803  1.00 20.05 ? 43  VAL A C   1 
ATOM   338  O  O   . VAL A 1 43 ? 7.149   3.692   -7.979  1.00 20.42 ? 43  VAL A O   1 
ATOM   339  C  CB  . VAL A 1 43 ? 9.612   5.142   -6.562  1.00 20.09 ? 43  VAL A CB  1 
ATOM   340  C  CG1 . VAL A 1 43 ? 10.960  5.177   -5.845  1.00 19.50 ? 43  VAL A CG1 1 
ATOM   341  C  CG2 . VAL A 1 43 ? 9.797   5.462   -8.037  1.00 19.29 ? 43  VAL A CG2 1 
ATOM   342  N  N   . ASN A 1 44 ? 6.626   4.100   -5.827  1.00 19.98 ? 44  ASN A N   1 
ATOM   343  C  CA  . ASN A 1 44 ? 5.191   4.216   -6.088  1.00 20.75 ? 44  ASN A CA  1 
ATOM   344  C  C   . ASN A 1 44 ? 4.711   3.040   -6.921  1.00 21.59 ? 44  ASN A C   1 
ATOM   345  O  O   . ASN A 1 44 ? 3.778   3.182   -7.716  1.00 22.12 ? 44  ASN A O   1 
ATOM   346  C  CB  . ASN A 1 44 ? 4.899   5.508   -6.855  1.00 19.62 ? 44  ASN A CB  1 
ATOM   347  C  CG  . ASN A 1 44 ? 5.432   6.727   -6.154  1.00 19.39 ? 44  ASN A CG  1 
ATOM   348  O  OD1 . ASN A 1 44 ? 5.265   6.871   -4.945  1.00 19.35 ? 44  ASN A OD1 1 
ATOM   349  N  ND2 . ASN A 1 44 ? 6.073   7.621   -6.907  1.00 18.38 ? 44  ASN A ND2 1 
ATOM   350  N  N   . ASN A 1 45 ? 5.325   1.875   -6.722  1.00 22.60 ? 45  ASN A N   1 
ATOM   351  C  CA  . ASN A 1 45 ? 4.986   0.705   -7.521  1.00 23.45 ? 45  ASN A CA  1 
ATOM   352  C  C   . ASN A 1 45 ? 4.888   -0.616  -6.746  1.00 23.21 ? 45  ASN A C   1 
ATOM   353  O  O   . ASN A 1 45 ? 5.634   -1.554  -7.031  1.00 24.03 ? 45  ASN A O   1 
ATOM   354  C  CB  . ASN A 1 45 ? 6.033   0.569   -8.636  1.00 25.91 ? 45  ASN A CB  1 
ATOM   355  C  CG  . ASN A 1 45 ? 5.448   0.079   -9.951  1.00 27.41 ? 45  ASN A CG  1 
ATOM   356  O  OD1 . ASN A 1 45 ? 6.154   0.005   -10.961 1.00 29.18 ? 45  ASN A OD1 1 
ATOM   357  N  ND2 . ASN A 1 45 ? 4.163   -0.256  -9.950  1.00 28.41 ? 45  ASN A ND2 1 
ATOM   358  N  N   . GLY A 1 46 ? 3.987   -0.687  -5.769  1.00 21.77 ? 46  GLY A N   1 
ATOM   359  C  CA  . GLY A 1 46 ? 3.805   -1.928  -5.025  1.00 19.61 ? 46  GLY A CA  1 
ATOM   360  C  C   . GLY A 1 46 ? 4.512   -2.124  -3.698  1.00 18.56 ? 46  GLY A C   1 
ATOM   361  O  O   . GLY A 1 46 ? 5.366   -1.327  -3.302  1.00 17.60 ? 46  GLY A O   1 
ATOM   362  N  N   . CYS A 1 47 ? 4.145   -3.211  -3.019  1.00 17.29 ? 47  CYS A N   1 
ATOM   363  C  CA  . CYS A 1 47 ? 4.710   -3.571  -1.720  1.00 17.46 ? 47  CYS A CA  1 
ATOM   364  C  C   . CYS A 1 47 ? 5.682   -4.736  -1.792  1.00 16.89 ? 47  CYS A C   1 
ATOM   365  O  O   . CYS A 1 47 ? 5.546   -5.627  -2.627  1.00 17.08 ? 47  CYS A O   1 
ATOM   366  C  CB  . CYS A 1 47 ? 3.607   -3.957  -0.734  1.00 18.17 ? 47  CYS A CB  1 
ATOM   367  S  SG  . CYS A 1 47 ? 2.720   -2.583  -0.011  1.00 22.84 ? 47  CYS A SG  1 
ATOM   368  N  N   . PHE A 1 48 ? 6.637   -4.738  -0.869  1.00 15.04 ? 48  PHE A N   1 
ATOM   369  C  CA  . PHE A 1 48 ? 7.647   -5.790  -0.793  1.00 13.90 ? 48  PHE A CA  1 
ATOM   370  C  C   . PHE A 1 48 ? 7.618   -6.414  0.593   1.00 13.83 ? 48  PHE A C   1 
ATOM   371  O  O   . PHE A 1 48 ? 7.544   -5.705  1.590   1.00 11.61 ? 48  PHE A O   1 
ATOM   372  C  CB  . PHE A 1 48 ? 9.045   -5.209  -1.033  1.00 13.80 ? 48  PHE A CB  1 
ATOM   373  C  CG  . PHE A 1 48 ? 9.288   -4.764  -2.438  1.00 15.49 ? 48  PHE A CG  1 
ATOM   374  C  CD1 . PHE A 1 48 ? 8.614   -3.666  -2.966  1.00 15.99 ? 48  PHE A CD1 1 
ATOM   375  C  CD2 . PHE A 1 48 ? 10.189  -5.451  -3.244  1.00 16.48 ? 48  PHE A CD2 1 
ATOM   376  C  CE1 . PHE A 1 48 ? 8.832   -3.258  -4.275  1.00 17.21 ? 48  PHE A CE1 1 
ATOM   377  C  CE2 . PHE A 1 48 ? 10.416  -5.053  -4.557  1.00 17.27 ? 48  PHE A CE2 1 
ATOM   378  C  CZ  . PHE A 1 48 ? 9.739   -3.957  -5.076  1.00 17.43 ? 48  PHE A CZ  1 
ATOM   379  N  N   . ASP A 1 49 ? 7.684   -7.740  0.662   1.00 14.45 ? 49  ASP A N   1 
ATOM   380  C  CA  . ASP A 1 49 ? 7.691   -8.411  1.952   1.00 15.40 ? 49  ASP A CA  1 
ATOM   381  C  C   . ASP A 1 49 ? 9.056   -8.125  2.562   1.00 14.93 ? 49  ASP A C   1 
ATOM   382  O  O   . ASP A 1 49 ? 10.050  -8.056  1.847   1.00 15.93 ? 49  ASP A O   1 
ATOM   383  C  CB  . ASP A 1 49 ? 7.516   -9.925  1.783   1.00 17.68 ? 49  ASP A CB  1 
ATOM   384  C  CG  . ASP A 1 49 ? 7.419   -10.660 3.119   1.00 19.70 ? 49  ASP A CG  1 
ATOM   385  O  OD1 . ASP A 1 49 ? 6.393   -10.516 3.811   1.00 21.97 ? 49  ASP A OD1 1 
ATOM   386  O  OD2 . ASP A 1 49 ? 8.370   -11.381 3.490   1.00 22.33 ? 49  ASP A OD2 1 
ATOM   387  N  N   . VAL A 1 50 ? 9.106   -7.947  3.875   1.00 14.87 ? 50  VAL A N   1 
ATOM   388  C  CA  . VAL A 1 50 ? 10.375  -7.684  4.547   1.00 14.06 ? 50  VAL A CA  1 
ATOM   389  C  C   . VAL A 1 50 ? 10.974  -8.993  5.037   1.00 14.27 ? 50  VAL A C   1 
ATOM   390  O  O   . VAL A 1 50 ? 10.366  -9.690  5.846   1.00 15.76 ? 50  VAL A O   1 
ATOM   391  C  CB  . VAL A 1 50 ? 10.197  -6.745  5.755   1.00 14.04 ? 50  VAL A CB  1 
ATOM   392  C  CG1 . VAL A 1 50 ? 11.522  -6.606  6.517   1.00 13.40 ? 50  VAL A CG1 1 
ATOM   393  C  CG2 . VAL A 1 50 ? 9.733   -5.388  5.282   1.00 12.98 ? 50  VAL A CG2 1 
ATOM   394  N  N   . ILE A 1 51 ? 12.162  -9.318  4.539   1.00 13.99 ? 51  ILE A N   1 
ATOM   395  C  CA  . ILE A 1 51 ? 12.857  -10.544 4.904   1.00 14.04 ? 51  ILE A CA  1 
ATOM   396  C  C   . ILE A 1 51 ? 13.784  -10.270 6.079   1.00 13.55 ? 51  ILE A C   1 
ATOM   397  O  O   . ILE A 1 51 ? 14.084  -9.116  6.389   1.00 13.12 ? 51  ILE A O   1 
ATOM   398  C  CB  . ILE A 1 51 ? 13.692  -11.092 3.724   1.00 14.70 ? 51  ILE A CB  1 
ATOM   399  C  CG1 . ILE A 1 51 ? 14.737  -10.054 3.302   1.00 13.87 ? 51  ILE A CG1 1 
ATOM   400  C  CG2 . ILE A 1 51 ? 12.772  -11.446 2.549   1.00 15.42 ? 51  ILE A CG2 1 
ATOM   401  C  CD1 . ILE A 1 51 ? 15.711  -10.551 2.241   1.00 15.35 ? 51  ILE A CD1 1 
ATOM   402  N  N   . ALA A 1 52 ? 14.239  -11.338 6.725   1.00 13.61 ? 52  ALA A N   1 
ATOM   403  C  CA  . ALA A 1 52 ? 15.112  -11.228 7.891   1.00 12.92 ? 52  ALA A CA  1 
ATOM   404  C  C   . ALA A 1 52 ? 16.336  -10.320 7.757   1.00 12.68 ? 52  ALA A C   1 
ATOM   405  O  O   . ALA A 1 52 ? 16.630  -9.539  8.667   1.00 10.83 ? 52  ALA A O   1 
ATOM   406  C  CB  . ALA A 1 52 ? 15.548  -12.622 8.330   1.00 13.53 ? 52  ALA A CB  1 
ATOM   407  N  N   . GLU A 1 53 ? 17.051  -10.414 6.636   1.00 12.12 ? 53  GLU A N   1 
ATOM   408  C  CA  . GLU A 1 53 ? 18.252  -9.603  6.440   1.00 12.92 ? 53  GLU A CA  1 
ATOM   409  C  C   . GLU A 1 53 ? 17.992  -8.103  6.390   1.00 12.97 ? 53  GLU A C   1 
ATOM   410  O  O   . GLU A 1 53 ? 18.916  -7.304  6.562   1.00 13.24 ? 53  GLU A O   1 
ATOM   411  C  CB  . GLU A 1 53 ? 18.990  -10.024 5.155   1.00 12.93 ? 53  GLU A CB  1 
ATOM   412  C  CG  . GLU A 1 53 ? 19.720  -11.373 5.256   1.00 13.24 ? 53  GLU A CG  1 
ATOM   413  C  CD  . GLU A 1 53 ? 18.836  -12.576 4.954   1.00 12.46 ? 53  GLU A CD  1 
ATOM   414  O  OE1 . GLU A 1 53 ? 17.601  -12.498 5.132   1.00 13.20 ? 53  GLU A OE1 1 
ATOM   415  O  OE2 . GLU A 1 53 ? 19.386  -13.621 4.545   1.00 11.69 ? 53  GLU A OE2 1 
ATOM   416  N  N   . TRP A 1 54 ? 16.740  -7.733  6.135   1.00 13.05 ? 54  TRP A N   1 
ATOM   417  C  CA  . TRP A 1 54 ? 16.332  -6.333  6.031   1.00 13.31 ? 54  TRP A CA  1 
ATOM   418  C  C   . TRP A 1 54 ? 16.058  -5.662  7.371   1.00 13.77 ? 54  TRP A C   1 
ATOM   419  O  O   . TRP A 1 54 ? 16.189  -4.443  7.503   1.00 13.88 ? 54  TRP A O   1 
ATOM   420  C  CB  . TRP A 1 54 ? 15.072  -6.227  5.174   1.00 12.77 ? 54  TRP A CB  1 
ATOM   421  C  CG  . TRP A 1 54 ? 15.307  -6.225  3.685   1.00 12.87 ? 54  TRP A CG  1 
ATOM   422  C  CD1 . TRP A 1 54 ? 16.425  -6.642  3.017   1.00 13.51 ? 54  TRP A CD1 1 
ATOM   423  C  CD2 . TRP A 1 54 ? 14.372  -5.807  2.686   1.00 12.83 ? 54  TRP A CD2 1 
ATOM   424  N  NE1 . TRP A 1 54 ? 16.239  -6.507  1.653   1.00 12.87 ? 54  TRP A NE1 1 
ATOM   425  C  CE2 . TRP A 1 54 ? 14.988  -5.997  1.426   1.00 12.96 ? 54  TRP A CE2 1 
ATOM   426  C  CE3 . TRP A 1 54 ? 13.068  -5.292  2.734   1.00 13.48 ? 54  TRP A CE3 1 
ATOM   427  C  CZ2 . TRP A 1 54 ? 14.341  -5.689  0.221   1.00 14.25 ? 54  TRP A CZ2 1 
ATOM   428  C  CZ3 . TRP A 1 54 ? 12.422  -4.986  1.537   1.00 13.59 ? 54  TRP A CZ3 1 
ATOM   429  C  CH2 . TRP A 1 54 ? 13.062  -5.186  0.295   1.00 13.86 ? 54  TRP A CH2 1 
ATOM   430  N  N   . VAL A 1 55 ? 15.663  -6.460  8.356   1.00 13.78 ? 55  VAL A N   1 
ATOM   431  C  CA  . VAL A 1 55 ? 15.344  -5.942  9.681   1.00 14.58 ? 55  VAL A CA  1 
ATOM   432  C  C   . VAL A 1 55 ? 16.346  -4.937  10.258  1.00 14.41 ? 55  VAL A C   1 
ATOM   433  O  O   . VAL A 1 55 ? 15.978  -3.801  10.546  1.00 14.98 ? 55  VAL A O   1 
ATOM   434  C  CB  . VAL A 1 55 ? 15.128  -7.101  10.686  1.00 15.34 ? 55  VAL A CB  1 
ATOM   435  C  CG1 . VAL A 1 55 ? 14.975  -6.557  12.109  1.00 16.37 ? 55  VAL A CG1 1 
ATOM   436  C  CG2 . VAL A 1 55 ? 13.875  -7.880  10.304  1.00 15.70 ? 55  VAL A CG2 1 
ATOM   437  N  N   . PRO A 1 56 ? 17.627  -5.328  10.420  1.00 14.52 ? 56  PRO A N   1 
ATOM   438  C  CA  . PRO A 1 56 ? 18.617  -4.397  10.976  1.00 13.82 ? 56  PRO A CA  1 
ATOM   439  C  C   . PRO A 1 56 ? 18.924  -3.171  10.121  1.00 13.59 ? 56  PRO A C   1 
ATOM   440  O  O   . PRO A 1 56 ? 19.308  -2.115  10.640  1.00 13.05 ? 56  PRO A O   1 
ATOM   441  C  CB  . PRO A 1 56 ? 19.852  -5.285  11.184  1.00 14.56 ? 56  PRO A CB  1 
ATOM   442  C  CG  . PRO A 1 56 ? 19.725  -6.292  10.088  1.00 15.54 ? 56  PRO A CG  1 
ATOM   443  C  CD  . PRO A 1 56 ? 18.247  -6.629  10.108  1.00 14.23 ? 56  PRO A CD  1 
ATOM   444  N  N   . LEU A 1 57 ? 18.767  -3.313  8.809   1.00 13.26 ? 57  LEU A N   1 
ATOM   445  C  CA  . LEU A 1 57 ? 19.028  -2.210  7.898   1.00 13.37 ? 57  LEU A CA  1 
ATOM   446  C  C   . LEU A 1 57 ? 17.886  -1.194  7.927   1.00 12.85 ? 57  LEU A C   1 
ATOM   447  O  O   . LEU A 1 57 ? 18.100  -0.005  7.694   1.00 13.16 ? 57  LEU A O   1 
ATOM   448  C  CB  . LEU A 1 57 ? 19.214  -2.740  6.477   1.00 13.93 ? 57  LEU A CB  1 
ATOM   449  C  CG  . LEU A 1 57 ? 20.427  -3.645  6.253   1.00 14.42 ? 57  LEU A CG  1 
ATOM   450  C  CD1 . LEU A 1 57 ? 20.317  -4.310  4.884   1.00 14.79 ? 57  LEU A CD1 1 
ATOM   451  C  CD2 . LEU A 1 57 ? 21.718  -2.830  6.375   1.00 14.36 ? 57  LEU A CD2 1 
ATOM   452  N  N   . LEU A 1 58 ? 16.678  -1.661  8.226   1.00 12.46 ? 58  LEU A N   1 
ATOM   453  C  CA  . LEU A 1 58 ? 15.514  -0.775  8.282   1.00 12.37 ? 58  LEU A CA  1 
ATOM   454  C  C   . LEU A 1 58 ? 15.266  -0.202  9.673   1.00 12.27 ? 58  LEU A C   1 
ATOM   455  O  O   . LEU A 1 58 ? 14.788  0.921   9.811   1.00 11.89 ? 58  LEU A O   1 
ATOM   456  C  CB  . LEU A 1 58 ? 14.254  -1.525  7.846   1.00 12.77 ? 58  LEU A CB  1 
ATOM   457  C  CG  . LEU A 1 58 ? 14.162  -2.060  6.418   1.00 14.07 ? 58  LEU A CG  1 
ATOM   458  C  CD1 . LEU A 1 58 ? 12.899  -2.906  6.288   1.00 15.01 ? 58  LEU A CD1 1 
ATOM   459  C  CD2 . LEU A 1 58 ? 14.145  -0.893  5.426   1.00 15.15 ? 58  LEU A CD2 1 
ATOM   460  N  N   . GLN A 1 59 ? 15.609  -0.964  10.704  1.00 12.18 ? 59  GLN A N   1 
ATOM   461  C  CA  . GLN A 1 59 ? 15.351  -0.526  12.076  1.00 13.05 ? 59  GLN A CA  1 
ATOM   462  C  C   . GLN A 1 59 ? 15.804  0.876   12.458  1.00 13.46 ? 59  GLN A C   1 
ATOM   463  O  O   . GLN A 1 59 ? 15.089  1.586   13.171  1.00 13.80 ? 59  GLN A O   1 
ATOM   464  C  CB  . GLN A 1 59 ? 15.925  -1.525  13.079  1.00 13.71 ? 59  GLN A CB  1 
ATOM   465  C  CG  . GLN A 1 59 ? 15.469  -1.258  14.524  1.00 14.56 ? 59  GLN A CG  1 
ATOM   466  C  CD  . GLN A 1 59 ? 13.958  -1.387  14.704  1.00 13.96 ? 59  GLN A CD  1 
ATOM   467  O  OE1 . GLN A 1 59 ? 13.429  -2.486  14.839  1.00 13.20 ? 59  GLN A OE1 1 
ATOM   468  N  NE2 . GLN A 1 59 ? 13.262  -0.254  14.705  1.00 16.23 ? 59  GLN A NE2 1 
ATOM   469  N  N   . PRO A 1 60 ? 16.992  1.303   12.005  1.00 13.72 ? 60  PRO A N   1 
ATOM   470  C  CA  . PRO A 1 60 ? 17.397  2.657   12.399  1.00 14.06 ? 60  PRO A CA  1 
ATOM   471  C  C   . PRO A 1 60 ? 16.490  3.790   11.929  1.00 14.07 ? 60  PRO A C   1 
ATOM   472  O  O   . PRO A 1 60 ? 16.619  4.927   12.399  1.00 14.35 ? 60  PRO A O   1 
ATOM   473  C  CB  . PRO A 1 60 ? 18.829  2.774   11.853  1.00 14.57 ? 60  PRO A CB  1 
ATOM   474  C  CG  . PRO A 1 60 ? 18.885  1.769   10.740  1.00 15.20 ? 60  PRO A CG  1 
ATOM   475  C  CD  . PRO A 1 60 ? 18.061  0.614   11.257  1.00 14.75 ? 60  PRO A CD  1 
ATOM   476  N  N   . TYR A 1 61 ? 15.544  3.486   11.042  1.00 13.07 ? 61  TYR A N   1 
ATOM   477  C  CA  . TYR A 1 61 ? 14.660  4.529   10.506  1.00 12.78 ? 61  TYR A CA  1 
ATOM   478  C  C   . TYR A 1 61 ? 13.257  4.553   11.102  1.00 12.46 ? 61  TYR A C   1 
ATOM   479  O  O   . TYR A 1 61 ? 12.452  5.442   10.785  1.00 11.92 ? 61  TYR A O   1 
ATOM   480  C  CB  . TYR A 1 61 ? 14.563  4.380   8.981   1.00 13.74 ? 61  TYR A CB  1 
ATOM   481  C  CG  . TYR A 1 61 ? 15.914  4.420   8.293   1.00 15.09 ? 61  TYR A CG  1 
ATOM   482  C  CD1 . TYR A 1 61 ? 16.711  5.568   8.337   1.00 15.27 ? 61  TYR A CD1 1 
ATOM   483  C  CD2 . TYR A 1 61 ? 16.413  3.296   7.637   1.00 15.72 ? 61  TYR A CD2 1 
ATOM   484  C  CE1 . TYR A 1 61 ? 17.978  5.587   7.747   1.00 17.07 ? 61  TYR A CE1 1 
ATOM   485  C  CE2 . TYR A 1 61 ? 17.678  3.305   7.044   1.00 17.19 ? 61  TYR A CE2 1 
ATOM   486  C  CZ  . TYR A 1 61 ? 18.451  4.450   7.106   1.00 17.83 ? 61  TYR A CZ  1 
ATOM   487  O  OH  . TYR A 1 61 ? 19.711  4.452   6.546   1.00 19.92 ? 61  TYR A OH  1 
ATOM   488  N  N   . PHE A 1 62 ? 12.970  3.598   11.978  1.00 11.36 ? 62  PHE A N   1 
ATOM   489  C  CA  . PHE A 1 62 ? 11.645  3.501   12.582  1.00 10.69 ? 62  PHE A CA  1 
ATOM   490  C  C   . PHE A 1 62 ? 11.670  3.384   14.101  1.00 10.93 ? 62  PHE A C   1 
ATOM   491  O  O   . PHE A 1 62 ? 12.598  2.802   14.676  1.00 10.27 ? 62  PHE A O   1 
ATOM   492  C  CB  . PHE A 1 62 ? 10.913  2.284   12.004  1.00 10.47 ? 62  PHE A CB  1 
ATOM   493  C  CG  . PHE A 1 62 ? 10.761  2.324   10.509  1.00 10.11 ? 62  PHE A CG  1 
ATOM   494  C  CD1 . PHE A 1 62 ? 9.725   3.050   9.920   1.00 10.21 ? 62  PHE A CD1 1 
ATOM   495  C  CD2 . PHE A 1 62 ? 11.669  1.662   9.686   1.00 10.43 ? 62  PHE A CD2 1 
ATOM   496  C  CE1 . PHE A 1 62 ? 9.598   3.111   8.533   1.00 9.74  ? 62  PHE A CE1 1 
ATOM   497  C  CE2 . PHE A 1 62 ? 11.552  1.722   8.292   1.00 10.30 ? 62  PHE A CE2 1 
ATOM   498  C  CZ  . PHE A 1 62 ? 10.510  2.448   7.718   1.00 9.94  ? 62  PHE A CZ  1 
ATOM   499  N  N   . ASN A 1 63 ? 10.641  3.946   14.734  1.00 10.95 ? 63  ASN A N   1 
ATOM   500  C  CA  . ASN A 1 63 ? 10.473  3.894   16.182  1.00 11.49 ? 63  ASN A CA  1 
ATOM   501  C  C   . ASN A 1 63 ? 9.876   2.535   16.527  1.00 12.46 ? 63  ASN A C   1 
ATOM   502  O  O   . ASN A 1 63 ? 10.210  1.945   17.553  1.00 11.90 ? 63  ASN A O   1 
ATOM   503  C  CB  . ASN A 1 63 ? 9.545   5.019   16.654  1.00 11.73 ? 63  ASN A CB  1 
ATOM   504  C  CG  . ASN A 1 63 ? 10.281  6.334   16.848  1.00 12.70 ? 63  ASN A CG  1 
ATOM   505  O  OD1 . ASN A 1 63 ? 11.368  6.532   16.309  1.00 13.36 ? 63  ASN A OD1 1 
ATOM   506  N  ND2 . ASN A 1 63 ? 9.683   7.246   17.612  1.00 13.58 ? 63  ASN A ND2 1 
ATOM   507  N  N   . HIS A 1 64 ? 8.986   2.044   15.665  1.00 12.95 ? 64  HIS A N   1 
ATOM   508  C  CA  . HIS A 1 64 ? 8.381   0.732   15.885  1.00 13.65 ? 64  HIS A CA  1 
ATOM   509  C  C   . HIS A 1 64 ? 9.486   -0.321  15.909  1.00 14.32 ? 64  HIS A C   1 
ATOM   510  O  O   . HIS A 1 64 ? 10.322  -0.366  15.010  1.00 13.75 ? 64  HIS A O   1 
ATOM   511  C  CB  . HIS A 1 64 ? 7.412   0.385   14.754  1.00 13.15 ? 64  HIS A CB  1 
ATOM   512  C  CG  . HIS A 1 64 ? 6.950   -1.040  14.781  1.00 12.90 ? 64  HIS A CG  1 
ATOM   513  N  ND1 . HIS A 1 64 ? 6.080   -1.518  15.736  1.00 12.60 ? 64  HIS A ND1 1 
ATOM   514  C  CD2 . HIS A 1 64 ? 7.278   -2.101  14.006  1.00 12.71 ? 64  HIS A CD2 1 
ATOM   515  C  CE1 . HIS A 1 64 ? 5.892   -2.814  15.550  1.00 12.85 ? 64  HIS A CE1 1 
ATOM   516  N  NE2 . HIS A 1 64 ? 6.608   -3.193  14.508  1.00 12.80 ? 64  HIS A NE2 1 
ATOM   517  N  N   . GLN A 1 65 ? 9.473   -1.175  16.925  1.00 16.18 ? 65  GLN A N   1 
ATOM   518  C  CA  . GLN A 1 65 ? 10.466  -2.240  17.057  1.00 17.31 ? 65  GLN A CA  1 
ATOM   519  C  C   . GLN A 1 65 ? 10.058  -3.415  16.168  1.00 17.40 ? 65  GLN A C   1 
ATOM   520  O  O   . GLN A 1 65 ? 9.166   -4.188  16.519  1.00 17.75 ? 65  GLN A O   1 
ATOM   521  C  CB  . GLN A 1 65 ? 10.543  -2.709  18.515  1.00 18.78 ? 65  GLN A CB  1 
ATOM   522  C  CG  . GLN A 1 65 ? 10.818  -1.611  19.529  1.00 21.38 ? 65  GLN A CG  1 
ATOM   523  C  CD  . GLN A 1 65 ? 12.201  -1.001  19.384  1.00 22.34 ? 65  GLN A CD  1 
ATOM   524  O  OE1 . GLN A 1 65 ? 13.219  -1.688  19.527  1.00 23.41 ? 65  GLN A OE1 1 
ATOM   525  N  NE2 . GLN A 1 65 ? 12.247  0.298   19.110  1.00 24.22 ? 65  GLN A NE2 1 
ATOM   526  N  N   . ILE A 1 66 ? 10.728  -3.552  15.029  1.00 17.72 ? 66  ILE A N   1 
ATOM   527  C  CA  . ILE A 1 66 ? 10.426  -4.609  14.068  1.00 17.87 ? 66  ILE A CA  1 
ATOM   528  C  C   . ILE A 1 66 ? 10.688  -6.018  14.593  1.00 18.65 ? 66  ILE A C   1 
ATOM   529  O  O   . ILE A 1 66 ? 11.828  -6.375  14.894  1.00 18.84 ? 66  ILE A O   1 
ATOM   530  C  CB  . ILE A 1 66 ? 11.239  -4.410  12.763  1.00 17.63 ? 66  ILE A CB  1 
ATOM   531  C  CG1 . ILE A 1 66 ? 10.884  -3.060  12.131  1.00 16.53 ? 66  ILE A CG1 1 
ATOM   532  C  CG2 . ILE A 1 66 ? 10.958  -5.554  11.783  1.00 18.56 ? 66  ILE A CG2 1 
ATOM   533  C  CD1 . ILE A 1 66 ? 11.778  -2.659  10.939  1.00 16.10 ? 66  ILE A CD1 1 
ATOM   534  N  N   . ASP A 1 67 ? 9.622   -6.807  14.706  1.00 19.51 ? 67  ASP A N   1 
ATOM   535  C  CA  . ASP A 1 67 ? 9.732   -8.193  15.158  1.00 20.50 ? 67  ASP A CA  1 
ATOM   536  C  C   . ASP A 1 67 ? 8.979   -9.091  14.183  1.00 20.63 ? 67  ASP A C   1 
ATOM   537  O  O   . ASP A 1 67 ? 7.747   -9.151  14.194  1.00 19.43 ? 67  ASP A O   1 
ATOM   538  C  CB  . ASP A 1 67 ? 9.142   -8.371  16.556  1.00 22.54 ? 67  ASP A CB  1 
ATOM   539  C  CG  . ASP A 1 67 ? 9.205   -9.809  17.017  1.00 24.08 ? 67  ASP A CG  1 
ATOM   540  O  OD1 . ASP A 1 67 ? 10.308  -10.385 16.961  1.00 25.43 ? 67  ASP A OD1 1 
ATOM   541  O  OD2 . ASP A 1 67 ? 8.164   -10.365 17.424  1.00 26.42 ? 67  ASP A OD2 1 
ATOM   542  N  N   . ILE A 1 68 ? 9.732   -9.786  13.341  1.00 20.80 ? 68  ILE A N   1 
ATOM   543  C  CA  . ILE A 1 68 ? 9.151   -10.657 12.333  1.00 21.42 ? 68  ILE A CA  1 
ATOM   544  C  C   . ILE A 1 68 ? 8.612   -11.972 12.876  1.00 22.00 ? 68  ILE A C   1 
ATOM   545  O  O   . ILE A 1 68 ? 8.077   -12.783 12.126  1.00 21.37 ? 68  ILE A O   1 
ATOM   546  C  CB  . ILE A 1 68 ? 10.175  -10.942 11.229  1.00 21.46 ? 68  ILE A CB  1 
ATOM   547  C  CG1 . ILE A 1 68 ? 11.445  -11.544 11.838  1.00 21.47 ? 68  ILE A CG1 1 
ATOM   548  C  CG2 . ILE A 1 68 ? 10.498  -9.644  10.484  1.00 20.99 ? 68  ILE A CG2 1 
ATOM   549  C  CD1 . ILE A 1 68 ? 12.581  -11.694 10.851  1.00 21.94 ? 68  ILE A CD1 1 
ATOM   550  N  N   . SER A 1 69 ? 8.755   -12.186 14.178  1.00 23.34 ? 69  SER A N   1 
ATOM   551  C  CA  . SER A 1 69 ? 8.244   -13.401 14.797  1.00 24.80 ? 69  SER A CA  1 
ATOM   552  C  C   . SER A 1 69 ? 6.780   -13.207 15.163  1.00 25.29 ? 69  SER A C   1 
ATOM   553  O  O   . SER A 1 69 ? 6.008   -14.162 15.207  1.00 26.46 ? 69  SER A O   1 
ATOM   554  C  CB  . SER A 1 69 ? 9.047   -13.743 16.054  1.00 24.80 ? 69  SER A CB  1 
ATOM   555  O  OG  . SER A 1 69 ? 10.324  -14.234 15.708  1.00 27.15 ? 69  SER A OG  1 
ATOM   556  N  N   . ASP A 1 70 ? 6.399   -11.961 15.420  1.00 25.83 ? 70  ASP A N   1 
ATOM   557  C  CA  . ASP A 1 70 ? 5.025   -11.652 15.786  1.00 25.57 ? 70  ASP A CA  1 
ATOM   558  C  C   . ASP A 1 70 ? 4.232   -11.019 14.661  1.00 25.08 ? 70  ASP A C   1 
ATOM   559  O  O   . ASP A 1 70 ? 3.034   -11.256 14.532  1.00 25.33 ? 70  ASP A O   1 
ATOM   560  C  CB  . ASP A 1 70 ? 4.996   -10.718 16.994  1.00 26.76 ? 70  ASP A CB  1 
ATOM   561  C  CG  . ASP A 1 70 ? 5.340   -11.429 18.278  1.00 27.43 ? 70  ASP A CG  1 
ATOM   562  O  OD1 . ASP A 1 70 ? 4.602   -12.365 18.645  1.00 28.89 ? 70  ASP A OD1 1 
ATOM   563  O  OD2 . ASP A 1 70 ? 6.344   -11.056 18.920  1.00 27.95 ? 70  ASP A OD2 1 
ATOM   564  N  N   . ASN A 1 71 ? 4.902   -10.221 13.838  1.00 24.09 ? 71  ASN A N   1 
ATOM   565  C  CA  . ASN A 1 71 ? 4.219   -9.538  12.750  1.00 22.99 ? 71  ASN A CA  1 
ATOM   566  C  C   . ASN A 1 71 ? 4.752   -9.823  11.356  1.00 22.21 ? 71  ASN A C   1 
ATOM   567  O  O   . ASN A 1 71 ? 5.870   -10.304 11.171  1.00 22.16 ? 71  ASN A O   1 
ATOM   568  C  CB  . ASN A 1 71 ? 4.270   -8.025  12.971  1.00 22.75 ? 71  ASN A CB  1 
ATOM   569  C  CG  . ASN A 1 71 ? 3.743   -7.616  14.328  1.00 23.24 ? 71  ASN A CG  1 
ATOM   570  O  OD1 . ASN A 1 71 ? 2.647   -8.011  14.730  1.00 23.48 ? 71  ASN A OD1 1 
ATOM   571  N  ND2 . ASN A 1 71 ? 4.520   -6.811  15.042  1.00 22.85 ? 71  ASN A ND2 1 
ATOM   572  N  N   . GLU A 1 72 ? 3.917   -9.504  10.377  1.00 20.99 ? 72  GLU A N   1 
ATOM   573  C  CA  . GLU A 1 72 ? 4.254   -9.645  8.969   1.00 20.53 ? 72  GLU A CA  1 
ATOM   574  C  C   . GLU A 1 72 ? 4.489   -8.199  8.560   1.00 19.13 ? 72  GLU A C   1 
ATOM   575  O  O   . GLU A 1 72 ? 3.705   -7.327  8.934   1.00 19.17 ? 72  GLU A O   1 
ATOM   576  C  CB  . GLU A 1 72 ? 3.064   -10.225 8.200   1.00 22.01 ? 72  GLU A CB  1 
ATOM   577  C  CG  . GLU A 1 72 ? 2.840   -11.706 8.425   1.00 25.63 ? 72  GLU A CG  1 
ATOM   578  C  CD  . GLU A 1 72 ? 3.683   -12.559 7.499   1.00 27.62 ? 72  GLU A CD  1 
ATOM   579  O  OE1 . GLU A 1 72 ? 4.893   -12.275 7.365   1.00 28.68 ? 72  GLU A OE1 1 
ATOM   580  O  OE2 . GLU A 1 72 ? 3.135   -13.514 6.903   1.00 30.37 ? 72  GLU A OE2 1 
ATOM   581  N  N   . TYR A 1 73 ? 5.563   -7.932  7.825   1.00 16.98 ? 73  TYR A N   1 
ATOM   582  C  CA  . TYR A 1 73 ? 5.853   -6.562  7.413   1.00 15.63 ? 73  TYR A CA  1 
ATOM   583  C  C   . TYR A 1 73 ? 5.914   -6.375  5.902   1.00 15.32 ? 73  TYR A C   1 
ATOM   584  O  O   . TYR A 1 73 ? 6.340   -7.263  5.166   1.00 15.86 ? 73  TYR A O   1 
ATOM   585  C  CB  . TYR A 1 73 ? 7.182   -6.082  8.004   1.00 13.21 ? 73  TYR A CB  1 
ATOM   586  C  CG  . TYR A 1 73 ? 7.200   -5.926  9.507   1.00 12.18 ? 73  TYR A CG  1 
ATOM   587  C  CD1 . TYR A 1 73 ? 7.374   -7.027  10.338  1.00 11.52 ? 73  TYR A CD1 1 
ATOM   588  C  CD2 . TYR A 1 73 ? 7.011   -4.677  10.099  1.00 12.12 ? 73  TYR A CD2 1 
ATOM   589  C  CE1 . TYR A 1 73 ? 7.353   -6.897  11.721  1.00 11.12 ? 73  TYR A CE1 1 
ATOM   590  C  CE2 . TYR A 1 73 ? 6.987   -4.530  11.486  1.00 11.66 ? 73  TYR A CE2 1 
ATOM   591  C  CZ  . TYR A 1 73 ? 7.154   -5.648  12.291  1.00 12.44 ? 73  TYR A CZ  1 
ATOM   592  O  OH  . TYR A 1 73 ? 7.079   -5.522  13.664  1.00 13.03 ? 73  TYR A OH  1 
ATOM   593  N  N   . PHE A 1 74 ? 5.469   -5.206  5.460   1.00 14.75 ? 74  PHE A N   1 
ATOM   594  C  CA  . PHE A 1 74 ? 5.499   -4.834  4.051   1.00 15.11 ? 74  PHE A CA  1 
ATOM   595  C  C   . PHE A 1 74 ? 6.102   -3.445  4.004   1.00 14.65 ? 74  PHE A C   1 
ATOM   596  O  O   . PHE A 1 74 ? 5.855   -2.624  4.892   1.00 13.77 ? 74  PHE A O   1 
ATOM   597  C  CB  . PHE A 1 74 ? 4.096   -4.753  3.449   1.00 15.92 ? 74  PHE A CB  1 
ATOM   598  C  CG  . PHE A 1 74 ? 3.564   -6.063  2.949   1.00 17.02 ? 74  PHE A CG  1 
ATOM   599  C  CD1 . PHE A 1 74 ? 4.118   -6.669  1.828   1.00 17.90 ? 74  PHE A CD1 1 
ATOM   600  C  CD2 . PHE A 1 74 ? 2.500   -6.686  3.590   1.00 19.44 ? 74  PHE A CD2 1 
ATOM   601  C  CE1 . PHE A 1 74 ? 3.620   -7.877  1.348   1.00 18.79 ? 74  PHE A CE1 1 
ATOM   602  C  CE2 . PHE A 1 74 ? 1.994   -7.893  3.117   1.00 19.30 ? 74  PHE A CE2 1 
ATOM   603  C  CZ  . PHE A 1 74 ? 2.559   -8.487  1.990   1.00 18.53 ? 74  PHE A CZ  1 
ATOM   604  N  N   . VAL A 1 75 ? 6.891   -3.184  2.976   1.00 14.31 ? 75  VAL A N   1 
ATOM   605  C  CA  . VAL A 1 75 ? 7.471   -1.864  2.810   1.00 13.92 ? 75  VAL A CA  1 
ATOM   606  C  C   . VAL A 1 75 ? 7.193   -1.446  1.377   1.00 13.92 ? 75  VAL A C   1 
ATOM   607  O  O   . VAL A 1 75 ? 7.291   -2.259  0.455   1.00 12.43 ? 75  VAL A O   1 
ATOM   608  C  CB  . VAL A 1 75 ? 8.998   -1.856  3.024   1.00 14.28 ? 75  VAL A CB  1 
ATOM   609  C  CG1 . VAL A 1 75 ? 9.526   -0.422  2.913   1.00 14.69 ? 75  VAL A CG1 1 
ATOM   610  C  CG2 . VAL A 1 75 ? 9.332   -2.419  4.376   1.00 15.40 ? 75  VAL A CG2 1 
ATOM   611  N  N   . SER A 1 76 ? 6.805   -0.189  1.202   1.00 13.83 ? 76  SER A N   1 
ATOM   612  C  CA  . SER A 1 76 ? 6.549   0.349   -0.125  1.00 14.39 ? 76  SER A CA  1 
ATOM   613  C  C   . SER A 1 76 ? 7.395   1.620   -0.186  1.00 14.73 ? 76  SER A C   1 
ATOM   614  O  O   . SER A 1 76 ? 7.568   2.309   0.823   1.00 13.87 ? 76  SER A O   1 
ATOM   615  C  CB  . SER A 1 76 ? 5.071   0.681   -0.309  1.00 15.58 ? 76  SER A CB  1 
ATOM   616  O  OG  . SER A 1 76 ? 4.741   1.880   0.369   1.00 18.03 ? 76  SER A OG  1 
ATOM   617  N  N   . PHE A 1 77 ? 7.930   1.921   -1.361  1.00 14.83 ? 77  PHE A N   1 
ATOM   618  C  CA  . PHE A 1 77 ? 8.781   3.089   -1.520  1.00 16.30 ? 77  PHE A CA  1 
ATOM   619  C  C   . PHE A 1 77 ? 8.006   4.199   -2.212  1.00 17.43 ? 77  PHE A C   1 
ATOM   620  O  O   . PHE A 1 77 ? 7.809   4.163   -3.424  1.00 17.99 ? 77  PHE A O   1 
ATOM   621  C  CB  . PHE A 1 77 ? 10.024  2.700   -2.323  1.00 16.28 ? 77  PHE A CB  1 
ATOM   622  C  CG  . PHE A 1 77 ? 10.656  1.408   -1.867  1.00 16.36 ? 77  PHE A CG  1 
ATOM   623  C  CD1 . PHE A 1 77 ? 11.589  1.401   -0.839  1.00 16.10 ? 77  PHE A CD1 1 
ATOM   624  C  CD2 . PHE A 1 77 ? 10.296  0.193   -2.446  1.00 16.25 ? 77  PHE A CD2 1 
ATOM   625  C  CE1 . PHE A 1 77 ? 12.159  0.206   -0.391  1.00 16.66 ? 77  PHE A CE1 1 
ATOM   626  C  CE2 . PHE A 1 77 ? 10.857  -1.002  -2.006  1.00 15.38 ? 77  PHE A CE2 1 
ATOM   627  C  CZ  . PHE A 1 77 ? 11.792  -0.996  -0.976  1.00 15.78 ? 77  PHE A CZ  1 
ATOM   628  N  N   . ASP A 1 78 ? 7.579   5.187   -1.429  1.00 18.04 ? 78  ASP A N   1 
ATOM   629  C  CA  . ASP A 1 78 ? 6.798   6.306   -1.937  1.00 19.55 ? 78  ASP A CA  1 
ATOM   630  C  C   . ASP A 1 78 ? 7.650   7.520   -2.262  1.00 20.64 ? 78  ASP A C   1 
ATOM   631  O  O   . ASP A 1 78 ? 8.596   7.850   -1.541  1.00 20.27 ? 78  ASP A O   1 
ATOM   632  C  CB  . ASP A 1 78 ? 5.723   6.708   -0.923  1.00 19.61 ? 78  ASP A CB  1 
ATOM   633  C  CG  . ASP A 1 78 ? 4.843   5.541   -0.505  1.00 21.40 ? 78  ASP A CG  1 
ATOM   634  O  OD1 . ASP A 1 78 ? 4.616   4.637   -1.332  1.00 22.28 ? 78  ASP A OD1 1 
ATOM   635  O  OD2 . ASP A 1 78 ? 4.363   5.533   0.648   1.00 22.56 ? 78  ASP A OD2 1 
ATOM   636  N  N   . TYR A 1 79 ? 7.296   8.193   -3.349  1.00 21.99 ? 79  TYR A N   1 
ATOM   637  C  CA  . TYR A 1 79 ? 8.025   9.372   -3.777  1.00 22.92 ? 79  TYR A CA  1 
ATOM   638  C  C   . TYR A 1 79 ? 7.077   10.495  -4.154  1.00 24.74 ? 79  TYR A C   1 
ATOM   639  O  O   . TYR A 1 79 ? 6.151   10.302  -4.943  1.00 23.84 ? 79  TYR A O   1 
ATOM   640  C  CB  . TYR A 1 79 ? 8.906   9.049   -4.983  1.00 22.70 ? 79  TYR A CB  1 
ATOM   641  C  CG  . TYR A 1 79 ? 9.787   10.204  -5.391  1.00 21.81 ? 79  TYR A CG  1 
ATOM   642  C  CD1 . TYR A 1 79 ? 11.035  10.392  -4.801  1.00 21.58 ? 79  TYR A CD1 1 
ATOM   643  C  CD2 . TYR A 1 79 ? 9.351   11.143  -6.325  1.00 22.24 ? 79  TYR A CD2 1 
ATOM   644  C  CE1 . TYR A 1 79 ? 11.827  11.484  -5.124  1.00 21.35 ? 79  TYR A CE1 1 
ATOM   645  C  CE2 . TYR A 1 79 ? 10.139  12.247  -6.654  1.00 21.65 ? 79  TYR A CE2 1 
ATOM   646  C  CZ  . TYR A 1 79 ? 11.376  12.407  -6.047  1.00 21.62 ? 79  TYR A CZ  1 
ATOM   647  O  OH  . TYR A 1 79 ? 12.166  13.492  -6.352  1.00 21.86 ? 79  TYR A OH  1 
ATOM   648  N  N   . ARG A 1 80 ? 7.324   11.669  -3.582  1.00 26.77 ? 80  ARG A N   1 
ATOM   649  C  CA  . ARG A 1 80 ? 6.529   12.861  -3.853  1.00 29.24 ? 80  ARG A CA  1 
ATOM   650  C  C   . ARG A 1 80 ? 7.442   14.076  -3.763  1.00 30.49 ? 80  ARG A C   1 
ATOM   651  O  O   . ARG A 1 80 ? 8.550   13.983  -3.231  1.00 29.62 ? 80  ARG A O   1 
ATOM   652  C  CB  . ARG A 1 80 ? 5.399   13.007  -2.834  1.00 30.19 ? 80  ARG A CB  1 
ATOM   653  C  CG  . ARG A 1 80 ? 4.432   11.844  -2.783  1.00 31.24 ? 80  ARG A CG  1 
ATOM   654  C  CD  . ARG A 1 80 ? 3.270   12.178  -1.876  1.00 32.63 ? 80  ARG A CD  1 
ATOM   655  N  NE  . ARG A 1 80 ? 2.427   11.020  -1.601  1.00 34.07 ? 80  ARG A NE  1 
ATOM   656  C  CZ  . ARG A 1 80 ? 1.359   11.056  -0.813  1.00 34.99 ? 80  ARG A CZ  1 
ATOM   657  N  NH1 . ARG A 1 80 ? 1.006   12.194  -0.227  1.00 35.89 ? 80  ARG A NH1 1 
ATOM   658  N  NH2 . ARG A 1 80 ? 0.652   9.953   -0.597  1.00 35.31 ? 80  ARG A NH2 1 
ATOM   659  N  N   . ASP A 1 81 ? 6.978   15.210  -4.283  1.00 32.67 ? 81  ASP A N   1 
ATOM   660  C  CA  . ASP A 1 81 ? 7.752   16.449  -4.247  1.00 34.99 ? 81  ASP A CA  1 
ATOM   661  C  C   . ASP A 1 81 ? 8.189   16.802  -2.830  1.00 36.15 ? 81  ASP A C   1 
ATOM   662  O  O   . ASP A 1 81 ? 7.390   16.754  -1.890  1.00 36.76 ? 81  ASP A O   1 
ATOM   663  C  CB  . ASP A 1 81 ? 6.939   17.606  -4.821  1.00 35.69 ? 81  ASP A CB  1 
ATOM   664  C  CG  . ASP A 1 81 ? 7.032   17.693  -6.329  1.00 36.29 ? 81  ASP A CG  1 
ATOM   665  O  OD1 . ASP A 1 81 ? 8.163   17.831  -6.844  1.00 36.55 ? 81  ASP A OD1 1 
ATOM   666  O  OD2 . ASP A 1 81 ? 5.974   17.629  -6.995  1.00 37.30 ? 81  ASP A OD2 1 
ATOM   667  N  N   . GLY A 1 82 ? 9.463   17.164  -2.697  1.00 37.05 ? 82  GLY A N   1 
ATOM   668  C  CA  . GLY A 1 82 ? 10.036  17.520  -1.408  1.00 38.25 ? 82  GLY A CA  1 
ATOM   669  C  C   . GLY A 1 82 ? 9.091   18.076  -0.359  1.00 38.65 ? 82  GLY A C   1 
ATOM   670  O  O   . GLY A 1 82 ? 8.121   18.760  -0.679  1.00 39.02 ? 82  GLY A O   1 
ATOM   671  N  N   . ASP A 1 83 ? 9.390   17.779  0.902   1.00 39.29 ? 83  ASP A N   1 
ATOM   672  C  CA  . ASP A 1 83 ? 8.584   18.237  2.028   1.00 39.84 ? 83  ASP A CA  1 
ATOM   673  C  C   . ASP A 1 83 ? 7.165   17.685  1.935   1.00 39.66 ? 83  ASP A C   1 
ATOM   674  O  O   . ASP A 1 83 ? 6.364   18.146  1.121   1.00 39.72 ? 83  ASP A O   1 
ATOM   675  C  CB  . ASP A 1 83 ? 8.536   19.767  2.060   1.00 40.00 ? 83  ASP A CB  1 
ATOM   676  C  CG  . ASP A 1 83 ? 9.910   20.401  1.950   1.00 40.61 ? 83  ASP A CG  1 
ATOM   677  O  OD1 . ASP A 1 83 ? 10.908  19.656  1.857   1.00 40.95 ? 83  ASP A OD1 1 
ATOM   678  O  OD2 . ASP A 1 83 ? 9.993   21.649  1.952   1.00 41.28 ? 83  ASP A OD2 1 
ATOM   679  N  N   . TRP A 1 84 ? 6.860   16.692  2.764   1.00 39.62 ? 84  TRP A N   1 
ATOM   680  C  CA  . TRP A 1 84 ? 5.531   16.094  2.777   1.00 39.97 ? 84  TRP A CA  1 
ATOM   681  C  C   . TRP A 1 84 ? 4.606   16.875  3.708   1.00 40.40 ? 84  TRP A C   1 
ATOM   682  O  O   . TRP A 1 84 ? 3.923   16.245  4.547   1.00 40.81 ? 84  TRP A O   1 
ATOM   683  C  CB  . TRP A 1 84 ? 5.612   14.637  3.232   1.00 38.61 ? 84  TRP A CB  1 
ATOM   684  C  CG  . TRP A 1 84 ? 6.109   13.689  2.177   1.00 37.46 ? 84  TRP A CG  1 
ATOM   685  C  CD1 . TRP A 1 84 ? 7.206   13.848  1.371   1.00 37.04 ? 84  TRP A CD1 1 
ATOM   686  C  CD2 . TRP A 1 84 ? 5.563   12.405  1.861   1.00 36.36 ? 84  TRP A CD2 1 
ATOM   687  N  NE1 . TRP A 1 84 ? 7.377   12.735  0.579   1.00 36.02 ? 84  TRP A NE1 1 
ATOM   688  C  CE2 . TRP A 1 84 ? 6.383   11.834  0.860   1.00 36.12 ? 84  TRP A CE2 1 
ATOM   689  C  CE3 . TRP A 1 84 ? 4.460   11.677  2.329   1.00 35.65 ? 84  TRP A CE3 1 
ATOM   690  C  CZ2 . TRP A 1 84 ? 6.135   10.567  0.319   1.00 35.55 ? 84  TRP A CZ2 1 
ATOM   691  C  CZ3 . TRP A 1 84 ? 4.215   10.416  1.793   1.00 35.16 ? 84  TRP A CZ3 1 
ATOM   692  C  CH2 . TRP A 1 84 ? 5.049   9.875   0.798   1.00 35.29 ? 84  TRP A CH2 1 
ATOM   693  O  OXT . TRP A 1 84 ? 4.572   18.116  3.574   1.00 41.08 ? 84  TRP A OXT 1 
ATOM   694  N  N   . GLY B 1 1  ? -13.252 -3.212  9.888   1.00 15.25 ? 1   GLY B N   1 
ATOM   695  C  CA  . GLY B 1 1  ? -13.445 -4.292  8.889   1.00 15.18 ? 1   GLY B CA  1 
ATOM   696  C  C   . GLY B 1 1  ? -12.664 -4.017  7.617   1.00 14.79 ? 1   GLY B C   1 
ATOM   697  O  O   . GLY B 1 1  ? -11.539 -3.519  7.662   1.00 14.99 ? 1   GLY B O   1 
ATOM   698  N  N   . LEU B 1 2  ? -13.274 -4.322  6.477   1.00 14.53 ? 2   LEU B N   1 
ATOM   699  C  CA  . LEU B 1 2  ? -12.630 -4.133  5.183   1.00 14.06 ? 2   LEU B CA  1 
ATOM   700  C  C   . LEU B 1 2  ? -12.815 -2.729  4.615   1.00 14.25 ? 2   LEU B C   1 
ATOM   701  O  O   . LEU B 1 2  ? -13.915 -2.192  4.614   1.00 14.13 ? 2   LEU B O   1 
ATOM   702  C  CB  . LEU B 1 2  ? -13.183 -5.162  4.185   1.00 13.95 ? 2   LEU B CB  1 
ATOM   703  C  CG  . LEU B 1 2  ? -12.683 -5.112  2.739   1.00 14.30 ? 2   LEU B CG  1 
ATOM   704  C  CD1 . LEU B 1 2  ? -11.220 -5.534  2.678   1.00 13.32 ? 2   LEU B CD1 1 
ATOM   705  C  CD2 . LEU B 1 2  ? -13.530 -6.035  1.876   1.00 13.27 ? 2   LEU B CD2 1 
ATOM   706  N  N   . LYS B 1 3  ? -11.722 -2.138  4.144   1.00 14.74 ? 3   LYS B N   1 
ATOM   707  C  CA  . LYS B 1 3  ? -11.751 -0.816  3.527   1.00 15.08 ? 3   LYS B CA  1 
ATOM   708  C  C   . LYS B 1 3  ? -10.852 -0.930  2.305   1.00 15.34 ? 3   LYS B C   1 
ATOM   709  O  O   . LYS B 1 3  ? -9.783  -1.532  2.384   1.00 15.89 ? 3   LYS B O   1 
ATOM   710  C  CB  . LYS B 1 3  ? -11.164 0.264   4.453   1.00 15.86 ? 3   LYS B CB  1 
ATOM   711  C  CG  . LYS B 1 3  ? -12.027 0.707   5.624   1.00 16.66 ? 3   LYS B CG  1 
ATOM   712  C  CD  . LYS B 1 3  ? -11.459 2.019   6.192   1.00 17.82 ? 3   LYS B CD  1 
ATOM   713  C  CE  . LYS B 1 3  ? -12.310 2.586   7.318   1.00 18.52 ? 3   LYS B CE  1 
ATOM   714  N  NZ  . LYS B 1 3  ? -11.791 3.902   7.802   1.00 18.19 ? 3   LYS B NZ  1 
ATOM   715  N  N   . LEU B 1 4  ? -11.278 -0.364  1.182   1.00 14.95 ? 4   LEU B N   1 
ATOM   716  C  CA  . LEU B 1 4  ? -10.461 -0.400  -0.027  1.00 14.47 ? 4   LEU B CA  1 
ATOM   717  C  C   . LEU B 1 4  ? -9.680  0.899   -0.115  1.00 13.66 ? 4   LEU B C   1 
ATOM   718  O  O   . LEU B 1 4  ? -10.263 1.982   -0.042  1.00 13.06 ? 4   LEU B O   1 
ATOM   719  C  CB  . LEU B 1 4  ? -11.331 -0.537  -1.280  1.00 15.83 ? 4   LEU B CB  1 
ATOM   720  C  CG  . LEU B 1 4  ? -12.322 -1.701  -1.343  1.00 18.37 ? 4   LEU B CG  1 
ATOM   721  C  CD1 . LEU B 1 4  ? -12.835 -1.834  -2.770  1.00 19.19 ? 4   LEU B CD1 1 
ATOM   722  C  CD2 . LEU B 1 4  ? -11.655 -2.987  -0.904  1.00 18.02 ? 4   LEU B CD2 1 
ATOM   723  N  N   . ASP B 1 5  ? -8.366  0.783   -0.294  1.00 13.21 ? 5   ASP B N   1 
ATOM   724  C  CA  . ASP B 1 5  ? -7.483  1.942   -0.401  1.00 13.59 ? 5   ASP B CA  1 
ATOM   725  C  C   . ASP B 1 5  ? -7.122  2.189   -1.868  1.00 13.16 ? 5   ASP B C   1 
ATOM   726  O  O   . ASP B 1 5  ? -6.376  1.423   -2.468  1.00 12.41 ? 5   ASP B O   1 
ATOM   727  C  CB  . ASP B 1 5  ? -6.221  1.701   0.435   1.00 14.23 ? 5   ASP B CB  1 
ATOM   728  C  CG  . ASP B 1 5  ? -5.244  2.865   0.381   1.00 17.09 ? 5   ASP B CG  1 
ATOM   729  O  OD1 . ASP B 1 5  ? -5.693  4.031   0.380   1.00 17.30 ? 5   ASP B OD1 1 
ATOM   730  O  OD2 . ASP B 1 5  ? -4.023  2.611   0.348   1.00 17.75 ? 5   ASP B OD2 1 
ATOM   731  N  N   . LEU B 1 6  ? -7.668  3.263   -2.434  1.00 12.60 ? 6   LEU B N   1 
ATOM   732  C  CA  . LEU B 1 6  ? -7.441  3.615   -3.827  1.00 12.44 ? 6   LEU B CA  1 
ATOM   733  C  C   . LEU B 1 6  ? -6.468  4.773   -3.938  1.00 12.75 ? 6   LEU B C   1 
ATOM   734  O  O   . LEU B 1 6  ? -6.677  5.823   -3.331  1.00 12.30 ? 6   LEU B O   1 
ATOM   735  C  CB  . LEU B 1 6  ? -8.768  4.004   -4.479  1.00 12.70 ? 6   LEU B CB  1 
ATOM   736  C  CG  . LEU B 1 6  ? -8.758  4.247   -5.986  1.00 12.59 ? 6   LEU B CG  1 
ATOM   737  C  CD1 . LEU B 1 6  ? -8.625  2.915   -6.692  1.00 13.29 ? 6   LEU B CD1 1 
ATOM   738  C  CD2 . LEU B 1 6  ? -10.041 4.935   -6.419  1.00 13.06 ? 6   LEU B CD2 1 
ATOM   739  N  N   . THR B 1 7  ? -5.396  4.571   -4.699  1.00 13.51 ? 7   THR B N   1 
ATOM   740  C  CA  . THR B 1 7  ? -4.392  5.607   -4.903  1.00 14.67 ? 7   THR B CA  1 
ATOM   741  C  C   . THR B 1 7  ? -4.173  5.742   -6.403  1.00 14.53 ? 7   THR B C   1 
ATOM   742  O  O   . THR B 1 7  ? -4.146  4.743   -7.115  1.00 14.00 ? 7   THR B O   1 
ATOM   743  C  CB  . THR B 1 7  ? -3.043  5.233   -4.257  1.00 15.46 ? 7   THR B CB  1 
ATOM   744  O  OG1 . THR B 1 7  ? -2.412  4.213   -5.036  1.00 19.17 ? 7   THR B OG1 1 
ATOM   745  C  CG2 . THR B 1 7  ? -3.247  4.714   -2.847  1.00 14.63 ? 7   THR B CG2 1 
ATOM   746  N  N   . TRP B 1 8  ? -4.012  6.967   -6.892  1.00 14.37 ? 8   TRP B N   1 
ATOM   747  C  CA  . TRP B 1 8  ? -3.801  7.144   -8.323  1.00 15.00 ? 8   TRP B CA  1 
ATOM   748  C  C   . TRP B 1 8  ? -2.724  8.166   -8.674  1.00 16.05 ? 8   TRP B C   1 
ATOM   749  O  O   . TRP B 1 8  ? -2.465  9.102   -7.921  1.00 15.55 ? 8   TRP B O   1 
ATOM   750  C  CB  . TRP B 1 8  ? -5.118  7.506   -9.009  1.00 15.09 ? 8   TRP B CB  1 
ATOM   751  C  CG  . TRP B 1 8  ? -5.792  8.740   -8.490  1.00 15.64 ? 8   TRP B CG  1 
ATOM   752  C  CD1 . TRP B 1 8  ? -5.722  9.994   -9.021  1.00 15.78 ? 8   TRP B CD1 1 
ATOM   753  C  CD2 . TRP B 1 8  ? -6.673  8.831   -7.358  1.00 15.79 ? 8   TRP B CD2 1 
ATOM   754  N  NE1 . TRP B 1 8  ? -6.508  10.860  -8.297  1.00 16.41 ? 8   TRP B NE1 1 
ATOM   755  C  CE2 . TRP B 1 8  ? -7.101  10.175  -7.271  1.00 15.80 ? 8   TRP B CE2 1 
ATOM   756  C  CE3 . TRP B 1 8  ? -7.142  7.908   -6.415  1.00 15.07 ? 8   TRP B CE3 1 
ATOM   757  C  CZ2 . TRP B 1 8  ? -7.977  10.619  -6.275  1.00 16.23 ? 8   TRP B CZ2 1 
ATOM   758  C  CZ3 . TRP B 1 8  ? -8.013  8.347   -5.425  1.00 14.50 ? 8   TRP B CZ3 1 
ATOM   759  C  CH2 . TRP B 1 8  ? -8.423  9.691   -5.363  1.00 15.41 ? 8   TRP B CH2 1 
ATOM   760  N  N   . PHE B 1 9  ? -2.103  7.957   -9.834  1.00 17.28 ? 9   PHE B N   1 
ATOM   761  C  CA  . PHE B 1 9  ? -1.041  8.821   -10.325 1.00 18.96 ? 9   PHE B CA  1 
ATOM   762  C  C   . PHE B 1 9  ? -1.317  9.265   -11.751 1.00 20.61 ? 9   PHE B C   1 
ATOM   763  O  O   . PHE B 1 9  ? -1.971  8.556   -12.520 1.00 20.06 ? 9   PHE B O   1 
ATOM   764  C  CB  . PHE B 1 9  ? 0.297   8.081   -10.297 1.00 18.97 ? 9   PHE B CB  1 
ATOM   765  C  CG  . PHE B 1 9  ? 0.662   7.540   -8.950  1.00 19.37 ? 9   PHE B CG  1 
ATOM   766  C  CD1 . PHE B 1 9  ? 0.003   6.428   -8.428  1.00 19.32 ? 9   PHE B CD1 1 
ATOM   767  C  CD2 . PHE B 1 9  ? 1.646   8.158   -8.191  1.00 19.71 ? 9   PHE B CD2 1 
ATOM   768  C  CE1 . PHE B 1 9  ? 0.317   5.941   -7.167  1.00 20.08 ? 9   PHE B CE1 1 
ATOM   769  C  CE2 . PHE B 1 9  ? 1.970   7.677   -6.923  1.00 20.72 ? 9   PHE B CE2 1 
ATOM   770  C  CZ  . PHE B 1 9  ? 1.305   6.567   -6.409  1.00 20.24 ? 9   PHE B CZ  1 
ATOM   771  N  N   . ASP B 1 10 ? -0.810  10.445  -12.098 1.00 22.23 ? 10  ASP B N   1 
ATOM   772  C  CA  . ASP B 1 10 ? -0.976  10.970  -13.440 1.00 24.71 ? 10  ASP B CA  1 
ATOM   773  C  C   . ASP B 1 10 ? -0.304  9.979   -14.385 1.00 25.77 ? 10  ASP B C   1 
ATOM   774  O  O   . ASP B 1 10 ? 0.834   9.575   -14.159 1.00 25.52 ? 10  ASP B O   1 
ATOM   775  C  CB  . ASP B 1 10 ? -0.309  12.337  -13.560 1.00 25.60 ? 10  ASP B CB  1 
ATOM   776  C  CG  . ASP B 1 10 ? -0.570  12.985  -14.894 1.00 26.79 ? 10  ASP B CG  1 
ATOM   777  O  OD1 . ASP B 1 10 ? -0.268  12.353  -15.925 1.00 27.86 ? 10  ASP B OD1 1 
ATOM   778  O  OD2 . ASP B 1 10 ? -1.079  14.123  -14.909 1.00 28.36 ? 10  ASP B OD2 1 
ATOM   779  N  N   . LYS B 1 11 ? -1.011  9.598   -15.441 1.00 27.35 ? 11  LYS B N   1 
ATOM   780  C  CA  . LYS B 1 11 ? -0.495  8.628   -16.400 1.00 29.52 ? 11  LYS B CA  1 
ATOM   781  C  C   . LYS B 1 11 ? 0.623   9.153   -17.304 1.00 30.89 ? 11  LYS B C   1 
ATOM   782  O  O   . LYS B 1 11 ? 1.350   8.364   -17.911 1.00 31.35 ? 11  LYS B O   1 
ATOM   783  C  CB  . LYS B 1 11 ? -1.656  8.092   -17.243 1.00 30.27 ? 11  LYS B CB  1 
ATOM   784  C  CG  . LYS B 1 11 ? -1.326  6.881   -18.090 1.00 31.57 ? 11  LYS B CG  1 
ATOM   785  C  CD  . LYS B 1 11 ? -2.600  6.224   -18.603 1.00 32.68 ? 11  LYS B CD  1 
ATOM   786  C  CE  . LYS B 1 11 ? -2.292  5.095   -19.569 1.00 33.23 ? 11  LYS B CE  1 
ATOM   787  N  NZ  . LYS B 1 11 ? -1.583  5.608   -20.778 1.00 33.85 ? 11  LYS B NZ  1 
ATOM   788  N  N   . SER B 1 12 ? 0.767   10.473  -17.383 1.00 31.86 ? 12  SER B N   1 
ATOM   789  C  CA  . SER B 1 12 ? 1.802   11.081  -18.220 1.00 33.26 ? 12  SER B CA  1 
ATOM   790  C  C   . SER B 1 12 ? 3.043   11.477  -17.425 1.00 33.53 ? 12  SER B C   1 
ATOM   791  O  O   . SER B 1 12 ? 4.145   10.988  -17.682 1.00 34.22 ? 12  SER B O   1 
ATOM   792  C  CB  . SER B 1 12 ? 1.250   12.319  -18.934 1.00 33.38 ? 12  SER B CB  1 
ATOM   793  O  OG  . SER B 1 12 ? 0.258   11.964  -19.882 1.00 35.16 ? 12  SER B OG  1 
ATOM   794  N  N   . THR B 1 13 ? 2.859   12.374  -16.465 1.00 33.99 ? 13  THR B N   1 
ATOM   795  C  CA  . THR B 1 13 ? 3.960   12.839  -15.637 1.00 34.21 ? 13  THR B CA  1 
ATOM   796  C  C   . THR B 1 13 ? 4.395   11.772  -14.635 1.00 34.22 ? 13  THR B C   1 
ATOM   797  O  O   . THR B 1 13 ? 5.568   11.701  -14.266 1.00 34.35 ? 13  THR B O   1 
ATOM   798  C  CB  . THR B 1 13 ? 3.566   14.118  -14.873 1.00 34.58 ? 13  THR B CB  1 
ATOM   799  O  OG1 . THR B 1 13 ? 2.435   13.848  -14.038 1.00 34.47 ? 13  THR B OG1 1 
ATOM   800  C  CG2 . THR B 1 13 ? 3.212   15.236  -15.850 1.00 34.69 ? 13  THR B CG2 1 
ATOM   801  N  N   . GLU B 1 14 ? 3.438   10.949  -14.206 1.00 34.06 ? 14  GLU B N   1 
ATOM   802  C  CA  . GLU B 1 14 ? 3.669   9.869   -13.245 1.00 33.69 ? 14  GLU B CA  1 
ATOM   803  C  C   . GLU B 1 14 ? 3.636   10.368  -11.802 1.00 32.61 ? 14  GLU B C   1 
ATOM   804  O  O   . GLU B 1 14 ? 4.020   9.646   -10.884 1.00 32.52 ? 14  GLU B O   1 
ATOM   805  C  CB  . GLU B 1 14 ? 5.013   9.179   -13.510 1.00 35.35 ? 14  GLU B CB  1 
ATOM   806  C  CG  . GLU B 1 14 ? 5.162   8.587   -14.907 1.00 37.14 ? 14  GLU B CG  1 
ATOM   807  C  CD  . GLU B 1 14 ? 6.565   8.070   -15.173 1.00 38.27 ? 14  GLU B CD  1 
ATOM   808  O  OE1 . GLU B 1 14 ? 7.531   8.852   -15.015 1.00 38.95 ? 14  GLU B OE1 1 
ATOM   809  O  OE2 . GLU B 1 14 ? 6.706   6.885   -15.545 1.00 39.07 ? 14  GLU B OE2 1 
ATOM   810  N  N   . ASP B 1 15 ? 3.164   11.596  -11.605 1.00 31.11 ? 15  ASP B N   1 
ATOM   811  C  CA  . ASP B 1 15 ? 3.096   12.183  -10.271 1.00 29.83 ? 15  ASP B CA  1 
ATOM   812  C  C   . ASP B 1 15 ? 1.842   11.772  -9.493  1.00 28.80 ? 15  ASP B C   1 
ATOM   813  O  O   . ASP B 1 15 ? 0.783   11.559  -10.077 1.00 27.78 ? 15  ASP B O   1 
ATOM   814  C  CB  . ASP B 1 15 ? 3.138   13.708  -10.367 1.00 30.48 ? 15  ASP B CB  1 
ATOM   815  C  CG  . ASP B 1 15 ? 4.312   14.211  -11.188 1.00 31.15 ? 15  ASP B CG  1 
ATOM   816  O  OD1 . ASP B 1 15 ? 5.451   13.778  -10.920 1.00 31.93 ? 15  ASP B OD1 1 
ATOM   817  O  OD2 . ASP B 1 15 ? 4.096   15.043  -12.096 1.00 31.34 ? 15  ASP B OD2 1 
ATOM   818  N  N   . PHE B 1 16 ? 1.973   11.667  -8.172  1.00 27.79 ? 16  PHE B N   1 
ATOM   819  C  CA  . PHE B 1 16 ? 0.842   11.310  -7.320  1.00 26.62 ? 16  PHE B CA  1 
ATOM   820  C  C   . PHE B 1 16 ? -0.258  12.343  -7.517  1.00 25.46 ? 16  PHE B C   1 
ATOM   821  O  O   . PHE B 1 16 ? 0.021   13.540  -7.629  1.00 25.82 ? 16  PHE B O   1 
ATOM   822  C  CB  . PHE B 1 16 ? 1.278   11.274  -5.845  1.00 27.65 ? 16  PHE B CB  1 
ATOM   823  C  CG  . PHE B 1 16 ? 0.129   11.270  -4.860  1.00 28.16 ? 16  PHE B CG  1 
ATOM   824  C  CD1 . PHE B 1 16 ? -0.584  12.437  -4.588  1.00 28.73 ? 16  PHE B CD1 1 
ATOM   825  C  CD2 . PHE B 1 16 ? -0.244  10.096  -4.208  1.00 28.80 ? 16  PHE B CD2 1 
ATOM   826  C  CE1 . PHE B 1 16 ? -1.648  12.435  -3.683  1.00 29.40 ? 16  PHE B CE1 1 
ATOM   827  C  CE2 . PHE B 1 16 ? -1.304  10.082  -3.303  1.00 28.20 ? 16  PHE B CE2 1 
ATOM   828  C  CZ  . PHE B 1 16 ? -2.006  11.253  -3.040  1.00 28.59 ? 16  PHE B CZ  1 
ATOM   829  N  N   . LYS B 1 17 ? -1.505  11.881  -7.560  1.00 23.76 ? 17  LYS B N   1 
ATOM   830  C  CA  . LYS B 1 17 ? -2.639  12.777  -7.739  1.00 22.43 ? 17  LYS B CA  1 
ATOM   831  C  C   . LYS B 1 17 ? -3.660  12.721  -6.606  1.00 20.88 ? 17  LYS B C   1 
ATOM   832  O  O   . LYS B 1 17 ? -4.316  13.718  -6.320  1.00 20.91 ? 17  LYS B O   1 
ATOM   833  C  CB  . LYS B 1 17 ? -3.343  12.491  -9.063  1.00 23.58 ? 17  LYS B CB  1 
ATOM   834  C  CG  . LYS B 1 17 ? -2.530  12.862  -10.284 1.00 25.36 ? 17  LYS B CG  1 
ATOM   835  C  CD  . LYS B 1 17 ? -3.370  12.753  -11.547 1.00 26.78 ? 17  LYS B CD  1 
ATOM   836  C  CE  . LYS B 1 17 ? -4.559  13.698  -11.510 1.00 26.88 ? 17  LYS B CE  1 
ATOM   837  N  NZ  . LYS B 1 17 ? -4.129  15.117  -11.362 1.00 28.19 ? 17  LYS B NZ  1 
ATOM   838  N  N   . GLY B 1 18 ? -3.810  11.565  -5.966  1.00 19.25 ? 18  GLY B N   1 
ATOM   839  C  CA  . GLY B 1 18 ? -4.769  11.479  -4.878  1.00 17.37 ? 18  GLY B CA  1 
ATOM   840  C  C   . GLY B 1 18 ? -4.910  10.104  -4.256  1.00 16.46 ? 18  GLY B C   1 
ATOM   841  O  O   . GLY B 1 18 ? -4.426  9.119   -4.803  1.00 16.03 ? 18  GLY B O   1 
ATOM   842  N  N   . GLU B 1 19 ? -5.561  10.046  -3.099  1.00 15.80 ? 19  GLU B N   1 
ATOM   843  C  CA  . GLU B 1 19 ? -5.792  8.783   -2.400  1.00 15.20 ? 19  GLU B CA  1 
ATOM   844  C  C   . GLU B 1 19 ? -7.098  8.900   -1.616  1.00 15.41 ? 19  GLU B C   1 
ATOM   845  O  O   . GLU B 1 19 ? -7.395  9.949   -1.053  1.00 15.06 ? 19  GLU B O   1 
ATOM   846  C  CB  . GLU B 1 19 ? -4.638  8.460   -1.449  1.00 16.32 ? 19  GLU B CB  1 
ATOM   847  C  CG  . GLU B 1 19 ? -4.758  7.078   -0.802  1.00 16.51 ? 19  GLU B CG  1 
ATOM   848  C  CD  . GLU B 1 19 ? -3.582  6.739   0.093   1.00 17.57 ? 19  GLU B CD  1 
ATOM   849  O  OE1 . GLU B 1 19 ? -2.665  7.580   0.221   1.00 18.29 ? 19  GLU B OE1 1 
ATOM   850  O  OE2 . GLU B 1 19 ? -3.576  5.627   0.667   1.00 17.83 ? 19  GLU B OE2 1 
ATOM   851  N  N   . GLU B 1 20 ? -7.871  7.823   -1.573  1.00 14.60 ? 20  GLU B N   1 
ATOM   852  C  CA  . GLU B 1 20 ? -9.154  7.859   -0.880  1.00 14.70 ? 20  GLU B CA  1 
ATOM   853  C  C   . GLU B 1 20 ? -9.538  6.469   -0.399  1.00 14.71 ? 20  GLU B C   1 
ATOM   854  O  O   . GLU B 1 20 ? -9.386  5.498   -1.137  1.00 13.69 ? 20  GLU B O   1 
ATOM   855  C  CB  . GLU B 1 20 ? -10.232 8.372   -1.840  1.00 15.35 ? 20  GLU B CB  1 
ATOM   856  C  CG  . GLU B 1 20 ? -11.592 8.650   -1.199  1.00 16.71 ? 20  GLU B CG  1 
ATOM   857  C  CD  . GLU B 1 20 ? -12.661 8.975   -2.228  1.00 17.13 ? 20  GLU B CD  1 
ATOM   858  O  OE1 . GLU B 1 20 ? -12.311 9.495   -3.308  1.00 18.20 ? 20  GLU B OE1 1 
ATOM   859  O  OE2 . GLU B 1 20 ? -13.855 8.719   -1.956  1.00 17.41 ? 20  GLU B OE2 1 
ATOM   860  N  N   . TYR B 1 21 ? -10.035 6.384   0.832   1.00 13.97 ? 21  TYR B N   1 
ATOM   861  C  CA  . TYR B 1 21 ? -10.476 5.112   1.415   1.00 15.01 ? 21  TYR B CA  1 
ATOM   862  C  C   . TYR B 1 21 ? -11.963 4.953   1.161   1.00 14.43 ? 21  TYR B C   1 
ATOM   863  O  O   . TYR B 1 21 ? -12.699 5.941   1.100   1.00 16.16 ? 21  TYR B O   1 
ATOM   864  C  CB  . TYR B 1 21 ? -10.263 5.102   2.935   1.00 15.08 ? 21  TYR B CB  1 
ATOM   865  C  CG  . TYR B 1 21 ? -9.073  4.307   3.417   1.00 16.15 ? 21  TYR B CG  1 
ATOM   866  C  CD1 . TYR B 1 21 ? -8.833  3.015   2.948   1.00 17.07 ? 21  TYR B CD1 1 
ATOM   867  C  CD2 . TYR B 1 21 ? -8.193  4.842   4.351   1.00 16.62 ? 21  TYR B CD2 1 
ATOM   868  C  CE1 . TYR B 1 21 ? -7.738  2.277   3.400   1.00 18.00 ? 21  TYR B CE1 1 
ATOM   869  C  CE2 . TYR B 1 21 ? -7.096  4.118   4.811   1.00 18.17 ? 21  TYR B CE2 1 
ATOM   870  C  CZ  . TYR B 1 21 ? -6.875  2.837   4.329   1.00 18.10 ? 21  TYR B CZ  1 
ATOM   871  O  OH  . TYR B 1 21 ? -5.779  2.120   4.762   1.00 20.02 ? 21  TYR B OH  1 
ATOM   872  N  N   . SER B 1 22 ? -12.414 3.713   1.017   1.00 14.53 ? 22  SER B N   1 
ATOM   873  C  CA  . SER B 1 22 ? -13.833 3.459   0.836   1.00 14.80 ? 22  SER B CA  1 
ATOM   874  C  C   . SER B 1 22 ? -14.369 3.381   2.263   1.00 15.92 ? 22  SER B C   1 
ATOM   875  O  O   . SER B 1 22 ? -13.602 3.506   3.224   1.00 15.46 ? 22  SER B O   1 
ATOM   876  C  CB  . SER B 1 22 ? -14.070 2.111   0.156   1.00 15.10 ? 22  SER B CB  1 
ATOM   877  O  OG  . SER B 1 22 ? -13.757 1.045   1.041   1.00 14.66 ? 22  SER B OG  1 
ATOM   878  N  N   . LYS B 1 23 ? -15.673 3.167   2.398   1.00 16.82 ? 23  LYS B N   1 
ATOM   879  C  CA  . LYS B 1 23 ? -16.275 3.037   3.716   1.00 18.18 ? 23  LYS B CA  1 
ATOM   880  C  C   . LYS B 1 23 ? -15.799 1.702   4.272   1.00 17.97 ? 23  LYS B C   1 
ATOM   881  O  O   . LYS B 1 23 ? -15.140 0.935   3.574   1.00 16.76 ? 23  LYS B O   1 
ATOM   882  C  CB  . LYS B 1 23 ? -17.800 3.021   3.606   1.00 19.82 ? 23  LYS B CB  1 
ATOM   883  C  CG  . LYS B 1 23 ? -18.348 1.839   2.820   1.00 22.15 ? 23  LYS B CG  1 
ATOM   884  C  CD  . LYS B 1 23 ? -19.870 1.806   2.862   1.00 23.90 ? 23  LYS B CD  1 
ATOM   885  C  CE  . LYS B 1 23 ? -20.413 0.530   2.240   1.00 25.08 ? 23  LYS B CE  1 
ATOM   886  N  NZ  . LYS B 1 23 ? -21.889 0.431   2.414   1.00 25.67 ? 23  LYS B NZ  1 
ATOM   887  N  N   . ASP B 1 24 ? -16.124 1.427   5.529   1.00 18.07 ? 24  ASP B N   1 
ATOM   888  C  CA  . ASP B 1 24 ? -15.736 0.159   6.126   1.00 18.63 ? 24  ASP B CA  1 
ATOM   889  C  C   . ASP B 1 24 ? -16.851 -0.808  5.750   1.00 18.41 ? 24  ASP B C   1 
ATOM   890  O  O   . ASP B 1 24 ? -18.018 -0.553  6.047   1.00 18.43 ? 24  ASP B O   1 
ATOM   891  C  CB  . ASP B 1 24 ? -15.656 0.274   7.651   1.00 19.96 ? 24  ASP B CB  1 
ATOM   892  C  CG  . ASP B 1 24 ? -15.100 -0.983  8.299   1.00 21.09 ? 24  ASP B CG  1 
ATOM   893  O  OD1 . ASP B 1 24 ? -15.518 -2.094  7.916   1.00 21.95 ? 24  ASP B OD1 1 
ATOM   894  O  OD2 . ASP B 1 24 ? -14.246 -0.864  9.199   1.00 22.15 ? 24  ASP B OD2 1 
ATOM   895  N  N   . PHE B 1 25 ? -16.500 -1.907  5.094   1.00 17.95 ? 25  PHE B N   1 
ATOM   896  C  CA  . PHE B 1 25 ? -17.512 -2.880  4.693   1.00 18.21 ? 25  PHE B CA  1 
ATOM   897  C  C   . PHE B 1 25 ? -17.775 -3.927  5.768   1.00 18.60 ? 25  PHE B C   1 
ATOM   898  O  O   . PHE B 1 25 ? -18.594 -4.821  5.575   1.00 19.54 ? 25  PHE B O   1 
ATOM   899  C  CB  . PHE B 1 25 ? -17.091 -3.601  3.411   1.00 17.90 ? 25  PHE B CB  1 
ATOM   900  C  CG  . PHE B 1 25 ? -17.141 -2.745  2.178   1.00 17.21 ? 25  PHE B CG  1 
ATOM   901  C  CD1 . PHE B 1 25 ? -16.083 -1.903  1.853   1.00 17.52 ? 25  PHE B CD1 1 
ATOM   902  C  CD2 . PHE B 1 25 ? -18.243 -2.794  1.332   1.00 17.75 ? 25  PHE B CD2 1 
ATOM   903  C  CE1 . PHE B 1 25 ? -16.121 -1.127  0.702   1.00 17.33 ? 25  PHE B CE1 1 
ATOM   904  C  CE2 . PHE B 1 25 ? -18.293 -2.017  0.175   1.00 18.26 ? 25  PHE B CE2 1 
ATOM   905  C  CZ  . PHE B 1 25 ? -17.228 -1.183  -0.140  1.00 17.78 ? 25  PHE B CZ  1 
ATOM   906  N  N   . GLY B 1 26 ? -17.093 -3.820  6.900   1.00 18.23 ? 26  GLY B N   1 
ATOM   907  C  CA  . GLY B 1 26 ? -17.283 -4.821  7.937   1.00 18.65 ? 26  GLY B CA  1 
ATOM   908  C  C   . GLY B 1 26 ? -16.731 -6.128  7.399   1.00 18.64 ? 26  GLY B C   1 
ATOM   909  O  O   . GLY B 1 26 ? -15.627 -6.150  6.858   1.00 17.87 ? 26  GLY B O   1 
ATOM   910  N  N   . ASP B 1 27 ? -17.486 -7.215  7.528   1.00 18.17 ? 27  ASP B N   1 
ATOM   911  C  CA  . ASP B 1 27 ? -17.023 -8.507  7.030   1.00 18.04 ? 27  ASP B CA  1 
ATOM   912  C  C   . ASP B 1 27 ? -17.698 -8.887  5.720   1.00 17.86 ? 27  ASP B C   1 
ATOM   913  O  O   . ASP B 1 27 ? -17.714 -10.056 5.321   1.00 17.07 ? 27  ASP B O   1 
ATOM   914  C  CB  . ASP B 1 27 ? -17.259 -9.586  8.083   1.00 19.32 ? 27  ASP B CB  1 
ATOM   915  C  CG  . ASP B 1 27 ? -16.476 -9.328  9.351   1.00 20.03 ? 27  ASP B CG  1 
ATOM   916  O  OD1 . ASP B 1 27 ? -15.251 -9.126  9.255   1.00 20.93 ? 27  ASP B OD1 1 
ATOM   917  O  OD2 . ASP B 1 27 ? -17.083 -9.329  10.440  1.00 21.26 ? 27  ASP B OD2 1 
ATOM   918  N  N   . ASP B 1 28 ? -18.262 -7.882  5.060   1.00 16.69 ? 28  ASP B N   1 
ATOM   919  C  CA  . ASP B 1 28 ? -18.934 -8.057  3.785   1.00 16.48 ? 28  ASP B CA  1 
ATOM   920  C  C   . ASP B 1 28 ? -17.847 -8.012  2.721   1.00 16.07 ? 28  ASP B C   1 
ATOM   921  O  O   . ASP B 1 28 ? -17.373 -6.939  2.366   1.00 15.27 ? 28  ASP B O   1 
ATOM   922  C  CB  . ASP B 1 28 ? -19.926 -6.910  3.570   1.00 17.23 ? 28  ASP B CB  1 
ATOM   923  C  CG  . ASP B 1 28 ? -20.565 -6.933  2.202   1.00 18.02 ? 28  ASP B CG  1 
ATOM   924  O  OD1 . ASP B 1 28 ? -20.302 -7.881  1.431   1.00 18.32 ? 28  ASP B OD1 1 
ATOM   925  O  OD2 . ASP B 1 28 ? -21.336 -5.999  1.899   1.00 18.40 ? 28  ASP B OD2 1 
ATOM   926  N  N   . GLY B 1 29 ? -17.443 -9.175  2.226   1.00 15.72 ? 29  GLY B N   1 
ATOM   927  C  CA  . GLY B 1 29 ? -16.399 -9.212  1.216   1.00 16.15 ? 29  GLY B CA  1 
ATOM   928  C  C   . GLY B 1 29 ? -16.931 -9.321  -0.197  1.00 16.19 ? 29  GLY B C   1 
ATOM   929  O  O   . GLY B 1 29 ? -16.192 -9.669  -1.119  1.00 16.11 ? 29  GLY B O   1 
ATOM   930  N  N   . SER B 1 30 ? -18.209 -9.005  -0.377  1.00 15.92 ? 30  SER B N   1 
ATOM   931  C  CA  . SER B 1 30 ? -18.832 -9.102  -1.689  1.00 16.03 ? 30  SER B CA  1 
ATOM   932  C  C   . SER B 1 30 ? -18.156 -8.283  -2.797  1.00 16.16 ? 30  SER B C   1 
ATOM   933  O  O   . SER B 1 30 ? -18.046 -8.755  -3.926  1.00 15.84 ? 30  SER B O   1 
ATOM   934  C  CB  . SER B 1 30 ? -20.319 -8.733  -1.592  1.00 16.85 ? 30  SER B CB  1 
ATOM   935  O  OG  . SER B 1 30 ? -20.493 -7.419  -1.095  1.00 19.51 ? 30  SER B OG  1 
ATOM   936  N  N   . VAL B 1 31 ? -17.702 -7.069  -2.494  1.00 15.63 ? 31  VAL B N   1 
ATOM   937  C  CA  . VAL B 1 31 ? -17.049 -6.260  -3.527  1.00 15.71 ? 31  VAL B CA  1 
ATOM   938  C  C   . VAL B 1 31 ? -15.807 -6.965  -4.082  1.00 15.68 ? 31  VAL B C   1 
ATOM   939  O  O   . VAL B 1 31 ? -15.583 -6.998  -5.295  1.00 16.35 ? 31  VAL B O   1 
ATOM   940  C  CB  . VAL B 1 31 ? -16.640 -4.868  -2.996  1.00 16.03 ? 31  VAL B CB  1 
ATOM   941  C  CG1 . VAL B 1 31 ? -15.948 -4.070  -4.107  1.00 16.02 ? 31  VAL B CG1 1 
ATOM   942  C  CG2 . VAL B 1 31 ? -17.874 -4.116  -2.521  1.00 17.50 ? 31  VAL B CG2 1 
ATOM   943  N  N   . MET B 1 32 ? -14.999 -7.538  -3.202  1.00 16.09 ? 32  MET B N   1 
ATOM   944  C  CA  . MET B 1 32 ? -13.804 -8.240  -3.654  1.00 16.30 ? 32  MET B CA  1 
ATOM   945  C  C   . MET B 1 32 ? -14.197 -9.440  -4.508  1.00 17.31 ? 32  MET B C   1 
ATOM   946  O  O   . MET B 1 32 ? -13.602 -9.696  -5.551  1.00 16.97 ? 32  MET B O   1 
ATOM   947  C  CB  . MET B 1 32 ? -12.967 -8.707  -2.457  1.00 15.85 ? 32  MET B CB  1 
ATOM   948  C  CG  . MET B 1 32 ? -12.200 -7.592  -1.751  1.00 15.33 ? 32  MET B CG  1 
ATOM   949  S  SD  . MET B 1 32 ? -11.215 -8.231  -0.381  1.00 14.20 ? 32  MET B SD  1 
ATOM   950  C  CE  . MET B 1 32 ? -9.878  -8.945  -1.284  1.00 14.20 ? 32  MET B CE  1 
ATOM   951  N  N   . GLU B 1 33 ? -15.203 -10.181 -4.059  1.00 18.40 ? 33  GLU B N   1 
ATOM   952  C  CA  . GLU B 1 33 ? -15.662 -11.349 -4.796  1.00 19.69 ? 33  GLU B CA  1 
ATOM   953  C  C   . GLU B 1 33 ? -16.111 -10.967 -6.204  1.00 19.31 ? 33  GLU B C   1 
ATOM   954  O  O   . GLU B 1 33 ? -15.913 -11.729 -7.150  1.00 19.62 ? 33  GLU B O   1 
ATOM   955  C  CB  . GLU B 1 33 ? -16.815 -12.030 -4.052  1.00 21.28 ? 33  GLU B CB  1 
ATOM   956  C  CG  . GLU B 1 33 ? -16.453 -12.559 -2.668  1.00 24.09 ? 33  GLU B CG  1 
ATOM   957  C  CD  . GLU B 1 33 ? -15.323 -13.576 -2.692  1.00 25.80 ? 33  GLU B CD  1 
ATOM   958  O  OE1 . GLU B 1 33 ? -15.247 -14.368 -3.658  1.00 26.14 ? 33  GLU B OE1 1 
ATOM   959  O  OE2 . GLU B 1 33 ? -14.521 -13.595 -1.731  1.00 27.34 ? 33  GLU B OE2 1 
ATOM   960  N  N   . SER B 1 34 ? -16.708 -9.789  -6.349  1.00 19.20 ? 34  SER B N   1 
ATOM   961  C  CA  . SER B 1 34 ? -17.165 -9.347  -7.664  1.00 19.69 ? 34  SER B CA  1 
ATOM   962  C  C   . SER B 1 34 ? -15.979 -9.019  -8.569  1.00 19.61 ? 34  SER B C   1 
ATOM   963  O  O   . SER B 1 34 ? -16.086 -9.062  -9.794  1.00 19.49 ? 34  SER B O   1 
ATOM   964  C  CB  . SER B 1 34 ? -18.071 -8.120  -7.540  1.00 20.51 ? 34  SER B CB  1 
ATOM   965  O  OG  . SER B 1 34 ? -17.326 -6.959  -7.199  1.00 22.77 ? 34  SER B OG  1 
ATOM   966  N  N   . LEU B 1 35 ? -14.849 -8.680  -7.963  1.00 19.46 ? 35  LEU B N   1 
ATOM   967  C  CA  . LEU B 1 35 ? -13.655 -8.351  -8.739  1.00 19.89 ? 35  LEU B CA  1 
ATOM   968  C  C   . LEU B 1 35 ? -12.962 -9.638  -9.161  1.00 20.96 ? 35  LEU B C   1 
ATOM   969  O  O   . LEU B 1 35 ? -12.113 -9.637  -10.056 1.00 20.45 ? 35  LEU B O   1 
ATOM   970  C  CB  . LEU B 1 35 ? -12.675 -7.527  -7.903  1.00 19.08 ? 35  LEU B CB  1 
ATOM   971  C  CG  . LEU B 1 35 ? -13.051 -6.125  -7.423  1.00 19.42 ? 35  LEU B CG  1 
ATOM   972  C  CD1 . LEU B 1 35 ? -11.898 -5.568  -6.606  1.00 19.63 ? 35  LEU B CD1 1 
ATOM   973  C  CD2 . LEU B 1 35 ? -13.348 -5.217  -8.604  1.00 19.02 ? 35  LEU B CD2 1 
ATOM   974  N  N   . GLY B 1 36 ? -13.326 -10.732 -8.496  1.00 21.31 ? 36  GLY B N   1 
ATOM   975  C  CA  . GLY B 1 36 ? -12.714 -12.015 -8.781  1.00 23.08 ? 36  GLY B CA  1 
ATOM   976  C  C   . GLY B 1 36 ? -11.508 -12.234 -7.880  1.00 24.40 ? 36  GLY B C   1 
ATOM   977  O  O   . GLY B 1 36 ? -10.657 -13.082 -8.159  1.00 24.62 ? 36  GLY B O   1 
ATOM   978  N  N   . VAL B 1 37 ? -11.439 -11.466 -6.794  1.00 25.12 ? 37  VAL B N   1 
ATOM   979  C  CA  . VAL B 1 37 ? -10.336 -11.557 -5.838  1.00 26.40 ? 37  VAL B CA  1 
ATOM   980  C  C   . VAL B 1 37 ? -10.831 -12.099 -4.493  1.00 27.70 ? 37  VAL B C   1 
ATOM   981  O  O   . VAL B 1 37 ? -11.458 -11.376 -3.717  1.00 27.47 ? 37  VAL B O   1 
ATOM   982  C  CB  . VAL B 1 37 ? -9.696  -10.169 -5.594  1.00 26.58 ? 37  VAL B CB  1 
ATOM   983  C  CG1 . VAL B 1 37 ? -8.531  -10.294 -4.626  1.00 26.13 ? 37  VAL B CG1 1 
ATOM   984  C  CG2 . VAL B 1 37 ? -9.236  -9.567  -6.915  1.00 26.62 ? 37  VAL B CG2 1 
ATOM   985  N  N   . PRO B 1 38 ? -10.554 -13.384 -4.204  1.00 28.56 ? 38  PRO B N   1 
ATOM   986  C  CA  . PRO B 1 38 ? -10.980 -14.010 -2.948  1.00 29.11 ? 38  PRO B CA  1 
ATOM   987  C  C   . PRO B 1 38 ? -10.803 -13.098 -1.733  1.00 29.66 ? 38  PRO B C   1 
ATOM   988  O  O   . PRO B 1 38 ? -9.694  -12.669 -1.419  1.00 29.07 ? 38  PRO B O   1 
ATOM   989  C  CB  . PRO B 1 38 ? -10.115 -15.263 -2.890  1.00 29.15 ? 38  PRO B CB  1 
ATOM   990  C  CG  . PRO B 1 38 ? -10.065 -15.665 -4.332  1.00 29.19 ? 38  PRO B CG  1 
ATOM   991  C  CD  . PRO B 1 38 ? -9.782  -14.336 -5.024  1.00 29.08 ? 38  PRO B CD  1 
ATOM   992  N  N   . PHE B 1 39 ? -11.919 -12.815 -1.063  1.00 30.62 ? 39  PHE B N   1 
ATOM   993  C  CA  . PHE B 1 39 ? -11.948 -11.938 0.107   1.00 32.13 ? 39  PHE B CA  1 
ATOM   994  C  C   . PHE B 1 39 ? -10.869 -12.208 1.155   1.00 33.02 ? 39  PHE B C   1 
ATOM   995  O  O   . PHE B 1 39 ? -9.816  -11.573 1.142   1.00 34.16 ? 39  PHE B O   1 
ATOM   996  C  CB  . PHE B 1 39 ? -13.346 -11.993 0.743   1.00 31.65 ? 39  PHE B CB  1 
ATOM   997  C  CG  . PHE B 1 39 ? -13.455 -11.281 2.067   1.00 31.82 ? 39  PHE B CG  1 
ATOM   998  C  CD1 . PHE B 1 39 ? -12.765 -10.092 2.303   1.00 31.63 ? 39  PHE B CD1 1 
ATOM   999  C  CD2 . PHE B 1 39 ? -14.282 -11.786 3.068   1.00 31.25 ? 39  PHE B CD2 1 
ATOM   1000 C  CE1 . PHE B 1 39 ? -12.897 -9.416  3.519   1.00 31.63 ? 39  PHE B CE1 1 
ATOM   1001 C  CE2 . PHE B 1 39 ? -14.424 -11.119 4.289   1.00 31.49 ? 39  PHE B CE2 1 
ATOM   1002 C  CZ  . PHE B 1 39 ? -13.729 -9.930  4.513   1.00 32.01 ? 39  PHE B CZ  1 
ATOM   1003 N  N   . LYS B 1 40 ? -11.132 -13.134 2.066   1.00 33.91 ? 40  LYS B N   1 
ATOM   1004 C  CA  . LYS B 1 40 ? -10.173 -13.446 3.118   1.00 34.60 ? 40  LYS B CA  1 
ATOM   1005 C  C   . LYS B 1 40 ? -8.774  -13.760 2.583   1.00 34.64 ? 40  LYS B C   1 
ATOM   1006 O  O   . LYS B 1 40 ? -7.775  -13.275 3.111   1.00 34.95 ? 40  LYS B O   1 
ATOM   1007 C  CB  . LYS B 1 40 ? -10.672 -14.636 3.944   1.00 35.42 ? 40  LYS B CB  1 
ATOM   1008 C  CG  . LYS B 1 40 ? -12.018 -14.419 4.622   1.00 36.12 ? 40  LYS B CG  1 
ATOM   1009 C  CD  . LYS B 1 40 ? -12.467 -15.679 5.354   1.00 36.42 ? 40  LYS B CD  1 
ATOM   1010 C  CE  . LYS B 1 40 ? -13.829 -15.494 6.008   1.00 37.01 ? 40  LYS B CE  1 
ATOM   1011 N  NZ  . LYS B 1 40 ? -13.816 -14.438 7.057   1.00 36.85 ? 40  LYS B NZ  1 
ATOM   1012 N  N   . ASP B 1 41 ? -8.714  -14.559 1.526   1.00 34.35 ? 41  ASP B N   1 
ATOM   1013 C  CA  . ASP B 1 41 ? -7.441  -14.974 0.949   1.00 34.05 ? 41  ASP B CA  1 
ATOM   1014 C  C   . ASP B 1 41 ? -6.648  -13.933 0.156   1.00 33.32 ? 41  ASP B C   1 
ATOM   1015 O  O   . ASP B 1 41 ? -5.693  -14.289 -0.533  1.00 33.82 ? 41  ASP B O   1 
ATOM   1016 C  CB  . ASP B 1 41 ? -7.670  -16.216 0.082   1.00 35.52 ? 41  ASP B CB  1 
ATOM   1017 C  CG  . ASP B 1 41 ? -8.337  -17.342 0.852   1.00 36.72 ? 41  ASP B CG  1 
ATOM   1018 O  OD1 . ASP B 1 41 ? -7.767  -17.777 1.878   1.00 37.35 ? 41  ASP B OD1 1 
ATOM   1019 O  OD2 . ASP B 1 41 ? -9.430  -17.789 0.439   1.00 37.44 ? 41  ASP B OD2 1 
ATOM   1020 N  N   . ASN B 1 42 ? -7.021  -12.659 0.248   1.00 31.88 ? 42  ASN B N   1 
ATOM   1021 C  CA  . ASN B 1 42 ? -6.292  -11.621 -0.482  1.00 30.00 ? 42  ASN B CA  1 
ATOM   1022 C  C   . ASN B 1 42 ? -6.217  -10.278 0.226   1.00 28.39 ? 42  ASN B C   1 
ATOM   1023 O  O   . ASN B 1 42 ? -5.673  -9.313  -0.318  1.00 28.24 ? 42  ASN B O   1 
ATOM   1024 C  CB  . ASN B 1 42 ? -6.884  -11.416 -1.879  1.00 30.78 ? 42  ASN B CB  1 
ATOM   1025 C  CG  . ASN B 1 42 ? -6.553  -12.550 -2.821  1.00 31.01 ? 42  ASN B CG  1 
ATOM   1026 O  OD1 . ASN B 1 42 ? -7.109  -13.645 -2.719  1.00 31.73 ? 42  ASN B OD1 1 
ATOM   1027 N  ND2 . ASN B 1 42 ? -5.632  -12.298 -3.743  1.00 31.42 ? 42  ASN B ND2 1 
ATOM   1028 N  N   . VAL B 1 43 ? -6.762  -10.207 1.433   1.00 26.21 ? 43  VAL B N   1 
ATOM   1029 C  CA  . VAL B 1 43 ? -6.709  -8.966  2.185   1.00 24.13 ? 43  VAL B CA  1 
ATOM   1030 C  C   . VAL B 1 43 ? -5.321  -8.845  2.783   1.00 23.09 ? 43  VAL B C   1 
ATOM   1031 O  O   . VAL B 1 43 ? -4.627  -9.841  2.967   1.00 22.49 ? 43  VAL B O   1 
ATOM   1032 C  CB  . VAL B 1 43 ? -7.736  -8.932  3.331   1.00 23.95 ? 43  VAL B CB  1 
ATOM   1033 C  CG1 . VAL B 1 43 ? -9.142  -8.918  2.766   1.00 23.94 ? 43  VAL B CG1 1 
ATOM   1034 C  CG2 . VAL B 1 43 ? -7.526  -10.120 4.246   1.00 24.08 ? 43  VAL B CG2 1 
ATOM   1035 N  N   . ASN B 1 44 ? -4.913  -7.618  3.067   1.00 21.97 ? 44  ASN B N   1 
ATOM   1036 C  CA  . ASN B 1 44 ? -3.613  -7.377  3.659   1.00 21.00 ? 44  ASN B CA  1 
ATOM   1037 C  C   . ASN B 1 44 ? -2.475  -8.056  2.907   1.00 21.70 ? 44  ASN B C   1 
ATOM   1038 O  O   . ASN B 1 44 ? -1.596  -8.688  3.503   1.00 20.51 ? 44  ASN B O   1 
ATOM   1039 C  CB  . ASN B 1 44 ? -3.633  -7.805  5.128   1.00 20.27 ? 44  ASN B CB  1 
ATOM   1040 C  CG  . ASN B 1 44 ? -4.655  -7.030  5.937   1.00 19.59 ? 44  ASN B CG  1 
ATOM   1041 O  OD1 . ASN B 1 44 ? -4.899  -5.856  5.670   1.00 18.79 ? 44  ASN B OD1 1 
ATOM   1042 N  ND2 . ASN B 1 44 ? -5.253  -7.679  6.934   1.00 19.64 ? 44  ASN B ND2 1 
ATOM   1043 N  N   . ASN B 1 45 ? -2.506  -7.923  1.586   1.00 22.26 ? 45  ASN B N   1 
ATOM   1044 C  CA  . ASN B 1 45 ? -1.461  -8.459  0.729   1.00 23.94 ? 45  ASN B CA  1 
ATOM   1045 C  C   . ASN B 1 45 ? -0.917  -7.200  0.056   1.00 24.05 ? 45  ASN B C   1 
ATOM   1046 O  O   . ASN B 1 45 ? -1.048  -6.110  0.601   1.00 24.22 ? 45  ASN B O   1 
ATOM   1047 C  CB  . ASN B 1 45 ? -2.043  -9.439  -0.300  1.00 25.48 ? 45  ASN B CB  1 
ATOM   1048 C  CG  . ASN B 1 45 ? -1.206  -10.713 -0.438  1.00 26.49 ? 45  ASN B CG  1 
ATOM   1049 O  OD1 . ASN B 1 45 ? -0.028  -10.665 -0.801  1.00 26.66 ? 45  ASN B OD1 1 
ATOM   1050 N  ND2 . ASN B 1 45 ? -1.815  -11.856 -0.138  1.00 27.77 ? 45  ASN B ND2 1 
ATOM   1051 N  N   . GLY B 1 46 ? -0.310  -7.318  -1.112  1.00 24.47 ? 46  GLY B N   1 
ATOM   1052 C  CA  . GLY B 1 46 ? 0.204   -6.112  -1.744  1.00 24.14 ? 46  GLY B CA  1 
ATOM   1053 C  C   . GLY B 1 46 ? -0.942  -5.319  -2.333  1.00 23.57 ? 46  GLY B C   1 
ATOM   1054 O  O   . GLY B 1 46 ? -2.067  -5.374  -1.833  1.00 23.52 ? 46  GLY B O   1 
ATOM   1055 N  N   . CYS B 1 47 ? -0.676  -4.550  -3.378  1.00 23.13 ? 47  CYS B N   1 
ATOM   1056 C  CA  . CYS B 1 47 ? -1.767  -3.829  -4.007  1.00 22.59 ? 47  CYS B CA  1 
ATOM   1057 C  C   . CYS B 1 47 ? -1.905  -4.296  -5.444  1.00 21.89 ? 47  CYS B C   1 
ATOM   1058 O  O   . CYS B 1 47 ? -0.968  -4.833  -6.040  1.00 21.48 ? 47  CYS B O   1 
ATOM   1059 C  CB  . CYS B 1 47 ? -1.580  -2.311  -3.918  1.00 23.34 ? 47  CYS B CB  1 
ATOM   1060 S  SG  . CYS B 1 47 ? -0.012  -1.666  -4.443  1.00 26.69 ? 47  CYS B SG  1 
ATOM   1061 N  N   . PHE B 1 48 ? -3.092  -4.101  -5.992  1.00 20.45 ? 48  PHE B N   1 
ATOM   1062 C  CA  . PHE B 1 48 ? -3.393  -4.542  -7.338  1.00 19.81 ? 48  PHE B CA  1 
ATOM   1063 C  C   . PHE B 1 48 ? -3.611  -3.397  -8.306  1.00 19.38 ? 48  PHE B C   1 
ATOM   1064 O  O   . PHE B 1 48 ? -3.985  -2.290  -7.915  1.00 18.11 ? 48  PHE B O   1 
ATOM   1065 C  CB  . PHE B 1 48 ? -4.643  -5.419  -7.311  1.00 20.04 ? 48  PHE B CB  1 
ATOM   1066 C  CG  . PHE B 1 48 ? -4.538  -6.598  -6.388  1.00 20.61 ? 48  PHE B CG  1 
ATOM   1067 C  CD1 . PHE B 1 48 ? -4.388  -6.415  -5.016  1.00 20.30 ? 48  PHE B CD1 1 
ATOM   1068 C  CD2 . PHE B 1 48 ? -4.587  -7.893  -6.891  1.00 20.67 ? 48  PHE B CD2 1 
ATOM   1069 C  CE1 . PHE B 1 48 ? -4.287  -7.503  -4.157  1.00 20.63 ? 48  PHE B CE1 1 
ATOM   1070 C  CE2 . PHE B 1 48 ? -4.489  -8.989  -6.040  1.00 20.30 ? 48  PHE B CE2 1 
ATOM   1071 C  CZ  . PHE B 1 48 ? -4.338  -8.792  -4.670  1.00 20.71 ? 48  PHE B CZ  1 
ATOM   1072 N  N   . ASP B 1 49 ? -3.370  -3.673  -9.581  1.00 19.03 ? 49  ASP B N   1 
ATOM   1073 C  CA  . ASP B 1 49 ? -3.571  -2.676  -10.610 1.00 19.12 ? 49  ASP B CA  1 
ATOM   1074 C  C   . ASP B 1 49 ? -5.049  -2.711  -10.955 1.00 17.52 ? 49  ASP B C   1 
ATOM   1075 O  O   . ASP B 1 49 ? -5.626  -3.788  -11.124 1.00 16.94 ? 49  ASP B O   1 
ATOM   1076 C  CB  . ASP B 1 49 ? -2.741  -3.018  -11.844 1.00 22.34 ? 49  ASP B CB  1 
ATOM   1077 C  CG  . ASP B 1 49 ? -1.266  -3.132  -11.533 1.00 25.41 ? 49  ASP B CG  1 
ATOM   1078 O  OD1 . ASP B 1 49 ? -0.730  -2.204  -10.902 1.00 26.82 ? 49  ASP B OD1 1 
ATOM   1079 O  OD2 . ASP B 1 49 ? -0.642  -4.146  -11.920 1.00 27.25 ? 49  ASP B OD2 1 
ATOM   1080 N  N   . VAL B 1 50 ? -5.672  -1.545  -11.041 1.00 15.98 ? 50  VAL B N   1 
ATOM   1081 C  CA  . VAL B 1 50 ? -7.089  -1.503  -11.376 1.00 15.27 ? 50  VAL B CA  1 
ATOM   1082 C  C   . VAL B 1 50 ? -7.254  -1.551  -12.885 1.00 14.65 ? 50  VAL B C   1 
ATOM   1083 O  O   . VAL B 1 50 ? -6.730  -0.699  -13.602 1.00 15.65 ? 50  VAL B O   1 
ATOM   1084 C  CB  . VAL B 1 50 ? -7.755  -0.225  -10.857 1.00 15.00 ? 50  VAL B CB  1 
ATOM   1085 C  CG1 . VAL B 1 50 ? -9.242  -0.244  -11.183 1.00 15.79 ? 50  VAL B CG1 1 
ATOM   1086 C  CG2 . VAL B 1 50 ? -7.551  -0.116  -9.364  1.00 14.98 ? 50  VAL B CG2 1 
ATOM   1087 N  N   . ILE B 1 51 ? -7.965  -2.569  -13.357 1.00 13.85 ? 51  ILE B N   1 
ATOM   1088 C  CA  . ILE B 1 51 ? -8.221  -2.734  -14.778 1.00 13.39 ? 51  ILE B CA  1 
ATOM   1089 C  C   . ILE B 1 51 ? -9.589  -2.126  -15.091 1.00 13.25 ? 51  ILE B C   1 
ATOM   1090 O  O   . ILE B 1 51 ? -10.385 -1.901  -14.189 1.00 13.37 ? 51  ILE B O   1 
ATOM   1091 C  CB  . ILE B 1 51 ? -8.215  -4.216  -15.155 1.00 13.74 ? 51  ILE B CB  1 
ATOM   1092 C  CG1 . ILE B 1 51 ? -9.253  -4.970  -14.328 1.00 14.29 ? 51  ILE B CG1 1 
ATOM   1093 C  CG2 . ILE B 1 51 ? -6.837  -4.811  -14.884 1.00 13.07 ? 51  ILE B CG2 1 
ATOM   1094 C  CD1 . ILE B 1 51 ? -9.354  -6.437  -14.711 1.00 15.55 ? 51  ILE B CD1 1 
ATOM   1095 N  N   . ALA B 1 52 ? -9.858  -1.867  -16.366 1.00 12.34 ? 52  ALA B N   1 
ATOM   1096 C  CA  . ALA B 1 52 ? -11.120 -1.256  -16.774 1.00 12.51 ? 52  ALA B CA  1 
ATOM   1097 C  C   . ALA B 1 52 ? -12.352 -1.986  -16.272 1.00 12.62 ? 52  ALA B C   1 
ATOM   1098 O  O   . ALA B 1 52 ? -13.329 -1.355  -15.871 1.00 12.36 ? 52  ALA B O   1 
ATOM   1099 C  CB  . ALA B 1 52 ? -11.176 -1.136  -18.301 1.00 12.03 ? 52  ALA B CB  1 
ATOM   1100 N  N   . GLU B 1 53 ? -12.310 -3.316  -16.295 1.00 13.20 ? 53  GLU B N   1 
ATOM   1101 C  CA  . GLU B 1 53 ? -13.440 -4.122  -15.847 1.00 14.08 ? 53  GLU B CA  1 
ATOM   1102 C  C   . GLU B 1 53 ? -13.824 -3.857  -14.390 1.00 13.93 ? 53  GLU B C   1 
ATOM   1103 O  O   . GLU B 1 53 ? -14.981 -4.049  -13.998 1.00 14.55 ? 53  GLU B O   1 
ATOM   1104 C  CB  . GLU B 1 53 ? -13.129 -5.612  -16.028 1.00 14.78 ? 53  GLU B CB  1 
ATOM   1105 C  CG  . GLU B 1 53 ? -13.162 -6.113  -17.476 1.00 15.79 ? 53  GLU B CG  1 
ATOM   1106 C  CD  . GLU B 1 53 ? -11.923 -5.753  -18.279 1.00 16.37 ? 53  GLU B CD  1 
ATOM   1107 O  OE1 . GLU B 1 53 ? -10.967 -5.185  -17.701 1.00 15.97 ? 53  GLU B OE1 1 
ATOM   1108 O  OE2 . GLU B 1 53 ? -11.903 -6.052  -19.497 1.00 16.36 ? 53  GLU B OE2 1 
ATOM   1109 N  N   . TRP B 1 54 ? -12.850 -3.427  -13.589 1.00 14.40 ? 54  TRP B N   1 
ATOM   1110 C  CA  . TRP B 1 54 ? -13.078 -3.139  -12.170 1.00 13.99 ? 54  TRP B CA  1 
ATOM   1111 C  C   . TRP B 1 54 ? -13.680 -1.763  -11.889 1.00 14.20 ? 54  TRP B C   1 
ATOM   1112 O  O   . TRP B 1 54 ? -14.286 -1.555  -10.839 1.00 14.66 ? 54  TRP B O   1 
ATOM   1113 C  CB  . TRP B 1 54 ? -11.767 -3.248  -11.386 1.00 14.85 ? 54  TRP B CB  1 
ATOM   1114 C  CG  . TRP B 1 54 ? -11.280 -4.641  -11.180 1.00 15.30 ? 54  TRP B CG  1 
ATOM   1115 C  CD1 . TRP B 1 54 ? -11.821 -5.779  -11.686 1.00 15.61 ? 54  TRP B CD1 1 
ATOM   1116 C  CD2 . TRP B 1 54 ? -10.160 -5.046  -10.382 1.00 15.69 ? 54  TRP B CD2 1 
ATOM   1117 N  NE1 . TRP B 1 54 ? -11.112 -6.875  -11.255 1.00 15.91 ? 54  TRP B NE1 1 
ATOM   1118 C  CE2 . TRP B 1 54 ? -10.085 -6.453  -10.452 1.00 15.96 ? 54  TRP B CE2 1 
ATOM   1119 C  CE3 . TRP B 1 54 ? -9.213  -4.356  -9.614  1.00 16.32 ? 54  TRP B CE3 1 
ATOM   1120 C  CZ2 . TRP B 1 54 ? -9.102  -7.188  -9.783  1.00 15.25 ? 54  TRP B CZ2 1 
ATOM   1121 C  CZ3 . TRP B 1 54 ? -8.232  -5.089  -8.943  1.00 16.87 ? 54  TRP B CZ3 1 
ATOM   1122 C  CH2 . TRP B 1 54 ? -8.188  -6.490  -9.035  1.00 16.32 ? 54  TRP B CH2 1 
ATOM   1123 N  N   . VAL B 1 55 ? -13.512 -0.824  -12.815 1.00 14.26 ? 55  VAL B N   1 
ATOM   1124 C  CA  . VAL B 1 55 ? -14.012 0.533   -12.621 1.00 14.29 ? 55  VAL B CA  1 
ATOM   1125 C  C   . VAL B 1 55 ? -15.481 0.644   -12.190 1.00 15.15 ? 55  VAL B C   1 
ATOM   1126 O  O   . VAL B 1 55 ? -15.786 1.266   -11.172 1.00 15.11 ? 55  VAL B O   1 
ATOM   1127 C  CB  . VAL B 1 55 ? -13.783 1.394   -13.888 1.00 14.76 ? 55  VAL B CB  1 
ATOM   1128 C  CG1 . VAL B 1 55 ? -14.310 2.811   -13.671 1.00 14.49 ? 55  VAL B CG1 1 
ATOM   1129 C  CG2 . VAL B 1 55 ? -12.303 1.451   -14.216 1.00 12.11 ? 55  VAL B CG2 1 
ATOM   1130 N  N   . PRO B 1 56 ? -16.414 0.050   -12.952 1.00 15.27 ? 56  PRO B N   1 
ATOM   1131 C  CA  . PRO B 1 56 ? -17.816 0.169   -12.533 1.00 15.53 ? 56  PRO B CA  1 
ATOM   1132 C  C   . PRO B 1 56 ? -18.145 -0.565  -11.237 1.00 15.94 ? 56  PRO B C   1 
ATOM   1133 O  O   . PRO B 1 56 ? -19.152 -0.277  -10.590 1.00 15.49 ? 56  PRO B O   1 
ATOM   1134 C  CB  . PRO B 1 56 ? -18.582 -0.391  -13.732 1.00 16.28 ? 56  PRO B CB  1 
ATOM   1135 C  CG  . PRO B 1 56 ? -17.634 -1.418  -14.285 1.00 15.58 ? 56  PRO B CG  1 
ATOM   1136 C  CD  . PRO B 1 56 ? -16.300 -0.709  -14.213 1.00 15.04 ? 56  PRO B CD  1 
ATOM   1137 N  N   . LEU B 1 57 ? -17.291 -1.511  -10.861 1.00 15.86 ? 57  LEU B N   1 
ATOM   1138 C  CA  . LEU B 1 57 ? -17.488 -2.285  -9.636  1.00 16.02 ? 57  LEU B CA  1 
ATOM   1139 C  C   . LEU B 1 57 ? -16.998 -1.520  -8.413  1.00 15.84 ? 57  LEU B C   1 
ATOM   1140 O  O   . LEU B 1 57 ? -17.457 -1.760  -7.290  1.00 15.53 ? 57  LEU B O   1 
ATOM   1141 C  CB  . LEU B 1 57 ? -16.739 -3.611  -9.728  1.00 16.18 ? 57  LEU B CB  1 
ATOM   1142 C  CG  . LEU B 1 57 ? -17.116 -4.489  -10.919 1.00 17.58 ? 57  LEU B CG  1 
ATOM   1143 C  CD1 . LEU B 1 57 ? -16.441 -5.842  -10.766 1.00 17.85 ? 57  LEU B CD1 1 
ATOM   1144 C  CD2 . LEU B 1 57 ? -18.620 -4.664  -10.975 1.00 18.81 ? 57  LEU B CD2 1 
ATOM   1145 N  N   . LEU B 1 58 ? -16.063 -0.606  -8.641  1.00 15.13 ? 58  LEU B N   1 
ATOM   1146 C  CA  . LEU B 1 58 ? -15.494 0.200   -7.568  1.00 14.47 ? 58  LEU B CA  1 
ATOM   1147 C  C   . LEU B 1 58 ? -16.097 1.598   -7.478  1.00 13.80 ? 58  LEU B C   1 
ATOM   1148 O  O   . LEU B 1 58 ? -16.240 2.140   -6.389  1.00 14.05 ? 58  LEU B O   1 
ATOM   1149 C  CB  . LEU B 1 58 ? -13.978 0.349   -7.763  1.00 14.74 ? 58  LEU B CB  1 
ATOM   1150 C  CG  . LEU B 1 58 ? -13.094 -0.900  -7.684  1.00 14.09 ? 58  LEU B CG  1 
ATOM   1151 C  CD1 . LEU B 1 58 ? -11.683 -0.538  -8.127  1.00 14.07 ? 58  LEU B CD1 1 
ATOM   1152 C  CD2 . LEU B 1 58 ? -13.091 -1.459  -6.268  1.00 14.57 ? 58  LEU B CD2 1 
ATOM   1153 N  N   . GLN B 1 59 ? -16.445 2.180   -8.623  1.00 13.51 ? 59  GLN B N   1 
ATOM   1154 C  CA  . GLN B 1 59 ? -16.979 3.541   -8.657  1.00 13.95 ? 59  GLN B CA  1 
ATOM   1155 C  C   . GLN B 1 59 ? -18.061 3.875   -7.635  1.00 14.01 ? 59  GLN B C   1 
ATOM   1156 O  O   . GLN B 1 59 ? -18.066 4.964   -7.078  1.00 14.31 ? 59  GLN B O   1 
ATOM   1157 C  CB  . GLN B 1 59 ? -17.485 3.893   -10.060 1.00 13.86 ? 59  GLN B CB  1 
ATOM   1158 C  CG  . GLN B 1 59 ? -17.815 5.384   -10.227 1.00 14.10 ? 59  GLN B CG  1 
ATOM   1159 C  CD  . GLN B 1 59 ? -16.611 6.289   -9.960  1.00 14.09 ? 59  GLN B CD  1 
ATOM   1160 O  OE1 . GLN B 1 59 ? -15.703 6.402   -10.787 1.00 13.52 ? 59  GLN B OE1 1 
ATOM   1161 N  NE2 . GLN B 1 59 ? -16.596 6.922   -8.795  1.00 14.13 ? 59  GLN B NE2 1 
ATOM   1162 N  N   . PRO B 1 60 ? -18.999 2.952   -7.375  1.00 14.87 ? 60  PRO B N   1 
ATOM   1163 C  CA  . PRO B 1 60 ? -20.006 3.345   -6.386  1.00 15.47 ? 60  PRO B CA  1 
ATOM   1164 C  C   . PRO B 1 60 ? -19.499 3.668   -4.979  1.00 15.78 ? 60  PRO B C   1 
ATOM   1165 O  O   . PRO B 1 60 ? -20.211 4.304   -4.206  1.00 16.34 ? 60  PRO B O   1 
ATOM   1166 C  CB  . PRO B 1 60 ? -20.999 2.175   -6.403  1.00 16.13 ? 60  PRO B CB  1 
ATOM   1167 C  CG  . PRO B 1 60 ? -20.237 1.029   -7.016  1.00 17.06 ? 60  PRO B CG  1 
ATOM   1168 C  CD  . PRO B 1 60 ? -19.351 1.681   -8.032  1.00 15.65 ? 60  PRO B CD  1 
ATOM   1169 N  N   . TYR B 1 61 ? -18.272 3.266   -4.654  1.00 15.49 ? 61  TYR B N   1 
ATOM   1170 C  CA  . TYR B 1 61 ? -17.727 3.490   -3.306  1.00 16.34 ? 61  TYR B CA  1 
ATOM   1171 C  C   . TYR B 1 61 ? -16.701 4.608   -3.148  1.00 15.80 ? 61  TYR B C   1 
ATOM   1172 O  O   . TYR B 1 61 ? -16.124 4.787   -2.066  1.00 15.65 ? 61  TYR B O   1 
ATOM   1173 C  CB  . TYR B 1 61 ? -17.132 2.179   -2.788  1.00 17.62 ? 61  TYR B CB  1 
ATOM   1174 C  CG  . TYR B 1 61 ? -18.050 1.012   -3.054  1.00 17.59 ? 61  TYR B CG  1 
ATOM   1175 C  CD1 . TYR B 1 61 ? -19.303 0.943   -2.454  1.00 18.94 ? 61  TYR B CD1 1 
ATOM   1176 C  CD2 . TYR B 1 61 ? -17.713 0.037   -3.982  1.00 18.33 ? 61  TYR B CD2 1 
ATOM   1177 C  CE1 . TYR B 1 61 ? -20.203 -0.060  -2.783  1.00 20.32 ? 61  TYR B CE1 1 
ATOM   1178 C  CE2 . TYR B 1 61 ? -18.604 -0.969  -4.321  1.00 19.33 ? 61  TYR B CE2 1 
ATOM   1179 C  CZ  . TYR B 1 61 ? -19.846 -1.009  -3.725  1.00 19.96 ? 61  TYR B CZ  1 
ATOM   1180 O  OH  . TYR B 1 61 ? -20.755 -1.963  -4.111  1.00 21.50 ? 61  TYR B OH  1 
ATOM   1181 N  N   . PHE B 1 62 ? -16.482 5.368   -4.213  1.00 15.47 ? 62  PHE B N   1 
ATOM   1182 C  CA  . PHE B 1 62 ? -15.517 6.462   -4.185  1.00 15.84 ? 62  PHE B CA  1 
ATOM   1183 C  C   . PHE B 1 62 ? -16.109 7.736   -4.780  1.00 16.70 ? 62  PHE B C   1 
ATOM   1184 O  O   . PHE B 1 62 ? -16.848 7.676   -5.766  1.00 16.87 ? 62  PHE B O   1 
ATOM   1185 C  CB  . PHE B 1 62 ? -14.270 6.061   -4.973  1.00 15.48 ? 62  PHE B CB  1 
ATOM   1186 C  CG  . PHE B 1 62 ? -13.540 4.893   -4.381  1.00 14.69 ? 62  PHE B CG  1 
ATOM   1187 C  CD1 . PHE B 1 62 ? -12.669 5.075   -3.310  1.00 14.43 ? 62  PHE B CD1 1 
ATOM   1188 C  CD2 . PHE B 1 62 ? -13.743 3.609   -4.868  1.00 14.74 ? 62  PHE B CD2 1 
ATOM   1189 C  CE1 . PHE B 1 62 ? -12.016 4.002   -2.732  1.00 13.94 ? 62  PHE B CE1 1 
ATOM   1190 C  CE2 . PHE B 1 62 ? -13.095 2.522   -4.296  1.00 14.05 ? 62  PHE B CE2 1 
ATOM   1191 C  CZ  . PHE B 1 62 ? -12.229 2.719   -3.226  1.00 13.69 ? 62  PHE B CZ  1 
ATOM   1192 N  N   . ASN B 1 63 ? -15.781 8.882   -4.185  1.00 17.05 ? 63  ASN B N   1 
ATOM   1193 C  CA  . ASN B 1 63 ? -16.277 10.162  -4.682  1.00 18.77 ? 63  ASN B CA  1 
ATOM   1194 C  C   . ASN B 1 63 ? -15.498 10.562  -5.923  1.00 19.05 ? 63  ASN B C   1 
ATOM   1195 O  O   . ASN B 1 63 ? -16.024 11.229  -6.821  1.00 19.19 ? 63  ASN B O   1 
ATOM   1196 C  CB  . ASN B 1 63 ? -16.125 11.254  -3.624  1.00 20.58 ? 63  ASN B CB  1 
ATOM   1197 C  CG  . ASN B 1 63 ? -16.885 10.944  -2.359  1.00 20.88 ? 63  ASN B CG  1 
ATOM   1198 O  OD1 . ASN B 1 63 ? -18.080 10.683  -2.394  1.00 21.85 ? 63  ASN B OD1 1 
ATOM   1199 N  ND2 . ASN B 1 63 ? -16.192 10.973  -1.231  1.00 23.45 ? 63  ASN B ND2 1 
ATOM   1200 N  N   . HIS B 1 64 ? -14.236 10.152  -5.971  1.00 18.77 ? 64  HIS B N   1 
ATOM   1201 C  CA  . HIS B 1 64 ? -13.395 10.464  -7.109  1.00 18.48 ? 64  HIS B CA  1 
ATOM   1202 C  C   . HIS B 1 64 ? -13.921 9.753   -8.352  1.00 18.32 ? 64  HIS B C   1 
ATOM   1203 O  O   . HIS B 1 64 ? -14.286 8.581   -8.299  1.00 17.96 ? 64  HIS B O   1 
ATOM   1204 C  CB  . HIS B 1 64 ? -11.953 10.041  -6.811  1.00 19.41 ? 64  HIS B CB  1 
ATOM   1205 C  CG  . HIS B 1 64 ? -11.043 10.114  -7.995  1.00 19.99 ? 64  HIS B CG  1 
ATOM   1206 N  ND1 . HIS B 1 64 ? -10.672 8.999   -8.716  1.00 20.47 ? 64  HIS B ND1 1 
ATOM   1207 C  CD2 . HIS B 1 64 ? -10.427 11.167  -8.582  1.00 19.73 ? 64  HIS B CD2 1 
ATOM   1208 C  CE1 . HIS B 1 64 ? -9.864  9.363   -9.696  1.00 19.72 ? 64  HIS B CE1 1 
ATOM   1209 N  NE2 . HIS B 1 64 ? -9.700  10.672  -9.639  1.00 20.30 ? 64  HIS B NE2 1 
ATOM   1210 N  N   . GLN B 1 65 ? -13.978 10.479  -9.464  1.00 17.99 ? 65  GLN B N   1 
ATOM   1211 C  CA  . GLN B 1 65 ? -14.451 9.914   -10.724 1.00 18.12 ? 65  GLN B CA  1 
ATOM   1212 C  C   . GLN B 1 65 ? -13.279 9.161   -11.339 1.00 18.17 ? 65  GLN B C   1 
ATOM   1213 O  O   . GLN B 1 65 ? -12.348 9.766   -11.871 1.00 17.67 ? 65  GLN B O   1 
ATOM   1214 C  CB  . GLN B 1 65 ? -14.925 11.028  -11.665 1.00 18.24 ? 65  GLN B CB  1 
ATOM   1215 C  CG  . GLN B 1 65 ? -15.543 10.552  -12.986 1.00 19.62 ? 65  GLN B CG  1 
ATOM   1216 C  CD  . GLN B 1 65 ? -16.902 9.907   -12.804 1.00 19.86 ? 65  GLN B CD  1 
ATOM   1217 O  OE1 . GLN B 1 65 ? -17.794 10.485  -12.184 1.00 21.63 ? 65  GLN B OE1 1 
ATOM   1218 N  NE2 . GLN B 1 65 ? -17.072 8.707   -13.353 1.00 21.12 ? 65  GLN B NE2 1 
ATOM   1219 N  N   . ILE B 1 66 ? -13.324 7.837   -11.241 1.00 18.03 ? 66  ILE B N   1 
ATOM   1220 C  CA  . ILE B 1 66 ? -12.263 6.985   -11.770 1.00 18.41 ? 66  ILE B CA  1 
ATOM   1221 C  C   . ILE B 1 66 ? -12.128 7.096   -13.284 1.00 19.26 ? 66  ILE B C   1 
ATOM   1222 O  O   . ILE B 1 66 ? -13.070 6.808   -14.028 1.00 18.91 ? 66  ILE B O   1 
ATOM   1223 C  CB  . ILE B 1 66 ? -12.520 5.505   -11.405 1.00 18.01 ? 66  ILE B CB  1 
ATOM   1224 C  CG1 . ILE B 1 66 ? -12.768 5.385   -9.898  1.00 17.55 ? 66  ILE B CG1 1 
ATOM   1225 C  CG2 . ILE B 1 66 ? -11.324 4.648   -11.830 1.00 17.47 ? 66  ILE B CG2 1 
ATOM   1226 C  CD1 . ILE B 1 66 ? -13.277 4.015   -9.453  1.00 16.94 ? 66  ILE B CD1 1 
ATOM   1227 N  N   . ASP B 1 67 ? -10.948 7.513   -13.730 1.00 19.88 ? 67  ASP B N   1 
ATOM   1228 C  CA  . ASP B 1 67 ? -10.664 7.662   -15.152 1.00 21.40 ? 67  ASP B CA  1 
ATOM   1229 C  C   . ASP B 1 67 ? -9.307  7.052   -15.473 1.00 22.01 ? 67  ASP B C   1 
ATOM   1230 O  O   . ASP B 1 67 ? -8.275  7.690   -15.259 1.00 22.24 ? 67  ASP B O   1 
ATOM   1231 C  CB  . ASP B 1 67 ? -10.661 9.141   -15.541 1.00 21.56 ? 67  ASP B CB  1 
ATOM   1232 C  CG  . ASP B 1 67 ? -10.274 9.356   -16.995 1.00 21.73 ? 67  ASP B CG  1 
ATOM   1233 O  OD1 . ASP B 1 67 ? -10.251 8.371   -17.767 1.00 22.55 ? 67  ASP B OD1 1 
ATOM   1234 O  OD2 . ASP B 1 67 ? -10.003 10.511  -17.369 1.00 22.20 ? 67  ASP B OD2 1 
ATOM   1235 N  N   . ILE B 1 68 ? -9.314  5.823   -15.991 1.00 23.45 ? 68  ILE B N   1 
ATOM   1236 C  CA  . ILE B 1 68 ? -8.075  5.118   -16.321 1.00 25.04 ? 68  ILE B CA  1 
ATOM   1237 C  C   . ILE B 1 68 ? -7.337  5.679   -17.527 1.00 25.97 ? 68  ILE B C   1 
ATOM   1238 O  O   . ILE B 1 68 ? -6.124  5.542   -17.624 1.00 26.85 ? 68  ILE B O   1 
ATOM   1239 C  CB  . ILE B 1 68 ? -8.321  3.615   -16.567 1.00 26.49 ? 68  ILE B CB  1 
ATOM   1240 C  CG1 . ILE B 1 68 ? -9.392  3.429   -17.643 1.00 26.63 ? 68  ILE B CG1 1 
ATOM   1241 C  CG2 . ILE B 1 68 ? -8.709  2.936   -15.264 1.00 26.52 ? 68  ILE B CG2 1 
ATOM   1242 C  CD1 . ILE B 1 68 ? -9.715  1.975   -17.940 1.00 27.69 ? 68  ILE B CD1 1 
ATOM   1243 N  N   . SER B 1 69 ? -8.058  6.306   -18.450 1.00 26.30 ? 69  SER B N   1 
ATOM   1244 C  CA  . SER B 1 69 ? -7.411  6.877   -19.629 1.00 27.08 ? 69  SER B CA  1 
ATOM   1245 C  C   . SER B 1 69 ? -6.538  8.068   -19.248 1.00 26.74 ? 69  SER B C   1 
ATOM   1246 O  O   . SER B 1 69 ? -5.706  8.520   -20.040 1.00 26.89 ? 69  SER B O   1 
ATOM   1247 C  CB  . SER B 1 69 ? -8.456  7.333   -20.656 1.00 27.66 ? 69  SER B CB  1 
ATOM   1248 O  OG  . SER B 1 69 ? -9.147  6.231   -21.218 1.00 30.79 ? 69  SER B OG  1 
ATOM   1249 N  N   . ASP B 1 70 ? -6.720  8.571   -18.033 1.00 26.37 ? 70  ASP B N   1 
ATOM   1250 C  CA  . ASP B 1 70 ? -5.957  9.727   -17.587 1.00 26.26 ? 70  ASP B CA  1 
ATOM   1251 C  C   . ASP B 1 70 ? -5.019  9.433   -16.416 1.00 25.04 ? 70  ASP B C   1 
ATOM   1252 O  O   . ASP B 1 70 ? -3.958  10.058  -16.296 1.00 25.25 ? 70  ASP B O   1 
ATOM   1253 C  CB  . ASP B 1 70 ? -6.925  10.849  -17.206 1.00 27.94 ? 70  ASP B CB  1 
ATOM   1254 C  CG  . ASP B 1 70 ? -6.339  12.229  -17.432 1.00 29.55 ? 70  ASP B CG  1 
ATOM   1255 O  OD1 . ASP B 1 70 ? -5.957  12.530  -18.584 1.00 30.77 ? 70  ASP B OD1 1 
ATOM   1256 O  OD2 . ASP B 1 70 ? -6.268  13.014  -16.463 1.00 30.98 ? 70  ASP B OD2 1 
ATOM   1257 N  N   . ASN B 1 71 ? -5.401  8.486   -15.562 1.00 22.90 ? 71  ASN B N   1 
ATOM   1258 C  CA  . ASN B 1 71 ? -4.592  8.142   -14.396 1.00 21.37 ? 71  ASN B CA  1 
ATOM   1259 C  C   . ASN B 1 71 ? -4.360  6.641   -14.269 1.00 19.90 ? 71  ASN B C   1 
ATOM   1260 O  O   . ASN B 1 71 ? -5.046  5.841   -14.894 1.00 18.87 ? 71  ASN B O   1 
ATOM   1261 C  CB  . ASN B 1 71 ? -5.273  8.632   -13.108 1.00 22.05 ? 71  ASN B CB  1 
ATOM   1262 C  CG  . ASN B 1 71 ? -5.671  10.097  -13.169 1.00 22.32 ? 71  ASN B CG  1 
ATOM   1263 O  OD1 . ASN B 1 71 ? -4.848  10.962  -13.461 1.00 23.05 ? 71  ASN B OD1 1 
ATOM   1264 N  ND2 . ASN B 1 71 ? -6.939  10.380  -12.884 1.00 21.60 ? 71  ASN B ND2 1 
ATOM   1265 N  N   . GLU B 1 72 ? -3.382  6.268   -13.450 1.00 18.33 ? 72  GLU B N   1 
ATOM   1266 C  CA  . GLU B 1 72 ? -3.093  4.865   -13.206 1.00 18.01 ? 72  GLU B CA  1 
ATOM   1267 C  C   . GLU B 1 72 ? -3.528  4.622   -11.768 1.00 16.41 ? 72  GLU B C   1 
ATOM   1268 O  O   . GLU B 1 72 ? -3.150  5.378   -10.878 1.00 15.25 ? 72  GLU B O   1 
ATOM   1269 C  CB  . GLU B 1 72 ? -1.599  4.589   -13.354 1.00 19.99 ? 72  GLU B CB  1 
ATOM   1270 C  CG  . GLU B 1 72 ? -1.256  3.117   -13.349 1.00 23.69 ? 72  GLU B CG  1 
ATOM   1271 C  CD  . GLU B 1 72 ? 0.217   2.874   -13.573 1.00 25.30 ? 72  GLU B CD  1 
ATOM   1272 O  OE1 . GLU B 1 72 ? 0.783   3.489   -14.503 1.00 26.85 ? 72  GLU B OE1 1 
ATOM   1273 O  OE2 . GLU B 1 72 ? 0.805   2.066   -12.826 1.00 26.55 ? 72  GLU B OE2 1 
ATOM   1274 N  N   . TYR B 1 73 ? -4.325  3.579   -11.548 1.00 15.29 ? 73  TYR B N   1 
ATOM   1275 C  CA  . TYR B 1 73 ? -4.830  3.271   -10.216 1.00 14.22 ? 73  TYR B CA  1 
ATOM   1276 C  C   . TYR B 1 73 ? -4.322  1.980   -9.588  1.00 13.44 ? 73  TYR B C   1 
ATOM   1277 O  O   . TYR B 1 73 ? -4.075  0.990   -10.273 1.00 13.48 ? 73  TYR B O   1 
ATOM   1278 C  CB  . TYR B 1 73 ? -6.358  3.195   -10.238 1.00 14.84 ? 73  TYR B CB  1 
ATOM   1279 C  CG  . TYR B 1 73 ? -7.045  4.466   -10.667 1.00 15.28 ? 73  TYR B CG  1 
ATOM   1280 C  CD1 . TYR B 1 73 ? -7.109  4.827   -12.012 1.00 15.66 ? 73  TYR B CD1 1 
ATOM   1281 C  CD2 . TYR B 1 73 ? -7.604  5.327   -9.724  1.00 15.47 ? 73  TYR B CD2 1 
ATOM   1282 C  CE1 . TYR B 1 73 ? -7.712  6.019   -12.405 1.00 15.91 ? 73  TYR B CE1 1 
ATOM   1283 C  CE2 . TYR B 1 73 ? -8.204  6.518   -10.107 1.00 16.11 ? 73  TYR B CE2 1 
ATOM   1284 C  CZ  . TYR B 1 73 ? -8.256  6.856   -11.447 1.00 16.29 ? 73  TYR B CZ  1 
ATOM   1285 O  OH  . TYR B 1 73 ? -8.859  8.033   -11.826 1.00 18.06 ? 73  TYR B OH  1 
ATOM   1286 N  N   . PHE B 1 74 ? -4.196  2.012   -8.265  1.00 13.32 ? 74  PHE B N   1 
ATOM   1287 C  CA  . PHE B 1 74 ? -3.784  0.862   -7.473  1.00 13.45 ? 74  PHE B CA  1 
ATOM   1288 C  C   . PHE B 1 74 ? -4.821  0.757   -6.373  1.00 12.56 ? 74  PHE B C   1 
ATOM   1289 O  O   . PHE B 1 74 ? -5.349  1.766   -5.922  1.00 12.07 ? 74  PHE B O   1 
ATOM   1290 C  CB  . PHE B 1 74 ? -2.424  1.093   -6.815  1.00 15.11 ? 74  PHE B CB  1 
ATOM   1291 C  CG  . PHE B 1 74 ? -1.289  1.131   -7.777  1.00 15.69 ? 74  PHE B CG  1 
ATOM   1292 C  CD1 . PHE B 1 74 ? -0.827  -0.039  -8.368  1.00 17.33 ? 74  PHE B CD1 1 
ATOM   1293 C  CD2 . PHE B 1 74 ? -0.703  2.336   -8.121  1.00 16.57 ? 74  PHE B CD2 1 
ATOM   1294 C  CE1 . PHE B 1 74 ? 0.211   -0.008  -9.296  1.00 16.88 ? 74  PHE B CE1 1 
ATOM   1295 C  CE2 . PHE B 1 74 ? 0.336   2.379   -9.050  1.00 16.97 ? 74  PHE B CE2 1 
ATOM   1296 C  CZ  . PHE B 1 74 ? 0.792   1.202   -9.638  1.00 17.00 ? 74  PHE B CZ  1 
ATOM   1297 N  N   . VAL B 1 75 ? -5.122  -0.458  -5.950  1.00 12.79 ? 75  VAL B N   1 
ATOM   1298 C  CA  . VAL B 1 75 ? -6.074  -0.641  -4.862  1.00 12.99 ? 75  VAL B CA  1 
ATOM   1299 C  C   . VAL B 1 75 ? -5.487  -1.662  -3.919  1.00 13.44 ? 75  VAL B C   1 
ATOM   1300 O  O   . VAL B 1 75 ? -4.850  -2.629  -4.345  1.00 12.39 ? 75  VAL B O   1 
ATOM   1301 C  CB  . VAL B 1 75 ? -7.434  -1.168  -5.334  1.00 14.21 ? 75  VAL B CB  1 
ATOM   1302 C  CG1 . VAL B 1 75 ? -8.416  -1.182  -4.165  1.00 13.55 ? 75  VAL B CG1 1 
ATOM   1303 C  CG2 . VAL B 1 75 ? -7.973  -0.295  -6.432  1.00 14.82 ? 75  VAL B CG2 1 
ATOM   1304 N  N   . SER B 1 76 ? -5.694  -1.429  -2.632  1.00 13.17 ? 76  SER B N   1 
ATOM   1305 C  CA  . SER B 1 76 ? -5.212  -2.334  -1.610  1.00 13.68 ? 76  SER B CA  1 
ATOM   1306 C  C   . SER B 1 76 ? -6.431  -2.720  -0.786  1.00 13.21 ? 76  SER B C   1 
ATOM   1307 O  O   . SER B 1 76 ? -7.325  -1.903  -0.572  1.00 11.48 ? 76  SER B O   1 
ATOM   1308 C  CB  . SER B 1 76 ? -4.175  -1.631  -0.732  1.00 13.74 ? 76  SER B CB  1 
ATOM   1309 O  OG  . SER B 1 76 ? -3.540  -2.564  0.118   1.00 17.60 ? 76  SER B OG  1 
ATOM   1310 N  N   . PHE B 1 77 ? -6.485  -3.970  -0.348  1.00 13.11 ? 77  PHE B N   1 
ATOM   1311 C  CA  . PHE B 1 77 ? -7.610  -4.434  0.448   1.00 13.01 ? 77  PHE B CA  1 
ATOM   1312 C  C   . PHE B 1 77 ? -7.140  -4.527  1.892   1.00 13.95 ? 77  PHE B C   1 
ATOM   1313 O  O   . PHE B 1 77 ? -6.494  -5.503  2.282   1.00 13.92 ? 77  PHE B O   1 
ATOM   1314 C  CB  . PHE B 1 77 ? -8.084  -5.791  -0.072  1.00 12.79 ? 77  PHE B CB  1 
ATOM   1315 C  CG  . PHE B 1 77 ? -8.344  -5.802  -1.553  1.00 13.76 ? 77  PHE B CG  1 
ATOM   1316 C  CD1 . PHE B 1 77 ? -9.517  -5.257  -2.066  1.00 13.78 ? 77  PHE B CD1 1 
ATOM   1317 C  CD2 . PHE B 1 77 ? -7.396  -6.298  -2.437  1.00 13.93 ? 77  PHE B CD2 1 
ATOM   1318 C  CE1 . PHE B 1 77 ? -9.742  -5.208  -3.443  1.00 14.12 ? 77  PHE B CE1 1 
ATOM   1319 C  CE2 . PHE B 1 77 ? -7.614  -6.252  -3.822  1.00 14.44 ? 77  PHE B CE2 1 
ATOM   1320 C  CZ  . PHE B 1 77 ? -8.785  -5.709  -4.319  1.00 14.15 ? 77  PHE B CZ  1 
ATOM   1321 N  N   . ASP B 1 78 ? -7.443  -3.489  2.668   1.00 14.45 ? 78  ASP B N   1 
ATOM   1322 C  CA  . ASP B 1 78 ? -7.023  -3.424  4.060   1.00 16.32 ? 78  ASP B CA  1 
ATOM   1323 C  C   . ASP B 1 78 ? -8.103  -3.924  5.008   1.00 17.75 ? 78  ASP B C   1 
ATOM   1324 O  O   . ASP B 1 78 ? -9.264  -3.530  4.901   1.00 17.11 ? 78  ASP B O   1 
ATOM   1325 C  CB  . ASP B 1 78 ? -6.646  -1.982  4.441   1.00 16.88 ? 78  ASP B CB  1 
ATOM   1326 C  CG  . ASP B 1 78 ? -5.602  -1.379  3.516   1.00 17.64 ? 78  ASP B CG  1 
ATOM   1327 O  OD1 . ASP B 1 78 ? -4.890  -2.145  2.837   1.00 18.57 ? 78  ASP B OD1 1 
ATOM   1328 O  OD2 . ASP B 1 78 ? -5.484  -0.133  3.477   1.00 17.90 ? 78  ASP B OD2 1 
ATOM   1329 N  N   . TYR B 1 79 ? -7.714  -4.791  5.937   1.00 19.75 ? 79  TYR B N   1 
ATOM   1330 C  CA  . TYR B 1 79 ? -8.658  -5.330  6.902   1.00 22.10 ? 79  TYR B CA  1 
ATOM   1331 C  C   . TYR B 1 79 ? -8.141  -5.209  8.330   1.00 24.18 ? 79  TYR B C   1 
ATOM   1332 O  O   . TYR B 1 79 ? -7.092  -5.748  8.674   1.00 22.82 ? 79  TYR B O   1 
ATOM   1333 C  CB  . TYR B 1 79 ? -8.956  -6.802  6.613   1.00 22.48 ? 79  TYR B CB  1 
ATOM   1334 C  CG  . TYR B 1 79 ? -10.019 -7.377  7.535   1.00 22.29 ? 79  TYR B CG  1 
ATOM   1335 C  CD1 . TYR B 1 79 ? -9.677  -7.916  8.776   1.00 22.30 ? 79  TYR B CD1 1 
ATOM   1336 C  CD2 . TYR B 1 79 ? -11.370 -7.326  7.192   1.00 22.64 ? 79  TYR B CD2 1 
ATOM   1337 C  CE1 . TYR B 1 79 ? -10.654 -8.389  9.655   1.00 22.63 ? 79  TYR B CE1 1 
ATOM   1338 C  CE2 . TYR B 1 79 ? -12.359 -7.797  8.065   1.00 22.26 ? 79  TYR B CE2 1 
ATOM   1339 C  CZ  . TYR B 1 79 ? -11.994 -8.325  9.291   1.00 22.79 ? 79  TYR B CZ  1 
ATOM   1340 O  OH  . TYR B 1 79 ? -12.966 -8.781  10.155  1.00 23.29 ? 79  TYR B OH  1 
ATOM   1341 N  N   . ARG B 1 80 ? -8.902  -4.505  9.156   1.00 27.24 ? 80  ARG B N   1 
ATOM   1342 C  CA  . ARG B 1 80 ? -8.562  -4.313  10.560  1.00 31.17 ? 80  ARG B CA  1 
ATOM   1343 C  C   . ARG B 1 80 ? -9.847  -4.540  11.348  1.00 33.34 ? 80  ARG B C   1 
ATOM   1344 O  O   . ARG B 1 80 ? -10.920 -4.626  10.758  1.00 33.32 ? 80  ARG B O   1 
ATOM   1345 C  CB  . ARG B 1 80 ? -8.050  -2.886  10.780  1.00 31.66 ? 80  ARG B CB  1 
ATOM   1346 C  CG  . ARG B 1 80 ? -7.734  -2.543  12.223  1.00 33.61 ? 80  ARG B CG  1 
ATOM   1347 C  CD  . ARG B 1 80 ? -7.325  -1.085  12.356  1.00 34.83 ? 80  ARG B CD  1 
ATOM   1348 N  NE  . ARG B 1 80 ? -7.235  -0.663  13.752  1.00 35.97 ? 80  ARG B NE  1 
ATOM   1349 C  CZ  . ARG B 1 80 ? -6.879  0.559   14.140  1.00 36.59 ? 80  ARG B CZ  1 
ATOM   1350 N  NH1 . ARG B 1 80 ? -6.578  1.485   13.236  1.00 36.82 ? 80  ARG B NH1 1 
ATOM   1351 N  NH2 . ARG B 1 80 ? -6.823  0.859   15.431  1.00 36.68 ? 80  ARG B NH2 1 
ATOM   1352 N  N   . ASP B 1 81 ? -9.748  -4.657  12.669  1.00 36.46 ? 81  ASP B N   1 
ATOM   1353 C  CA  . ASP B 1 81 ? -10.951 -4.844  13.472  1.00 38.97 ? 81  ASP B CA  1 
ATOM   1354 C  C   . ASP B 1 81 ? -11.890 -3.671  13.199  1.00 40.41 ? 81  ASP B C   1 
ATOM   1355 O  O   . ASP B 1 81 ? -11.497 -2.683  12.576  1.00 40.67 ? 81  ASP B O   1 
ATOM   1356 C  CB  . ASP B 1 81 ? -10.609 -4.911  14.963  1.00 40.00 ? 81  ASP B CB  1 
ATOM   1357 C  CG  . ASP B 1 81 ? -10.076 -6.270  15.379  1.00 40.78 ? 81  ASP B CG  1 
ATOM   1358 O  OD1 . ASP B 1 81 ? -8.973  -6.645  14.926  1.00 41.77 ? 81  ASP B OD1 1 
ATOM   1359 O  OD2 . ASP B 1 81 ? -10.766 -6.965  16.156  1.00 41.56 ? 81  ASP B OD2 1 
ATOM   1360 N  N   . GLY B 1 82 ? -13.126 -3.777  13.668  1.00 41.68 ? 82  GLY B N   1 
ATOM   1361 C  CA  . GLY B 1 82 ? -14.093 -2.721  13.426  1.00 43.33 ? 82  GLY B CA  1 
ATOM   1362 C  C   . GLY B 1 82 ? -13.808 -1.350  13.999  1.00 44.08 ? 82  GLY B C   1 
ATOM   1363 O  O   . GLY B 1 82 ? -12.887 -1.160  14.797  1.00 44.83 ? 82  GLY B O   1 
ATOM   1364 N  N   . ASP B 1 83 ? -14.616 -0.386  13.571  1.00 45.04 ? 83  ASP B N   1 
ATOM   1365 C  CA  . ASP B 1 83 ? -14.509 0.992   14.030  1.00 45.86 ? 83  ASP B CA  1 
ATOM   1366 C  C   . ASP B 1 83 ? -13.194 1.661   13.640  1.00 46.00 ? 83  ASP B C   1 
ATOM   1367 O  O   . ASP B 1 83 ? -12.988 2.838   13.939  1.00 46.07 ? 83  ASP B O   1 
ATOM   1368 C  CB  . ASP B 1 83 ? -14.682 1.042   15.554  1.00 45.97 ? 83  ASP B CB  1 
ATOM   1369 C  CG  . ASP B 1 83 ? -15.876 0.231   16.036  1.00 46.04 ? 83  ASP B CG  1 
ATOM   1370 O  OD1 . ASP B 1 83 ? -17.014 0.533   15.615  1.00 46.23 ? 83  ASP B OD1 1 
ATOM   1371 O  OD2 . ASP B 1 83 ? -15.677 -0.711  16.836  1.00 46.45 ? 83  ASP B OD2 1 
ATOM   1372 N  N   . TRP B 1 84 ? -12.309 0.918   12.978  1.00 39.62 ? 84  TRP B N   1 
ATOM   1373 C  CA  . TRP B 1 84 ? -11.010 1.451   12.554  1.00 39.97 ? 84  TRP B CA  1 
ATOM   1374 C  C   . TRP B 1 84 ? -10.506 2.601   13.423  1.00 40.40 ? 84  TRP B C   1 
ATOM   1375 O  O   . TRP B 1 84 ? -10.339 3.718   12.878  1.00 40.81 ? 84  TRP B O   1 
ATOM   1376 C  CB  . TRP B 1 84 ? -11.073 1.925   11.099  1.00 38.61 ? 84  TRP B CB  1 
ATOM   1377 C  CG  . TRP B 1 84 ? -10.658 0.894   10.092  1.00 37.46 ? 84  TRP B CG  1 
ATOM   1378 C  CD1 . TRP B 1 84 ? -11.225 -0.333  9.886   1.00 37.04 ? 84  TRP B CD1 1 
ATOM   1379 C  CD2 . TRP B 1 84 ? -9.609  1.021   9.123   1.00 36.36 ? 84  TRP B CD2 1 
ATOM   1380 N  NE1 . TRP B 1 84 ? -10.595 -0.975  8.843   1.00 36.02 ? 84  TRP B NE1 1 
ATOM   1381 C  CE2 . TRP B 1 84 ? -9.601  -0.167  8.358   1.00 36.12 ? 84  TRP B CE2 1 
ATOM   1382 C  CE3 . TRP B 1 84 ? -8.677  2.024   8.826   1.00 35.65 ? 84  TRP B CE3 1 
ATOM   1383 C  CZ2 . TRP B 1 84 ? -8.695  -0.379  7.311   1.00 35.55 ? 84  TRP B CZ2 1 
ATOM   1384 C  CZ3 . TRP B 1 84 ? -7.775  1.813   7.783   1.00 35.16 ? 84  TRP B CZ3 1 
ATOM   1385 C  CH2 . TRP B 1 84 ? -7.793  0.619   7.040   1.00 35.29 ? 84  TRP B CH2 1 
ATOM   1386 O  OXT . TRP B 1 84 ? -10.285 2.379   14.633  1.00 41.08 ? 84  TRP B OXT 1 
HETATM 1387 ZN ZN  . ZN  C 2 .  ? 1.229   -2.157  -2.089  1.00 3.74  ? 285 ZN  A ZN  1 
HETATM 1388 O  O   . HOH D 3 .  ? 10.172  7.235   11.415  1.00 20.32 ? 286 HOH A O   1 
HETATM 1389 O  O   . HOH D 3 .  ? 13.328  7.873   9.683   1.00 20.36 ? 287 HOH A O   1 
HETATM 1390 O  O   . HOH D 3 .  ? 6.945   0.821   -3.878  1.00 13.16 ? 288 HOH A O   1 
HETATM 1391 O  O   . HOH D 3 .  ? 3.836   -0.816  3.348   1.00 14.27 ? 289 HOH A O   1 
HETATM 1392 O  O   . HOH D 3 .  ? 14.383  -4.834  15.637  1.00 18.81 ? 290 HOH A O   1 
HETATM 1393 O  O   . HOH D 3 .  ? 14.943  -5.867  -6.609  1.00 21.74 ? 291 HOH A O   1 
HETATM 1394 O  O   . HOH D 3 .  ? -7.530  -9.620  10.834  1.00 46.66 ? 292 HOH A O   1 
HETATM 1395 O  O   . HOH D 3 .  ? 5.309   3.665   15.226  1.00 20.05 ? 293 HOH A O   1 
HETATM 1396 O  O   . HOH D 3 .  ? 4.327   -9.228  4.727   1.00 28.13 ? 294 HOH A O   1 
HETATM 1397 O  O   . HOH D 3 .  ? -2.604  3.648   8.979   1.00 27.20 ? 295 HOH A O   1 
HETATM 1398 O  O   . HOH D 3 .  ? 4.641   0.424   17.123  1.00 26.43 ? 296 HOH A O   1 
HETATM 1399 O  O   . HOH D 3 .  ? 20.481  1.073   7.809   1.00 27.18 ? 297 HOH A O   1 
HETATM 1400 O  O   . HOH D 3 .  ? 3.202   4.615   13.898  1.00 41.05 ? 298 HOH A O   1 
HETATM 1401 O  O   . HOH D 3 .  ? 18.874  -7.885  -0.881  1.00 41.60 ? 299 HOH A O   1 
HETATM 1402 O  O   . HOH D 3 .  ? 13.040  -13.935 5.874   1.00 21.78 ? 300 HOH A O   1 
HETATM 1403 O  O   . HOH D 3 .  ? -0.745  5.885   4.456   1.00 28.63 ? 301 HOH A O   1 
HETATM 1404 O  O   . HOH D 3 .  ? 7.164   -4.641  18.336  1.00 36.23 ? 302 HOH A O   1 
HETATM 1405 O  O   . HOH D 3 .  ? 5.129   -5.667  -5.583  1.00 35.23 ? 303 HOH A O   1 
HETATM 1406 O  O   . HOH D 3 .  ? 7.412   -9.434  6.967   1.00 28.24 ? 304 HOH A O   1 
HETATM 1407 O  O   . HOH D 3 .  ? -7.381  -10.880 8.426   1.00 35.25 ? 305 HOH A O   1 
HETATM 1408 O  O   . HOH D 3 .  ? 8.172   3.791   -10.908 1.00 33.72 ? 306 HOH A O   1 
HETATM 1409 O  O   . HOH D 3 .  ? 17.801  2.911   -10.375 1.00 39.43 ? 307 HOH A O   1 
HETATM 1410 O  O   . HOH D 3 .  ? 4.802   2.987   -3.399  1.00 21.34 ? 308 HOH A O   1 
HETATM 1411 O  O   . HOH D 3 .  ? 19.051  6.792   0.348   1.00 52.76 ? 309 HOH A O   1 
HETATM 1412 O  O   . HOH D 3 .  ? 18.518  1.999   -8.102  1.00 32.39 ? 310 HOH A O   1 
HETATM 1413 O  O   . HOH D 3 .  ? 0.733   0.636   -2.746  1.00 28.14 ? 311 HOH A O   1 
HETATM 1414 O  O   . HOH D 3 .  ? 11.957  9.533   12.067  1.00 35.41 ? 312 HOH A O   1 
HETATM 1415 O  O   . HOH D 3 .  ? 2.710   6.598   -2.617  1.00 50.44 ? 313 HOH A O   1 
HETATM 1416 O  O   . HOH D 3 .  ? 15.724  -14.567 5.108   1.00 30.47 ? 314 HOH A O   1 
HETATM 1417 O  O   . HOH D 3 .  ? 2.161   3.114   -4.744  1.00 47.06 ? 315 HOH A O   1 
HETATM 1418 O  O   . HOH D 3 .  ? 10.408  -14.970 5.204   1.00 44.34 ? 316 HOH A O   1 
HETATM 1419 O  O   . HOH D 3 .  ? 17.748  13.498  3.742   1.00 38.40 ? 317 HOH A O   1 
HETATM 1420 O  O   . HOH D 3 .  ? 11.157  15.036  -9.362  1.00 41.97 ? 318 HOH A O   1 
HETATM 1421 O  O   . HOH D 3 .  ? 10.854  -1.073  22.465  1.00 53.82 ? 319 HOH A O   1 
HETATM 1422 O  O   . HOH D 3 .  ? 12.102  7.267   13.818  1.00 33.92 ? 320 HOH A O   1 
HETATM 1423 O  O   . HOH D 3 .  ? 19.126  -5.748  -7.691  1.00 40.58 ? 321 HOH A O   1 
HETATM 1424 O  O   . HOH D 3 .  ? 12.453  17.339  0.412   1.00 34.13 ? 322 HOH A O   1 
HETATM 1425 O  O   . HOH D 3 .  ? 5.430   -11.742 20.903  1.00 44.09 ? 323 HOH A O   1 
HETATM 1426 O  O   . HOH D 3 .  ? 11.862  16.228  -6.885  1.00 43.67 ? 324 HOH A O   1 
HETATM 1427 O  O   . HOH D 3 .  ? 1.297   -2.245  -14.819 1.00 37.40 ? 325 HOH A O   1 
HETATM 1428 O  O   . HOH D 3 .  ? 2.386   -2.297  -11.666 1.00 30.28 ? 326 HOH A O   1 
HETATM 1429 O  O   . HOH D 3 .  ? 0.172   4.369   12.666  1.00 42.94 ? 327 HOH A O   1 
HETATM 1430 O  O   . HOH D 3 .  ? -5.477  -3.764  14.301  1.00 39.30 ? 328 HOH A O   1 
HETATM 1431 O  O   . HOH D 3 .  ? 16.185  8.230   11.120  1.00 42.48 ? 329 HOH A O   1 
HETATM 1432 O  O   . HOH D 3 .  ? 7.253   -8.225  18.987  1.00 41.53 ? 330 HOH A O   1 
HETATM 1433 O  O   . HOH D 3 .  ? 22.379  3.248   -9.671  1.00 35.93 ? 331 HOH A O   1 
HETATM 1434 O  O   . HOH D 3 .  ? 12.935  -3.478  22.176  1.00 42.18 ? 332 HOH A O   1 
HETATM 1435 O  O   . HOH D 3 .  ? 5.810   10.865  -7.559  1.00 52.66 ? 333 HOH A O   1 
HETATM 1436 O  O   . HOH D 3 .  ? 22.251  -1.573  -7.786  1.00 42.13 ? 334 HOH A O   1 
HETATM 1437 O  O   . HOH D 3 .  ? 23.476  1.070   -9.686  1.00 51.12 ? 335 HOH A O   1 
HETATM 1438 O  O   . HOH D 3 .  ? 4.926   10.826  5.332   1.00 47.89 ? 336 HOH A O   1 
HETATM 1439 O  O   . HOH D 3 .  ? 17.147  14.455  -8.785  1.00 48.87 ? 337 HOH A O   1 
HETATM 1440 O  O   . HOH D 3 .  ? 9.892   15.750  3.274   1.00 30.44 ? 338 HOH A O   1 
HETATM 1441 O  O   . HOH D 3 .  ? 3.092   -3.870  -14.057 1.00 37.38 ? 339 HOH A O   1 
HETATM 1442 O  O   . HOH D 3 .  ? 21.561  0.904   4.105   1.00 55.54 ? 340 HOH A O   1 
HETATM 1443 O  O   . HOH E 3 .  ? -4.843  1.744   -13.559 1.00 20.07 ? 85  HOH B O   1 
HETATM 1444 O  O   . HOH E 3 .  ? -20.223 11.170  -11.621 1.00 15.08 ? 86  HOH B O   1 
HETATM 1445 O  O   . HOH E 3 .  ? -12.319 4.978   -16.053 1.00 12.38 ? 87  HOH B O   1 
HETATM 1446 O  O   . HOH E 3 .  ? -17.305 -5.737  -0.012  1.00 26.84 ? 88  HOH B O   1 
HETATM 1447 O  O   . HOH E 3 .  ? -4.698  3.138   -16.062 1.00 25.20 ? 89  HOH B O   1 
HETATM 1448 O  O   . HOH E 3 .  ? -16.169 5.512   -13.732 1.00 34.84 ? 90  HOH B O   1 
HETATM 1449 O  O   . HOH E 3 .  ? -3.548  1.856   -2.950  1.00 14.56 ? 91  HOH B O   1 
HETATM 1450 O  O   . HOH E 3 .  ? -11.455 12.226  -12.590 1.00 19.28 ? 92  HOH B O   1 
HETATM 1451 O  O   . HOH E 3 .  ? -15.149 7.072   -0.357  1.00 23.98 ? 93  HOH B O   1 
HETATM 1452 O  O   . HOH E 3 .  ? -4.508  -5.963  -0.402  1.00 14.59 ? 94  HOH B O   1 
HETATM 1453 O  O   . HOH E 3 .  ? -8.825  -4.576  -19.397 1.00 22.48 ? 95  HOH B O   1 
HETATM 1454 O  O   . HOH E 3 .  ? -3.820  -4.396  2.491   1.00 23.66 ? 96  HOH B O   1 
HETATM 1455 O  O   . HOH E 3 .  ? -17.945 3.471   7.149   1.00 32.26 ? 97  HOH B O   1 
HETATM 1456 O  O   . HOH E 3 .  ? -17.428 4.010   0.154   1.00 23.40 ? 98  HOH B O   1 
HETATM 1457 O  O   . HOH E 3 .  ? -23.286 0.368   -4.384  1.00 23.74 ? 99  HOH B O   1 
HETATM 1458 O  O   . HOH E 3 .  ? -9.503  -10.768 -11.396 1.00 34.36 ? 100 HOH B O   1 
HETATM 1459 O  O   . HOH E 3 .  ? -2.448  -6.621  -10.152 1.00 30.47 ? 101 HOH B O   1 
HETATM 1460 O  O   . HOH E 3 .  ? -17.093 -5.405  -15.104 1.00 18.49 ? 102 HOH B O   1 
HETATM 1461 O  O   . HOH E 3 .  ? -20.123 -7.239  9.350   1.00 40.61 ? 103 HOH B O   1 
HETATM 1462 O  O   . HOH E 3 .  ? -7.511  -2.546  -18.179 1.00 31.50 ? 104 HOH B O   1 
HETATM 1463 O  O   . HOH E 3 .  ? -9.997  -16.171 -7.498  1.00 26.05 ? 105 HOH B O   1 
HETATM 1464 O  O   . HOH E 3 .  ? 0.683   8.441   -21.008 1.00 43.41 ? 106 HOH B O   1 
HETATM 1465 O  O   . HOH E 3 .  ? -20.774 -4.253  8.961   1.00 49.11 ? 107 HOH B O   1 
HETATM 1466 O  O   . HOH E 3 .  ? 0.082   -5.879  -8.477  1.00 36.37 ? 108 HOH B O   1 
HETATM 1467 O  O   . HOH E 3 .  ? -14.986 -4.673  11.951  1.00 50.64 ? 109 HOH B O   1 
HETATM 1468 O  O   . HOH E 3 .  ? -19.695 5.497   1.120   1.00 37.20 ? 110 HOH B O   1 
HETATM 1469 O  O   . HOH E 3 .  ? -23.677 -6.218  -0.080  1.00 44.74 ? 111 HOH B O   1 
HETATM 1470 O  O   . HOH E 3 .  ? -15.079 4.271   7.506   1.00 38.61 ? 112 HOH B O   1 
HETATM 1471 O  O   . HOH E 3 .  ? -21.022 -5.534  7.039   1.00 38.50 ? 113 HOH B O   1 
HETATM 1472 O  O   . HOH E 3 .  ? -3.587  9.668   -21.154 1.00 34.59 ? 114 HOH B O   1 
HETATM 1473 O  O   . HOH E 3 .  ? 10.447  9.262   -15.323 1.00 41.17 ? 115 HOH B O   1 
HETATM 1474 O  O   . HOH E 3 .  ? -17.187 -6.681  -17.460 1.00 31.05 ? 116 HOH B O   1 
HETATM 1475 O  O   . HOH E 3 .  ? -4.386  -1.165  -15.487 1.00 45.45 ? 117 HOH B O   1 
HETATM 1476 O  O   . HOH E 3 .  ? -7.012  15.799  -11.854 1.00 33.99 ? 118 HOH B O   1 
HETATM 1477 O  O   . HOH E 3 .  ? -19.726 -9.707  10.804  1.00 31.75 ? 119 HOH B O   1 
HETATM 1478 O  O   . HOH E 3 .  ? -3.758  -12.599 -6.036  1.00 40.25 ? 120 HOH B O   1 
HETATM 1479 O  O   . HOH E 3 .  ? 11.797  2.683   -16.935 1.00 47.82 ? 121 HOH B O   1 
HETATM 1480 O  O   . HOH E 3 .  ? -19.584 6.922   -6.327  1.00 35.45 ? 122 HOH B O   1 
HETATM 1481 O  O   . HOH E 3 .  ? -16.417 -13.861 0.691   1.00 31.66 ? 123 HOH B O   1 
HETATM 1482 O  O   . HOH E 3 .  ? 2.010   -5.220  -6.653  1.00 51.32 ? 124 HOH B O   1 
HETATM 1483 O  O   . HOH E 3 .  ? 10.602  6.699   -16.428 1.00 41.67 ? 125 HOH B O   1 
HETATM 1484 O  O   . HOH E 3 .  ? -11.324 13.665  -6.961  1.00 41.40 ? 126 HOH B O   1 
HETATM 1485 O  O   . HOH E 3 .  ? -20.342 1.250   6.838   1.00 42.34 ? 127 HOH B O   1 
HETATM 1486 O  O   . HOH E 3 .  ? 12.906  5.882   -17.011 1.00 38.32 ? 128 HOH B O   1 
HETATM 1487 O  O   . HOH E 3 .  ? -7.573  -19.703 3.584   1.00 36.32 ? 129 HOH B O   1 
HETATM 1488 O  O   . HOH E 3 .  ? -19.825 -1.947  7.489   1.00 37.00 ? 130 HOH B O   1 
HETATM 1489 O  O   . HOH E 3 .  ? -7.998  -3.121  15.656  1.00 48.58 ? 131 HOH B O   1 
HETATM 1490 O  O   . HOH E 3 .  ? -0.288  15.252  -10.576 1.00 38.19 ? 132 HOH B O   1 
HETATM 1491 O  O   . HOH E 3 .  ? -19.536 0.216   15.005  1.00 40.43 ? 133 HOH B O   1 
HETATM 1492 O  O   . HOH E 3 .  ? -11.324 11.894  -3.850  1.00 31.16 ? 134 HOH B O   1 
HETATM 1493 O  O   . HOH E 3 .  ? -10.478 15.624  -11.852 1.00 41.38 ? 135 HOH B O   1 
HETATM 1494 O  O   . HOH E 3 .  ? -24.971 0.970   2.940   1.00 40.75 ? 136 HOH B O   1 
HETATM 1495 O  O   . HOH E 3 .  ? -25.718 -4.327  1.460   1.00 38.79 ? 137 HOH B O   1 
HETATM 1496 O  O   . HOH E 3 .  ? 7.603   11.926  -9.917  1.00 38.81 ? 138 HOH B O   1 
HETATM 1497 O  O   . HOH E 3 .  ? -22.887 1.444   0.333   1.00 40.32 ? 139 HOH B O   1 
HETATM 1498 O  O   . HOH E 3 .  ? -24.542 0.659   5.873   1.00 49.23 ? 140 HOH B O   1 
HETATM 1499 O  O   . HOH E 3 .  ? 1.329   11.032  -23.141 1.00 49.16 ? 141 HOH B O   1 
HETATM 1500 O  O   . HOH E 3 .  ? -9.118  6.927   -24.197 1.00 54.73 ? 142 HOH B O   1 
HETATM 1501 O  O   . HOH E 3 .  ? -4.025  6.197   -21.922 1.00 46.44 ? 143 HOH B O   1 
HETATM 1502 O  O   . HOH E 3 .  ? -15.187 -7.434  -12.521 1.00 51.35 ? 144 HOH B O   1 
HETATM 1503 O  O   . HOH E 3 .  ? -23.611 4.059   3.248   1.00 42.23 ? 145 HOH B O   1 
HETATM 1504 O  O   . HOH E 3 .  ? -23.808 2.296   -2.191  1.00 42.75 ? 146 HOH B O   1 
HETATM 1505 O  O   . HOH E 3 .  ? -22.196 5.026   -2.327  1.00 46.97 ? 147 HOH B O   1 
# 
